data_7OGZ
#
_entry.id   7OGZ
#
_cell.length_a   89.838
_cell.length_b   144.501
_cell.length_c   168.432
_cell.angle_alpha   90.000
_cell.angle_beta   90.000
_cell.angle_gamma   90.000
#
_symmetry.space_group_name_H-M   'P 21 21 21'
#
loop_
_entity.id
_entity.type
_entity.pdbx_description
1 polymer 'Receptor-like protein kinase HSL1'
2 polymer 'Somatic embryogenesis receptor kinase 1'
3 polymer 'Peptide hormone IDL3'
4 branched 2-acetamido-2-deoxy-beta-D-glucopyranose-(1-4)-2-acetamido-2-deoxy-beta-D-glucopyranose
5 branched beta-D-mannopyranose-(1-4)-2-acetamido-2-deoxy-beta-D-glucopyranose-(1-4)-2-acetamido-2-deoxy-beta-D-glucopyranose
6 non-polymer 2-acetamido-2-deoxy-beta-D-glucopyranose
7 water water
#
loop_
_entity_poly.entity_id
_entity_poly.type
_entity_poly.pdbx_seq_one_letter_code
_entity_poly.pdbx_strand_id
1 'polypeptide(L)'
;GSSMDNQDGFILQQVKLSLDDPDSYLSSWNSNDASPCRWSGVSCAGDFSSVTSVDLSSANLAGPFPSVICRLSNLAHLSL
YNNSINSTLPLNIAACKSLQTLDLSQNLLTGELPQTLADIPTLVHLDLTGNNFSGDIPASFGKFENLEVLSLVYNLLDGT
IPPFLGNISTLKMLNLSYNPFSPSRIPPEFGNLTNLEVMWLTECHLVGQIPDSLGQLSKLVDLDLALNDLVGHIPPSLGG
LTNVVQIELYNNSLTGEIPPELGNLKSLRLLDASMNQLTGKIPDELCRVPLESLNLYENNLEGELPASIALSPNLYEIRI
FGNRLTGGLPKDLGLNSPLRWLDVSENEFSGDLPADLCAKGELEELLIIHNSFSGVIPESLADCRSLTRIRLAYNRFSGS
VPTGFWGLPHVNLLELVNNSFSGEISKSIGGASNLSLLILSNNEFTGSLPEEIGSLDNLNQLSASGNKFSGSLPDSLMSL
GELGTLDLHGNQFSGELTSGIKSWKKLNELNLADNEFTGKIPDEIGSLSVLNYLDLSGNMFSGKIPVSLQSLKLNQLNLS
YNRLSGDLPPSLAKDMYKNSFIGNPGLCGDIKGLCGSENEAKKRGYVLEGSENLYFQ
;
AAA,DDD
2 'polypeptide(L)'
;GSSMASANLEGDALHTLRVTLVDPNNVLQSWDPTLVNPCTWFHVTCNNENSVIRVDLGNAELSGHLVPELGVLKNLQYLE
LYSNNITGPIPSNLGNLTNLVSLDLYLNSFSGPIPESLGKLSKLRFLRLNNNSLTGSIPMSLTNITTLQVLDLSNNRLSG
SVPDNGSFSLFTPISFANNLDLCGPVTSHPCPGSLENLYFQ
;
BBB,EEE
3 'polypeptide(L)' PVPTSG(HYP)SRKHN CCC,FFF
#
loop_
_chem_comp.id
_chem_comp.type
_chem_comp.name
_chem_comp.formula
BMA D-saccharide, beta linking beta-D-mannopyranose 'C6 H12 O6'
NAG D-saccharide, beta linking 2-acetamido-2-deoxy-beta-D-glucopyranose 'C8 H15 N O6'
#
# COMPACT_ATOMS: atom_id res chain seq x y z
N SER A 3 -42.89 -3.14 46.11
CA SER A 3 -41.42 -3.29 45.97
C SER A 3 -41.08 -3.90 44.60
N MET A 4 -39.78 -4.01 44.30
CA MET A 4 -39.23 -4.65 43.07
C MET A 4 -39.47 -3.77 41.84
N ASP A 5 -39.70 -2.47 42.01
CA ASP A 5 -39.83 -1.49 40.90
C ASP A 5 -38.79 -0.39 41.12
N ASN A 6 -38.36 0.26 40.04
CA ASN A 6 -37.25 1.25 40.08
C ASN A 6 -37.40 2.25 38.92
N GLN A 7 -36.70 3.38 39.03
CA GLN A 7 -36.59 4.41 37.97
C GLN A 7 -35.23 4.27 37.28
N ASP A 8 -34.78 3.05 36.96
CA ASP A 8 -33.42 2.79 36.41
C ASP A 8 -33.19 3.56 35.11
N GLY A 9 -34.20 3.59 34.22
CA GLY A 9 -34.16 4.37 32.97
C GLY A 9 -33.96 5.85 33.22
N PHE A 10 -34.69 6.41 34.18
CA PHE A 10 -34.57 7.83 34.58
C PHE A 10 -33.11 8.08 35.01
N ILE A 11 -32.59 7.22 35.89
CA ILE A 11 -31.20 7.33 36.43
C ILE A 11 -30.23 7.39 35.25
N LEU A 12 -30.44 6.54 34.24
CA LEU A 12 -29.60 6.52 33.01
C LEU A 12 -29.76 7.85 32.26
N GLN A 13 -30.97 8.40 32.20
CA GLN A 13 -31.24 9.69 31.51
C GLN A 13 -30.49 10.81 32.25
N GLN A 14 -30.43 10.72 33.58
CA GLN A 14 -29.64 11.68 34.40
C GLN A 14 -28.18 11.59 33.98
N VAL A 15 -27.66 10.38 33.81
CA VAL A 15 -26.25 10.13 33.37
C VAL A 15 -26.04 10.79 32.01
N LYS A 16 -26.96 10.56 31.07
CA LYS A 16 -26.89 11.09 29.68
C LYS A 16 -26.80 12.61 29.71
N LEU A 17 -27.66 13.26 30.51
CA LEU A 17 -27.67 14.73 30.64
C LEU A 17 -26.34 15.22 31.22
N SER A 18 -25.78 14.49 32.20
CA SER A 18 -24.53 14.87 32.91
C SER A 18 -23.33 14.89 31.95
N LEU A 19 -23.29 13.99 30.97
CA LEU A 19 -22.12 13.83 30.06
C LEU A 19 -22.39 14.51 28.71
N ASP A 20 -21.35 15.04 28.08
CA ASP A 20 -21.37 15.58 26.69
C ASP A 20 -21.18 14.42 25.72
N ASP A 21 -22.08 14.29 24.75
CA ASP A 21 -22.04 13.21 23.72
C ASP A 21 -22.10 13.83 22.35
N PRO A 22 -20.97 14.37 21.84
CA PRO A 22 -20.96 15.04 20.54
C PRO A 22 -21.36 14.11 19.39
N ASP A 23 -20.94 12.85 19.44
CA ASP A 23 -21.20 11.86 18.38
C ASP A 23 -22.61 11.27 18.56
N SER A 24 -23.33 11.70 19.61
CA SER A 24 -24.70 11.25 19.93
C SER A 24 -24.77 9.72 20.02
N TYR A 25 -23.77 9.12 20.68
CA TYR A 25 -23.66 7.65 20.91
C TYR A 25 -24.87 7.15 21.71
N LEU A 26 -25.43 7.99 22.59
CA LEU A 26 -26.57 7.67 23.49
C LEU A 26 -27.87 8.20 22.88
N SER A 27 -27.97 8.16 21.56
CA SER A 27 -29.21 8.45 20.80
C SER A 27 -30.30 7.41 21.08
N SER A 28 -29.92 6.13 21.23
CA SER A 28 -30.86 5.00 21.50
C SER A 28 -31.62 5.27 22.80
N TRP A 29 -30.98 5.90 23.78
CA TRP A 29 -31.60 6.18 25.11
C TRP A 29 -32.74 7.18 24.89
N ASN A 30 -33.95 6.68 24.70
CA ASN A 30 -35.18 7.49 24.43
C ASN A 30 -35.96 7.65 25.74
N SER A 31 -35.93 8.86 26.32
CA SER A 31 -36.68 9.22 27.56
C SER A 31 -38.07 8.57 27.53
N ASN A 32 -38.80 8.74 26.42
CA ASN A 32 -40.22 8.33 26.23
C ASN A 32 -40.39 6.81 26.40
N ASP A 33 -39.35 6.01 26.12
CA ASP A 33 -39.39 4.52 26.23
C ASP A 33 -39.71 4.12 27.68
N ALA A 34 -40.52 3.06 27.84
CA ALA A 34 -40.90 2.46 29.15
C ALA A 34 -39.67 1.79 29.77
N SER A 35 -39.14 0.76 29.07
CA SER A 35 -37.99 -0.08 29.51
C SER A 35 -36.70 0.47 28.91
N PRO A 36 -35.62 0.64 29.72
CA PRO A 36 -34.31 1.04 29.20
C PRO A 36 -33.37 -0.11 28.80
N CYS A 37 -33.84 -1.36 28.93
CA CYS A 37 -33.00 -2.59 28.86
C CYS A 37 -32.67 -2.98 27.42
N ARG A 38 -33.15 -2.21 26.43
CA ARG A 38 -32.81 -2.37 24.99
C ARG A 38 -31.91 -1.19 24.54
N TRP A 39 -31.56 -0.30 25.46
CA TRP A 39 -30.71 0.89 25.18
C TRP A 39 -29.26 0.44 24.92
N SER A 40 -28.53 1.21 24.10
CA SER A 40 -27.14 0.90 23.68
C SER A 40 -26.21 0.82 24.90
N GLY A 41 -25.52 -0.31 25.06
CA GLY A 41 -24.49 -0.50 26.09
C GLY A 41 -25.09 -0.72 27.46
N VAL A 42 -26.41 -0.83 27.53
CA VAL A 42 -27.15 -1.01 28.82
C VAL A 42 -27.58 -2.47 28.90
N SER A 43 -27.25 -3.13 30.01
CA SER A 43 -27.48 -4.58 30.18
C SER A 43 -28.32 -4.81 31.45
N CYS A 44 -29.51 -5.38 31.30
CA CYS A 44 -30.39 -5.84 32.41
C CYS A 44 -30.40 -7.38 32.44
N ALA A 45 -30.00 -8.00 33.56
CA ALA A 45 -30.02 -9.46 33.75
C ALA A 45 -31.47 -9.95 33.90
N PHE A 48 -36.23 -9.81 35.95
CA PHE A 48 -36.92 -8.49 35.93
C PHE A 48 -36.04 -7.47 35.18
N SER A 49 -36.50 -6.21 35.11
CA SER A 49 -35.85 -5.12 34.33
C SER A 49 -35.10 -4.17 35.26
N SER A 50 -34.14 -4.73 36.00
CA SER A 50 -33.22 -3.96 36.86
C SER A 50 -31.85 -3.91 36.17
N VAL A 51 -31.16 -2.77 36.22
CA VAL A 51 -29.87 -2.64 35.47
C VAL A 51 -28.78 -3.32 36.29
N THR A 52 -28.11 -4.29 35.67
CA THR A 52 -27.01 -5.08 36.27
C THR A 52 -25.67 -4.65 35.63
N SER A 53 -25.67 -4.22 34.37
CA SER A 53 -24.44 -3.87 33.61
C SER A 53 -24.64 -2.64 32.73
N VAL A 54 -23.67 -1.72 32.72
CA VAL A 54 -23.59 -0.58 31.75
C VAL A 54 -22.19 -0.55 31.14
N ASP A 55 -22.08 -0.60 29.80
CA ASP A 55 -20.76 -0.45 29.14
C ASP A 55 -20.84 0.64 28.08
N LEU A 56 -20.08 1.72 28.28
CA LEU A 56 -20.10 2.93 27.43
C LEU A 56 -18.70 3.17 26.86
N SER A 57 -18.01 2.07 26.54
CA SER A 57 -16.62 2.09 26.03
C SER A 57 -16.56 2.87 24.72
N SER A 58 -15.52 3.68 24.54
CA SER A 58 -15.21 4.37 23.26
C SER A 58 -16.43 5.18 22.79
N ALA A 59 -17.14 5.89 23.67
CA ALA A 59 -18.40 6.62 23.33
C ALA A 59 -18.15 8.11 23.12
N ASN A 60 -16.90 8.56 23.21
CA ASN A 60 -16.56 10.01 23.14
C ASN A 60 -17.44 10.76 24.14
N LEU A 61 -17.55 10.23 25.35
CA LEU A 61 -18.35 10.85 26.43
C LEU A 61 -17.42 11.71 27.29
N ALA A 62 -17.80 12.96 27.54
CA ALA A 62 -16.99 13.93 28.29
C ALA A 62 -17.78 14.44 29.51
N GLY A 63 -17.12 14.49 30.67
CA GLY A 63 -17.71 15.04 31.90
C GLY A 63 -17.22 14.29 33.13
N PRO A 64 -17.68 14.66 34.34
CA PRO A 64 -17.26 14.00 35.56
C PRO A 64 -17.88 12.61 35.67
N PHE A 65 -17.30 11.75 36.52
CA PHE A 65 -17.89 10.42 36.83
C PHE A 65 -19.32 10.65 37.31
N PRO A 66 -20.34 9.98 36.73
CA PRO A 66 -21.73 10.23 37.12
C PRO A 66 -22.13 9.45 38.37
N SER A 67 -22.00 10.06 39.56
CA SER A 67 -22.19 9.38 40.87
C SER A 67 -23.64 8.95 41.04
N VAL A 68 -24.57 9.55 40.28
CA VAL A 68 -26.03 9.23 40.31
C VAL A 68 -26.23 7.76 39.87
N ILE A 69 -25.33 7.20 39.04
CA ILE A 69 -25.45 5.81 38.53
C ILE A 69 -25.48 4.82 39.70
N CYS A 70 -24.85 5.15 40.82
CA CYS A 70 -24.80 4.31 42.04
C CYS A 70 -26.23 3.98 42.51
N ARG A 71 -27.19 4.86 42.23
CA ARG A 71 -28.60 4.64 42.62
C ARG A 71 -29.16 3.47 41.81
N LEU A 72 -28.48 3.04 40.74
CA LEU A 72 -28.77 1.72 40.13
C LEU A 72 -28.37 0.65 41.13
N SER A 73 -29.37 0.00 41.71
CA SER A 73 -29.23 -0.90 42.88
C SER A 73 -28.58 -2.23 42.49
N ASN A 74 -28.84 -2.80 41.31
CA ASN A 74 -28.29 -4.14 41.00
C ASN A 74 -27.10 -4.04 40.04
N LEU A 75 -26.63 -2.83 39.74
CA LEU A 75 -25.45 -2.64 38.87
C LEU A 75 -24.30 -3.48 39.43
N ALA A 76 -23.73 -4.36 38.63
CA ALA A 76 -22.59 -5.21 39.03
C ALA A 76 -21.37 -4.91 38.15
N HIS A 77 -21.61 -4.49 36.90
CA HIS A 77 -20.52 -4.29 35.92
C HIS A 77 -20.64 -2.89 35.30
N LEU A 78 -19.64 -2.04 35.54
CA LEU A 78 -19.61 -0.68 34.94
C LEU A 78 -18.29 -0.49 34.19
N SER A 79 -18.37 -0.19 32.91
CA SER A 79 -17.19 0.18 32.10
C SER A 79 -17.44 1.52 31.43
N LEU A 80 -16.54 2.47 31.62
CA LEU A 80 -16.52 3.77 30.89
C LEU A 80 -15.17 3.87 30.18
N TYR A 81 -14.65 2.73 29.71
CA TYR A 81 -13.30 2.62 29.11
C TYR A 81 -13.21 3.55 27.87
N ASN A 82 -12.02 4.12 27.65
CA ASN A 82 -11.67 4.92 26.44
C ASN A 82 -12.71 6.03 26.26
N ASN A 83 -12.83 6.94 27.22
CA ASN A 83 -13.77 8.09 27.15
C ASN A 83 -13.00 9.34 27.56
N SER A 84 -13.67 10.49 27.55
CA SER A 84 -13.08 11.78 27.98
C SER A 84 -13.60 12.15 29.38
N ILE A 85 -13.88 11.15 30.22
CA ILE A 85 -14.32 11.38 31.64
C ILE A 85 -13.22 12.13 32.39
N ASN A 86 -13.58 13.18 33.14
CA ASN A 86 -12.58 14.09 33.77
C ASN A 86 -12.89 14.29 35.26
N SER A 87 -11.97 15.01 35.93
CA SER A 87 -12.10 15.50 37.33
C SER A 87 -11.59 14.47 38.32
N THR A 88 -11.77 14.72 39.61
CA THR A 88 -11.42 13.76 40.68
C THR A 88 -12.48 12.66 40.71
N LEU A 89 -12.12 11.43 41.10
CA LEU A 89 -13.13 10.35 41.27
C LEU A 89 -13.91 10.64 42.56
N PRO A 90 -15.25 10.75 42.48
CA PRO A 90 -16.04 11.16 43.64
C PRO A 90 -16.05 10.10 44.74
N LEU A 91 -15.82 10.49 45.99
CA LEU A 91 -15.78 9.54 47.12
C LEU A 91 -17.16 8.90 47.27
N ASN A 92 -18.19 9.54 46.72
CA ASN A 92 -19.58 9.00 46.79
C ASN A 92 -19.71 7.78 45.87
N ILE A 93 -18.60 7.32 45.28
CA ILE A 93 -18.56 6.12 44.41
C ILE A 93 -18.90 4.87 45.25
N ALA A 94 -18.62 4.90 46.55
CA ALA A 94 -18.89 3.78 47.48
C ALA A 94 -20.37 3.40 47.44
N ALA A 95 -21.25 4.35 47.08
CA ALA A 95 -22.71 4.16 47.03
C ALA A 95 -23.05 3.03 46.04
N CYS A 96 -22.19 2.80 45.05
CA CYS A 96 -22.33 1.66 44.10
C CYS A 96 -21.88 0.39 44.82
N LYS A 97 -22.62 -0.06 45.84
CA LYS A 97 -22.15 -1.15 46.74
C LYS A 97 -22.35 -2.52 46.08
N SER A 98 -23.08 -2.61 44.96
CA SER A 98 -23.35 -3.88 44.26
C SER A 98 -22.35 -4.13 43.13
N LEU A 99 -21.49 -3.15 42.82
CA LEU A 99 -20.51 -3.23 41.71
C LEU A 99 -19.51 -4.35 41.99
N GLN A 100 -19.26 -5.22 41.00
CA GLN A 100 -18.20 -6.26 41.06
C GLN A 100 -17.04 -5.85 40.18
N THR A 101 -17.32 -5.35 38.98
CA THR A 101 -16.27 -4.93 38.00
C THR A 101 -16.44 -3.45 37.67
N LEU A 102 -15.35 -2.68 37.75
CA LEU A 102 -15.34 -1.25 37.37
C LEU A 102 -14.19 -0.97 36.40
N ASP A 103 -14.50 -0.59 35.16
CA ASP A 103 -13.44 -0.22 34.20
C ASP A 103 -13.56 1.25 33.85
N LEU A 104 -12.56 2.04 34.24
CA LEU A 104 -12.49 3.49 33.96
C LEU A 104 -11.17 3.76 33.22
N SER A 105 -10.72 2.81 32.40
CA SER A 105 -9.42 2.89 31.67
C SER A 105 -9.48 3.98 30.60
N GLN A 106 -8.33 4.56 30.26
CA GLN A 106 -8.20 5.57 29.16
C GLN A 106 -9.20 6.71 29.40
N ASN A 107 -9.14 7.35 30.58
CA ASN A 107 -10.00 8.52 30.91
C ASN A 107 -9.11 9.62 31.46
N LEU A 108 -9.61 10.86 31.52
CA LEU A 108 -8.78 12.03 31.94
C LEU A 108 -8.94 12.27 33.45
N LEU A 109 -9.48 11.31 34.20
CA LEU A 109 -9.67 11.39 35.66
C LEU A 109 -8.33 11.72 36.32
N THR A 110 -8.35 12.56 37.36
CA THR A 110 -7.13 13.08 38.01
C THR A 110 -7.34 13.14 39.52
N GLY A 111 -6.27 13.45 40.25
CA GLY A 111 -6.30 13.68 41.70
C GLY A 111 -6.00 12.42 42.46
N GLU A 112 -6.24 12.44 43.77
CA GLU A 112 -5.94 11.29 44.64
C GLU A 112 -7.03 10.24 44.48
N LEU A 113 -6.65 8.96 44.63
CA LEU A 113 -7.58 7.82 44.59
C LEU A 113 -8.57 7.93 45.73
N PRO A 114 -9.87 7.67 45.50
CA PRO A 114 -10.84 7.63 46.58
C PRO A 114 -10.66 6.40 47.47
N GLN A 115 -10.46 6.62 48.77
CA GLN A 115 -10.29 5.52 49.77
C GLN A 115 -11.61 4.74 49.86
N THR A 116 -12.72 5.37 49.48
CA THR A 116 -14.09 4.79 49.61
C THR A 116 -14.26 3.61 48.66
N LEU A 117 -13.37 3.46 47.67
CA LEU A 117 -13.45 2.33 46.71
C LEU A 117 -13.37 1.00 47.47
N ALA A 118 -12.51 0.95 48.51
CA ALA A 118 -12.34 -0.23 49.38
C ALA A 118 -13.66 -0.51 50.13
N ASP A 119 -14.45 0.54 50.38
CA ASP A 119 -15.72 0.45 51.13
C ASP A 119 -16.76 -0.28 50.30
N ILE A 120 -16.58 -0.41 48.97
CA ILE A 120 -17.45 -1.28 48.12
C ILE A 120 -16.99 -2.71 48.37
N PRO A 121 -17.77 -3.54 49.09
CA PRO A 121 -17.32 -4.88 49.45
C PRO A 121 -17.26 -5.80 48.23
N THR A 122 -18.21 -5.64 47.30
CA THR A 122 -18.45 -6.56 46.17
C THR A 122 -17.39 -6.44 45.07
N LEU A 123 -16.54 -5.39 45.07
CA LEU A 123 -15.61 -5.13 43.94
C LEU A 123 -14.68 -6.33 43.74
N VAL A 124 -14.63 -6.87 42.53
CA VAL A 124 -13.75 -8.01 42.13
C VAL A 124 -12.67 -7.50 41.16
N HIS A 125 -13.04 -6.64 40.22
CA HIS A 125 -12.12 -6.12 39.16
C HIS A 125 -12.09 -4.59 39.19
N LEU A 126 -10.93 -3.98 39.40
CA LEU A 126 -10.78 -2.51 39.32
C LEU A 126 -9.68 -2.17 38.33
N ASP A 127 -10.01 -1.47 37.23
CA ASP A 127 -8.97 -0.98 36.29
C ASP A 127 -9.11 0.53 36.14
N LEU A 128 -8.05 1.28 36.49
CA LEU A 128 -8.03 2.75 36.38
C LEU A 128 -6.87 3.19 35.49
N THR A 129 -6.48 2.34 34.54
CA THR A 129 -5.29 2.58 33.69
C THR A 129 -5.52 3.79 32.81
N GLY A 130 -4.44 4.47 32.42
CA GLY A 130 -4.51 5.64 31.53
C GLY A 130 -5.27 6.77 32.18
N ASN A 131 -5.07 6.98 33.48
CA ASN A 131 -5.69 8.12 34.22
C ASN A 131 -4.57 8.94 34.89
N ASN A 132 -4.90 10.12 35.39
CA ASN A 132 -3.91 11.05 35.96
C ASN A 132 -3.97 10.98 37.49
N PHE A 133 -4.43 9.86 38.03
CA PHE A 133 -4.49 9.66 39.51
C PHE A 133 -3.10 9.89 40.08
N SER A 134 -3.03 10.58 41.21
CA SER A 134 -1.74 10.98 41.83
C SER A 134 -1.77 10.67 43.32
N GLY A 135 -0.62 10.80 43.99
CA GLY A 135 -0.51 10.65 45.45
C GLY A 135 -0.32 9.20 45.85
N ASP A 136 -0.39 8.95 47.16
CA ASP A 136 -0.17 7.61 47.73
C ASP A 136 -1.43 6.80 47.47
N ILE A 137 -1.30 5.49 47.33
CA ILE A 137 -2.45 4.57 47.26
C ILE A 137 -3.08 4.54 48.64
N PRO A 138 -4.42 4.66 48.76
CA PRO A 138 -5.10 4.65 50.05
C PRO A 138 -4.89 3.37 50.88
N ALA A 139 -4.67 3.49 52.19
CA ALA A 139 -4.44 2.35 53.12
C ALA A 139 -5.68 1.46 53.18
N SER A 140 -6.85 2.02 52.89
CA SER A 140 -8.14 1.30 52.79
C SER A 140 -8.02 0.16 51.78
N PHE A 141 -7.16 0.33 50.77
CA PHE A 141 -6.97 -0.66 49.68
C PHE A 141 -6.55 -2.01 50.28
N GLY A 142 -5.84 -2.00 51.41
CA GLY A 142 -5.44 -3.22 52.13
C GLY A 142 -6.62 -4.03 52.61
N LYS A 143 -7.79 -3.41 52.77
CA LYS A 143 -9.01 -4.06 53.32
C LYS A 143 -9.98 -4.42 52.21
N PHE A 144 -9.61 -4.35 50.94
CA PHE A 144 -10.48 -4.86 49.85
C PHE A 144 -10.84 -6.31 50.20
N GLU A 145 -12.11 -6.66 50.08
CA GLU A 145 -12.64 -7.95 50.60
C GLU A 145 -12.58 -9.03 49.51
N ASN A 146 -13.03 -8.71 48.29
CA ASN A 146 -13.27 -9.73 47.22
C ASN A 146 -12.59 -9.31 45.90
N LEU A 147 -11.70 -8.32 45.94
CA LEU A 147 -10.98 -7.81 44.74
C LEU A 147 -9.96 -8.85 44.31
N GLU A 148 -10.02 -9.23 43.04
CA GLU A 148 -9.08 -10.20 42.42
C GLU A 148 -8.12 -9.48 41.47
N VAL A 149 -8.54 -8.35 40.91
CA VAL A 149 -7.72 -7.63 39.88
C VAL A 149 -7.58 -6.16 40.29
N LEU A 150 -6.34 -5.68 40.49
CA LEU A 150 -6.08 -4.25 40.77
C LEU A 150 -5.15 -3.70 39.68
N SER A 151 -5.64 -2.77 38.87
CA SER A 151 -4.81 -2.14 37.82
C SER A 151 -4.82 -0.61 38.00
N LEU A 152 -3.63 -0.05 38.21
CA LEU A 152 -3.40 1.41 38.30
C LEU A 152 -2.33 1.79 37.29
N VAL A 153 -2.25 1.07 36.18
CA VAL A 153 -1.11 1.19 35.21
C VAL A 153 -1.19 2.57 34.54
N TYR A 154 -0.04 3.15 34.19
CA TYR A 154 0.08 4.44 33.46
C TYR A 154 -0.73 5.53 34.15
N ASN A 155 -0.52 5.70 35.46
CA ASN A 155 -1.12 6.82 36.24
C ASN A 155 0.04 7.67 36.77
N LEU A 156 -0.24 8.67 37.61
CA LEU A 156 0.81 9.61 38.09
C LEU A 156 1.08 9.41 39.58
N LEU A 157 0.82 8.22 40.11
CA LEU A 157 0.96 7.94 41.57
C LEU A 157 2.44 8.11 41.94
N ASP A 158 2.73 8.92 42.95
CA ASP A 158 4.13 9.27 43.31
C ASP A 158 4.47 8.70 44.70
N GLY A 159 3.64 7.79 45.21
CA GLY A 159 3.80 7.18 46.54
C GLY A 159 4.75 6.00 46.52
N THR A 160 5.14 5.51 47.69
CA THR A 160 5.95 4.27 47.84
C THR A 160 5.07 3.09 47.39
N ILE A 161 5.64 1.89 47.37
CA ILE A 161 4.85 0.67 47.06
C ILE A 161 4.28 0.17 48.38
N PRO A 162 2.94 0.04 48.51
CA PRO A 162 2.28 -0.35 49.75
C PRO A 162 2.47 -1.79 50.22
N PRO A 163 3.02 -2.02 51.44
CA PRO A 163 3.06 -3.35 52.04
C PRO A 163 1.66 -3.90 52.30
N PHE A 164 0.71 -3.00 52.60
CA PHE A 164 -0.69 -3.33 52.95
C PHE A 164 -1.40 -3.98 51.76
N LEU A 165 -0.96 -3.72 50.53
CA LEU A 165 -1.56 -4.38 49.34
C LEU A 165 -1.30 -5.88 49.44
N GLY A 166 -0.30 -6.31 50.24
CA GLY A 166 -0.03 -7.72 50.55
C GLY A 166 -1.16 -8.39 51.31
N ASN A 167 -1.97 -7.62 52.05
CA ASN A 167 -3.04 -8.18 52.93
C ASN A 167 -4.32 -8.46 52.12
N ILE A 168 -4.36 -8.13 50.82
CA ILE A 168 -5.53 -8.50 49.96
C ILE A 168 -5.33 -9.95 49.50
N SER A 169 -5.86 -10.92 50.25
CA SER A 169 -5.71 -12.38 50.00
C SER A 169 -6.29 -12.78 48.64
N THR A 170 -7.48 -12.29 48.28
CA THR A 170 -8.23 -12.76 47.07
C THR A 170 -7.54 -12.33 45.78
N LEU A 171 -6.66 -11.32 45.83
CA LEU A 171 -6.07 -10.71 44.61
C LEU A 171 -5.33 -11.78 43.79
N LYS A 172 -5.58 -11.76 42.48
CA LYS A 172 -4.95 -12.64 41.48
C LYS A 172 -3.91 -11.85 40.67
N MET A 173 -4.16 -10.55 40.44
CA MET A 173 -3.27 -9.72 39.60
C MET A 173 -3.02 -8.37 40.27
N LEU A 174 -1.75 -8.02 40.47
CA LEU A 174 -1.33 -6.70 41.00
C LEU A 174 -0.62 -5.94 39.88
N ASN A 175 -1.33 -5.05 39.20
CA ASN A 175 -0.81 -4.29 38.03
C ASN A 175 -0.63 -2.81 38.40
N LEU A 176 0.59 -2.39 38.77
CA LEU A 176 0.88 -0.99 39.18
C LEU A 176 1.98 -0.42 38.29
N SER A 177 2.15 -0.98 37.10
CA SER A 177 3.29 -0.65 36.20
C SER A 177 3.21 0.78 35.67
N TYR A 178 4.37 1.33 35.27
CA TYR A 178 4.50 2.63 34.57
C TYR A 178 3.85 3.75 35.40
N ASN A 179 4.18 3.80 36.69
CA ASN A 179 3.75 4.90 37.61
C ASN A 179 5.01 5.52 38.21
N PRO A 180 5.08 6.86 38.35
CA PRO A 180 6.27 7.51 38.90
C PRO A 180 6.40 7.38 40.42
N PHE A 181 6.46 6.14 40.94
CA PHE A 181 6.44 5.87 42.39
C PHE A 181 7.72 6.40 43.05
N SER A 182 7.61 6.78 44.31
CA SER A 182 8.80 7.10 45.15
C SER A 182 9.66 5.85 45.18
N PRO A 183 11.00 5.96 45.03
CA PRO A 183 11.85 4.77 45.04
C PRO A 183 11.48 3.93 46.28
N SER A 184 11.10 2.68 46.07
CA SER A 184 10.57 1.81 47.15
C SER A 184 10.94 0.35 46.89
N ARG A 185 11.15 -0.41 47.97
CA ARG A 185 11.50 -1.85 47.90
C ARG A 185 10.21 -2.63 47.68
N ILE A 186 10.32 -3.84 47.12
CA ILE A 186 9.15 -4.75 46.97
C ILE A 186 8.84 -5.28 48.37
N PRO A 187 7.59 -5.12 48.85
CA PRO A 187 7.18 -5.68 50.13
C PRO A 187 7.35 -7.20 50.18
N PRO A 188 8.02 -7.74 51.22
CA PRO A 188 8.07 -9.18 51.43
C PRO A 188 6.65 -9.72 51.67
N GLU A 189 5.80 -8.87 52.25
CA GLU A 189 4.39 -9.20 52.59
C GLU A 189 3.64 -9.51 51.30
N PHE A 190 4.13 -9.05 50.15
CA PHE A 190 3.54 -9.40 48.83
C PHE A 190 3.63 -10.91 48.63
N GLY A 191 4.58 -11.55 49.30
CA GLY A 191 4.74 -13.02 49.30
C GLY A 191 3.51 -13.72 49.85
N ASN A 192 2.76 -13.05 50.73
CA ASN A 192 1.56 -13.63 51.39
C ASN A 192 0.35 -13.52 50.47
N LEU A 193 0.52 -12.99 49.26
CA LEU A 193 -0.53 -13.01 48.21
C LEU A 193 -0.63 -14.41 47.60
N THR A 194 -1.36 -15.32 48.26
CA THR A 194 -1.35 -16.76 47.90
C THR A 194 -1.93 -17.00 46.52
N ASN A 195 -2.97 -16.26 46.12
CA ASN A 195 -3.70 -16.55 44.85
C ASN A 195 -3.12 -15.72 43.69
N LEU A 196 -2.06 -14.94 43.93
CA LEU A 196 -1.57 -14.00 42.88
C LEU A 196 -1.04 -14.79 41.69
N GLU A 197 -1.51 -14.46 40.50
CA GLU A 197 -1.07 -15.07 39.22
C GLU A 197 -0.17 -14.07 38.47
N VAL A 198 -0.40 -12.77 38.63
CA VAL A 198 0.33 -11.73 37.85
C VAL A 198 0.88 -10.67 38.80
N MET A 199 2.19 -10.40 38.75
CA MET A 199 2.82 -9.28 39.49
C MET A 199 3.47 -8.38 38.45
N TRP A 200 2.78 -7.32 38.04
CA TRP A 200 3.28 -6.42 36.97
C TRP A 200 3.78 -5.13 37.62
N LEU A 201 5.09 -5.05 37.87
CA LEU A 201 5.71 -3.93 38.61
C LEU A 201 6.82 -3.30 37.76
N THR A 202 6.66 -3.28 36.44
CA THR A 202 7.60 -2.64 35.48
C THR A 202 7.54 -1.11 35.64
N GLU A 203 8.70 -0.46 35.58
CA GLU A 203 8.79 1.03 35.64
C GLU A 203 8.04 1.54 36.87
N CYS A 204 8.28 0.94 38.03
CA CYS A 204 7.67 1.35 39.33
C CYS A 204 8.78 1.87 40.25
N HIS A 205 9.95 2.18 39.70
CA HIS A 205 11.10 2.75 40.45
C HIS A 205 11.47 1.82 41.61
N LEU A 206 11.37 0.51 41.40
CA LEU A 206 11.69 -0.50 42.44
C LEU A 206 13.18 -0.51 42.70
N VAL A 207 13.58 -0.59 43.96
CA VAL A 207 15.01 -0.59 44.39
C VAL A 207 15.20 -1.78 45.33
N GLY A 208 16.45 -2.18 45.57
CA GLY A 208 16.79 -3.21 46.56
C GLY A 208 16.67 -4.62 45.99
N GLN A 209 16.86 -5.63 46.84
CA GLN A 209 16.92 -7.05 46.43
C GLN A 209 15.50 -7.56 46.21
N ILE A 210 15.37 -8.61 45.43
CA ILE A 210 14.06 -9.31 45.26
C ILE A 210 13.88 -10.20 46.49
N PRO A 211 12.74 -10.08 47.22
CA PRO A 211 12.45 -10.90 48.39
C PRO A 211 12.42 -12.41 48.09
N ASP A 212 12.92 -13.22 49.02
CA ASP A 212 12.81 -14.70 48.96
C ASP A 212 11.33 -15.11 49.03
N SER A 213 10.49 -14.26 49.64
CA SER A 213 9.04 -14.50 49.87
C SER A 213 8.30 -14.67 48.55
N LEU A 214 8.77 -14.01 47.48
CA LEU A 214 8.09 -14.03 46.16
C LEU A 214 8.02 -15.47 45.64
N GLY A 215 8.94 -16.33 46.10
CA GLY A 215 8.97 -17.76 45.74
C GLY A 215 7.72 -18.51 46.16
N GLN A 216 7.06 -18.09 47.24
CA GLN A 216 5.94 -18.84 47.88
C GLN A 216 4.65 -18.69 47.05
N LEU A 217 4.63 -17.83 46.03
CA LEU A 217 3.47 -17.69 45.10
C LEU A 217 3.52 -18.81 44.06
N SER A 218 2.92 -19.96 44.35
CA SER A 218 2.93 -21.14 43.46
C SER A 218 1.90 -21.00 42.32
N LYS A 219 0.95 -20.10 42.49
CA LYS A 219 -0.06 -19.79 41.45
C LYS A 219 0.49 -18.73 40.50
N LEU A 220 1.64 -18.14 40.81
CA LEU A 220 2.20 -17.04 39.98
C LEU A 220 2.43 -17.57 38.57
N VAL A 221 1.98 -16.84 37.56
CA VAL A 221 2.15 -17.20 36.12
C VAL A 221 3.13 -16.21 35.50
N ASP A 222 2.89 -14.90 35.69
CA ASP A 222 3.76 -13.82 35.15
C ASP A 222 4.41 -13.03 36.28
N LEU A 223 5.74 -12.92 36.27
CA LEU A 223 6.46 -12.04 37.21
C LEU A 223 7.20 -11.00 36.38
N ASP A 224 6.71 -9.76 36.32
CA ASP A 224 7.41 -8.66 35.60
C ASP A 224 7.89 -7.66 36.63
N LEU A 225 9.20 -7.63 36.87
CA LEU A 225 9.84 -6.63 37.78
C LEU A 225 10.85 -5.84 36.96
N ALA A 226 10.62 -5.71 35.65
CA ALA A 226 11.58 -5.16 34.68
C ALA A 226 11.62 -3.64 34.76
N LEU A 227 12.57 -3.01 34.05
CA LEU A 227 12.70 -1.54 33.95
C LEU A 227 12.67 -0.91 35.34
N ASN A 228 13.43 -1.47 36.29
CA ASN A 228 13.53 -0.94 37.68
C ASN A 228 14.99 -0.96 38.08
N ASP A 229 15.31 -0.43 39.27
CA ASP A 229 16.71 -0.29 39.74
C ASP A 229 17.00 -1.40 40.76
N LEU A 230 16.28 -2.52 40.67
CA LEU A 230 16.44 -3.69 41.57
C LEU A 230 17.88 -4.20 41.45
N VAL A 231 18.52 -4.43 42.59
CA VAL A 231 19.94 -4.89 42.67
C VAL A 231 19.93 -6.24 43.39
N GLY A 232 21.07 -6.93 43.40
CA GLY A 232 21.23 -8.15 44.21
C GLY A 232 21.11 -9.39 43.37
N HIS A 233 21.51 -10.53 43.94
CA HIS A 233 21.48 -11.85 43.27
C HIS A 233 20.03 -12.23 43.01
N ILE A 234 19.75 -12.86 41.87
CA ILE A 234 18.38 -13.38 41.61
C ILE A 234 18.12 -14.46 42.66
N PRO A 235 17.00 -14.40 43.41
CA PRO A 235 16.72 -15.38 44.47
C PRO A 235 16.56 -16.81 43.97
N PRO A 236 17.23 -17.79 44.62
CA PRO A 236 17.07 -19.21 44.30
C PRO A 236 15.65 -19.72 44.61
N SER A 237 14.96 -19.06 45.54
CA SER A 237 13.58 -19.44 45.95
C SER A 237 12.59 -19.31 44.78
N LEU A 238 12.96 -18.55 43.73
CA LEU A 238 12.07 -18.24 42.58
C LEU A 238 11.63 -19.54 41.89
N GLY A 239 12.44 -20.59 41.99
CA GLY A 239 12.12 -21.92 41.43
C GLY A 239 10.89 -22.53 42.09
N GLY A 240 10.44 -21.95 43.21
CA GLY A 240 9.22 -22.39 43.91
C GLY A 240 7.93 -22.03 43.17
N LEU A 241 8.00 -21.15 42.15
CA LEU A 241 6.82 -20.75 41.34
C LEU A 241 6.45 -21.89 40.40
N THR A 242 5.68 -22.88 40.88
CA THR A 242 5.34 -24.11 40.12
C THR A 242 4.66 -23.74 38.80
N ASN A 243 3.77 -22.74 38.81
CA ASN A 243 2.96 -22.42 37.61
C ASN A 243 3.58 -21.24 36.85
N VAL A 244 4.78 -20.78 37.21
CA VAL A 244 5.36 -19.59 36.52
C VAL A 244 5.63 -19.97 35.06
N VAL A 245 5.16 -19.13 34.15
CA VAL A 245 5.39 -19.31 32.68
C VAL A 245 6.35 -18.22 32.21
N GLN A 246 6.25 -17.03 32.81
CA GLN A 246 7.02 -15.85 32.35
C GLN A 246 7.70 -15.17 33.53
N ILE A 247 9.01 -14.94 33.45
CA ILE A 247 9.77 -14.11 34.42
C ILE A 247 10.48 -13.02 33.63
N GLU A 248 10.21 -11.74 33.92
CA GLU A 248 10.90 -10.62 33.23
C GLU A 248 11.65 -9.81 34.28
N LEU A 249 12.99 -9.82 34.22
CA LEU A 249 13.86 -9.05 35.16
C LEU A 249 14.80 -8.13 34.36
N TYR A 250 14.41 -7.77 33.14
CA TYR A 250 15.30 -7.05 32.20
C TYR A 250 15.43 -5.59 32.63
N ASN A 251 16.55 -4.97 32.23
CA ASN A 251 16.91 -3.56 32.51
C ASN A 251 16.88 -3.32 34.03
N ASN A 252 17.61 -4.13 34.80
CA ASN A 252 17.76 -3.96 36.27
C ASN A 252 19.25 -3.99 36.60
N SER A 253 19.63 -3.64 37.83
CA SER A 253 21.05 -3.61 38.27
C SER A 253 21.39 -4.91 39.01
N LEU A 254 20.62 -5.98 38.79
CA LEU A 254 20.81 -7.27 39.48
C LEU A 254 22.20 -7.82 39.11
N THR A 255 22.91 -8.34 40.09
CA THR A 255 24.24 -8.99 39.92
C THR A 255 24.09 -10.45 40.33
N GLY A 256 25.03 -11.32 39.94
CA GLY A 256 25.05 -12.70 40.44
C GLY A 256 24.87 -13.70 39.31
N GLU A 257 24.74 -14.98 39.64
CA GLU A 257 24.65 -16.08 38.65
C GLU A 257 23.18 -16.49 38.51
N ILE A 258 22.73 -16.72 37.28
CA ILE A 258 21.36 -17.23 37.01
C ILE A 258 21.20 -18.49 37.85
N PRO A 259 20.16 -18.59 38.71
CA PRO A 259 20.00 -19.75 39.58
C PRO A 259 19.72 -21.05 38.82
N PRO A 260 20.33 -22.18 39.22
CA PRO A 260 20.03 -23.49 38.64
C PRO A 260 18.60 -23.94 38.95
N GLU A 261 18.00 -23.40 40.00
CA GLU A 261 16.65 -23.80 40.48
C GLU A 261 15.59 -23.47 39.42
N LEU A 262 15.87 -22.54 38.50
CA LEU A 262 14.89 -22.12 37.46
C LEU A 262 14.54 -23.30 36.55
N GLY A 263 15.43 -24.30 36.45
CA GLY A 263 15.15 -25.54 35.69
C GLY A 263 13.96 -26.30 36.27
N ASN A 264 13.70 -26.13 37.57
CA ASN A 264 12.62 -26.83 38.30
C ASN A 264 11.26 -26.27 37.88
N LEU A 265 11.24 -25.15 37.15
CA LEU A 265 9.99 -24.53 36.65
C LEU A 265 9.55 -25.25 35.37
N LYS A 266 8.66 -26.23 35.49
CA LYS A 266 8.18 -27.05 34.35
C LYS A 266 7.37 -26.17 33.38
N SER A 267 6.57 -25.24 33.90
CA SER A 267 5.67 -24.41 33.05
C SER A 267 6.39 -23.18 32.52
N LEU A 268 7.61 -22.89 32.98
CA LEU A 268 8.39 -21.70 32.52
C LEU A 268 8.57 -21.81 31.00
N ARG A 269 8.29 -20.74 30.28
CA ARG A 269 8.52 -20.69 28.82
C ARG A 269 9.36 -19.46 28.45
N LEU A 270 9.04 -18.28 29.00
CA LEU A 270 9.69 -17.02 28.61
C LEU A 270 10.45 -16.43 29.80
N LEU A 271 11.78 -16.32 29.68
CA LEU A 271 12.65 -15.67 30.70
C LEU A 271 13.44 -14.56 30.00
N ASP A 272 13.41 -13.36 30.55
CA ASP A 272 14.22 -12.21 30.08
C ASP A 272 14.92 -11.59 31.28
N ALA A 273 16.24 -11.77 31.40
CA ALA A 273 17.07 -11.14 32.45
C ALA A 273 18.12 -10.26 31.78
N SER A 274 17.78 -9.71 30.60
CA SER A 274 18.73 -8.95 29.75
C SER A 274 19.02 -7.58 30.37
N MET A 275 20.05 -6.89 29.87
CA MET A 275 20.46 -5.54 30.32
C MET A 275 20.67 -5.55 31.84
N ASN A 276 21.34 -6.59 32.37
CA ASN A 276 21.69 -6.71 33.81
C ASN A 276 23.21 -6.87 33.91
N GLN A 277 23.73 -6.95 35.14
CA GLN A 277 25.17 -7.09 35.40
C GLN A 277 25.48 -8.53 35.81
N LEU A 278 24.63 -9.50 35.44
CA LEU A 278 24.73 -10.91 35.91
C LEU A 278 26.04 -11.51 35.38
N THR A 279 26.67 -12.39 36.17
CA THR A 279 27.99 -13.01 35.87
C THR A 279 27.85 -14.53 35.90
N GLY A 280 28.80 -15.25 35.30
CA GLY A 280 28.90 -16.72 35.43
C GLY A 280 28.35 -17.45 34.22
N LYS A 281 28.22 -18.77 34.31
CA LYS A 281 27.79 -19.64 33.17
C LYS A 281 26.26 -19.74 33.19
N ILE A 282 25.65 -19.85 32.00
CA ILE A 282 24.18 -20.09 31.86
C ILE A 282 23.94 -21.53 32.32
N PRO A 283 22.97 -21.78 33.24
CA PRO A 283 22.72 -23.12 33.76
C PRO A 283 22.21 -24.13 32.71
N ASP A 284 22.68 -25.37 32.80
CA ASP A 284 22.23 -26.46 31.89
C ASP A 284 20.75 -26.74 32.17
N GLU A 285 20.37 -26.76 33.44
CA GLU A 285 19.01 -27.11 33.89
C GLU A 285 18.00 -26.15 33.25
N LEU A 286 18.29 -24.84 33.25
CA LEU A 286 17.39 -23.83 32.64
C LEU A 286 17.23 -24.17 31.16
N CYS A 287 18.33 -24.46 30.48
CA CYS A 287 18.31 -24.78 29.03
C CYS A 287 17.55 -26.10 28.81
N ARG A 288 17.55 -27.00 29.79
CA ARG A 288 16.79 -28.29 29.72
C ARG A 288 15.29 -28.00 29.60
N VAL A 289 14.76 -26.98 30.30
CA VAL A 289 13.32 -26.57 30.24
C VAL A 289 12.97 -26.21 28.81
N PRO A 290 11.78 -26.61 28.29
CA PRO A 290 11.40 -26.28 26.92
C PRO A 290 10.98 -24.81 26.76
N LEU A 291 11.95 -23.89 26.80
CA LEU A 291 11.70 -22.43 26.84
C LEU A 291 11.19 -21.95 25.47
N GLU A 292 10.18 -21.08 25.48
CA GLU A 292 9.66 -20.40 24.26
C GLU A 292 10.65 -19.32 23.83
N SER A 293 11.18 -18.56 24.79
CA SER A 293 12.11 -17.44 24.53
C SER A 293 13.13 -17.36 25.66
N LEU A 294 14.42 -17.28 25.35
CA LEU A 294 15.47 -17.05 26.37
C LEU A 294 16.28 -15.82 25.97
N ASN A 295 16.15 -14.73 26.71
CA ASN A 295 16.92 -13.48 26.50
C ASN A 295 17.76 -13.20 27.74
N LEU A 296 19.08 -13.26 27.62
CA LEU A 296 20.03 -12.93 28.69
C LEU A 296 21.05 -11.95 28.13
N TYR A 297 20.63 -11.06 27.22
CA TYR A 297 21.57 -10.19 26.48
C TYR A 297 22.10 -9.06 27.37
N GLU A 298 23.18 -8.44 26.93
CA GLU A 298 23.82 -7.29 27.62
C GLU A 298 24.09 -7.65 29.07
N ASN A 299 24.74 -8.80 29.32
CA ASN A 299 25.17 -9.24 30.67
C ASN A 299 26.68 -9.48 30.65
N ASN A 300 27.27 -9.80 31.80
N ASN A 300 27.27 -9.80 31.80
CA ASN A 300 28.70 -10.16 31.94
CA ASN A 300 28.70 -10.16 31.95
C ASN A 300 28.79 -11.68 32.15
C ASN A 300 28.79 -11.68 32.15
N LEU A 301 27.93 -12.45 31.48
CA LEU A 301 27.90 -13.93 31.57
C LEU A 301 29.05 -14.49 30.73
N GLU A 302 29.59 -15.64 31.13
CA GLU A 302 30.74 -16.31 30.46
C GLU A 302 30.42 -17.79 30.32
N GLY A 303 31.22 -18.52 29.54
CA GLY A 303 31.08 -19.99 29.39
C GLY A 303 30.39 -20.37 28.09
N GLU A 304 30.00 -21.64 27.95
CA GLU A 304 29.40 -22.15 26.70
C GLU A 304 27.89 -22.25 26.89
N LEU A 305 27.12 -21.83 25.88
CA LEU A 305 25.67 -22.07 25.85
C LEU A 305 25.46 -23.58 25.96
N PRO A 306 24.71 -24.08 26.96
CA PRO A 306 24.45 -25.51 27.11
C PRO A 306 23.70 -26.03 25.87
N ALA A 307 24.05 -27.23 25.40
CA ALA A 307 23.48 -27.81 24.18
C ALA A 307 22.06 -28.29 24.45
N SER A 308 21.66 -28.39 25.71
CA SER A 308 20.32 -28.86 26.14
C SER A 308 19.24 -27.93 25.55
N ILE A 309 19.54 -26.64 25.35
CA ILE A 309 18.56 -25.65 24.81
C ILE A 309 17.99 -26.15 23.47
N ALA A 310 18.76 -26.88 22.65
CA ALA A 310 18.33 -27.35 21.32
C ALA A 310 17.10 -28.27 21.42
N LEU A 311 16.98 -29.01 22.54
CA LEU A 311 15.90 -30.01 22.72
C LEU A 311 14.53 -29.32 22.78
N SER A 312 14.44 -28.09 23.28
CA SER A 312 13.15 -27.36 23.37
C SER A 312 12.50 -27.29 22.00
N PRO A 313 11.23 -27.71 21.85
CA PRO A 313 10.52 -27.59 20.58
C PRO A 313 9.73 -26.29 20.46
N ASN A 314 9.84 -25.41 21.45
CA ASN A 314 9.01 -24.18 21.54
C ASN A 314 9.87 -22.93 21.30
N LEU A 315 11.09 -23.05 20.79
CA LEU A 315 12.07 -21.93 20.81
C LEU A 315 11.98 -21.11 19.52
N TYR A 316 11.57 -19.85 19.65
CA TYR A 316 11.51 -18.87 18.53
C TYR A 316 12.44 -17.68 18.82
N GLU A 317 12.83 -17.45 20.08
CA GLU A 317 13.66 -16.28 20.47
C GLU A 317 14.85 -16.72 21.34
N ILE A 318 16.07 -16.52 20.82
CA ILE A 318 17.32 -16.67 21.60
C ILE A 318 18.11 -15.36 21.39
N ARG A 319 18.09 -14.46 22.37
CA ARG A 319 18.86 -13.19 22.33
C ARG A 319 19.82 -13.13 23.52
N ILE A 320 21.04 -13.61 23.32
CA ILE A 320 22.08 -13.73 24.38
C ILE A 320 23.31 -12.90 23.95
N PHE A 321 23.08 -11.81 23.19
CA PHE A 321 24.17 -10.96 22.65
C PHE A 321 24.78 -10.11 23.77
N GLY A 322 26.00 -9.62 23.56
CA GLY A 322 26.69 -8.72 24.51
C GLY A 322 27.22 -9.48 25.73
N ASN A 323 27.47 -10.79 25.62
CA ASN A 323 28.10 -11.59 26.70
C ASN A 323 29.46 -12.12 26.24
N ARG A 324 30.28 -12.60 27.16
CA ARG A 324 31.55 -13.28 26.81
C ARG A 324 31.30 -14.78 26.64
N LEU A 325 30.48 -15.19 25.66
CA LEU A 325 30.10 -16.61 25.53
C LEU A 325 31.07 -17.35 24.62
N THR A 326 31.76 -18.34 25.18
CA THR A 326 32.78 -19.14 24.46
C THR A 326 32.12 -20.40 23.90
N GLY A 327 32.87 -21.18 23.13
CA GLY A 327 32.40 -22.43 22.52
C GLY A 327 31.59 -22.19 21.26
N GLY A 328 30.75 -23.16 20.89
CA GLY A 328 29.99 -23.12 19.62
C GLY A 328 28.51 -23.34 19.86
N LEU A 329 27.69 -22.93 18.90
CA LEU A 329 26.21 -23.08 18.98
C LEU A 329 25.86 -24.56 18.80
N PRO A 330 24.82 -25.09 19.49
CA PRO A 330 24.48 -26.52 19.42
C PRO A 330 24.10 -26.95 18.00
N LYS A 331 24.56 -28.13 17.57
CA LYS A 331 24.36 -28.65 16.19
C LYS A 331 22.87 -28.74 15.84
N ASP A 332 22.04 -29.15 16.80
CA ASP A 332 20.59 -29.42 16.57
C ASP A 332 19.76 -28.15 16.72
N LEU A 333 20.40 -26.98 16.90
CA LEU A 333 19.67 -25.70 17.11
C LEU A 333 18.90 -25.34 15.84
N GLY A 334 17.59 -25.13 15.95
CA GLY A 334 16.72 -24.72 14.83
C GLY A 334 16.08 -25.89 14.12
N LEU A 335 16.61 -27.11 14.33
CA LEU A 335 16.11 -28.37 13.72
C LEU A 335 14.78 -28.75 14.37
N ASN A 336 14.66 -28.65 15.69
CA ASN A 336 13.48 -29.16 16.44
C ASN A 336 12.58 -28.01 16.88
N SER A 337 12.93 -26.77 16.56
CA SER A 337 12.26 -25.56 17.10
C SER A 337 11.84 -24.63 15.98
N PRO A 338 10.74 -23.86 16.18
CA PRO A 338 10.30 -22.87 15.22
C PRO A 338 11.12 -21.58 15.33
N LEU A 339 12.41 -21.62 14.94
CA LEU A 339 13.32 -20.48 15.18
C LEU A 339 12.92 -19.29 14.30
N ARG A 340 12.84 -18.11 14.91
CA ARG A 340 12.48 -16.86 14.21
C ARG A 340 13.60 -15.85 14.41
N TRP A 341 14.06 -15.67 15.64
CA TRP A 341 15.08 -14.64 15.96
C TRP A 341 16.26 -15.28 16.73
N LEU A 342 17.47 -15.10 16.21
CA LEU A 342 18.72 -15.53 16.90
C LEU A 342 19.66 -14.33 16.98
N ASP A 343 20.06 -13.95 18.20
CA ASP A 343 21.06 -12.88 18.41
C ASP A 343 22.16 -13.40 19.34
N VAL A 344 23.29 -13.82 18.75
CA VAL A 344 24.49 -14.29 19.48
C VAL A 344 25.61 -13.30 19.18
N SER A 345 25.24 -12.08 18.78
CA SER A 345 26.19 -11.01 18.38
C SER A 345 27.02 -10.56 19.60
N GLU A 346 28.23 -10.04 19.35
CA GLU A 346 29.16 -9.52 20.39
C GLU A 346 29.42 -10.58 21.46
N ASN A 347 29.72 -11.81 21.04
CA ASN A 347 30.14 -12.94 21.92
C ASN A 347 31.40 -13.55 21.30
N GLU A 348 32.03 -14.52 21.96
CA GLU A 348 33.28 -15.16 21.46
C GLU A 348 32.94 -16.51 20.82
N PHE A 349 31.71 -16.67 20.32
CA PHE A 349 31.20 -17.94 19.75
C PHE A 349 32.05 -18.32 18.53
N SER A 350 32.47 -19.58 18.47
CA SER A 350 33.42 -20.11 17.45
C SER A 350 32.87 -21.43 16.92
N GLY A 351 33.36 -21.85 15.76
CA GLY A 351 32.95 -23.10 15.10
C GLY A 351 32.02 -22.82 13.95
N ASP A 352 31.69 -23.84 13.16
CA ASP A 352 30.75 -23.71 12.02
C ASP A 352 29.36 -23.46 12.62
N LEU A 353 28.55 -22.67 11.92
CA LEU A 353 27.15 -22.41 12.33
C LEU A 353 26.38 -23.72 12.29
N PRO A 354 25.41 -23.95 13.20
CA PRO A 354 24.52 -25.11 13.10
C PRO A 354 23.78 -25.02 11.75
N ALA A 355 23.69 -26.12 11.00
CA ALA A 355 23.17 -26.09 9.61
C ALA A 355 21.65 -25.91 9.60
N ASP A 356 20.93 -26.44 10.59
CA ASP A 356 19.46 -26.60 10.47
C ASP A 356 18.75 -25.45 11.18
N LEU A 357 19.18 -24.20 10.96
CA LEU A 357 18.58 -23.03 11.63
C LEU A 357 17.17 -22.77 11.11
N CYS A 358 16.96 -22.87 9.79
CA CYS A 358 15.67 -22.50 9.15
C CYS A 358 14.84 -23.74 8.83
N ALA A 359 15.08 -24.87 9.50
CA ALA A 359 14.37 -26.15 9.24
C ALA A 359 12.86 -25.92 9.37
N LYS A 360 12.43 -25.21 10.41
CA LYS A 360 10.98 -24.96 10.65
C LYS A 360 10.44 -24.02 9.57
N GLY A 361 11.23 -23.03 9.13
CA GLY A 361 10.86 -22.18 7.97
C GLY A 361 10.25 -20.84 8.36
N GLU A 362 10.37 -20.46 9.64
CA GLU A 362 9.80 -19.19 10.15
C GLU A 362 10.94 -18.23 10.58
N LEU A 363 12.19 -18.50 10.16
CA LEU A 363 13.35 -17.70 10.63
C LEU A 363 13.43 -16.38 9.88
N GLU A 364 13.29 -15.25 10.60
CA GLU A 364 13.31 -13.90 10.01
C GLU A 364 14.65 -13.19 10.30
N GLU A 365 15.21 -13.37 11.50
CA GLU A 365 16.41 -12.61 11.91
C GLU A 365 17.54 -13.55 12.34
N LEU A 366 18.69 -13.46 11.66
CA LEU A 366 19.93 -14.21 12.01
C LEU A 366 21.03 -13.19 12.29
N LEU A 367 21.43 -13.04 13.56
CA LEU A 367 22.40 -12.00 13.95
C LEU A 367 23.54 -12.66 14.74
N ILE A 368 24.73 -12.73 14.15
CA ILE A 368 25.89 -13.44 14.75
C ILE A 368 27.15 -12.57 14.68
N ILE A 369 26.99 -11.26 14.55
CA ILE A 369 28.14 -10.34 14.26
C ILE A 369 29.12 -10.29 15.46
N HIS A 370 30.38 -9.94 15.19
CA HIS A 370 31.46 -9.77 16.19
C HIS A 370 31.64 -11.07 16.99
N ASN A 371 31.76 -12.21 16.30
CA ASN A 371 32.08 -13.54 16.88
C ASN A 371 33.22 -14.15 16.05
N SER A 372 33.59 -15.40 16.33
CA SER A 372 34.75 -16.08 15.68
C SER A 372 34.23 -17.23 14.82
N PHE A 373 32.99 -17.11 14.34
CA PHE A 373 32.29 -18.17 13.57
C PHE A 373 33.04 -18.42 12.26
N SER A 374 33.30 -19.69 11.97
CA SER A 374 34.17 -20.11 10.84
C SER A 374 33.39 -21.02 9.89
N GLY A 375 33.91 -21.21 8.68
CA GLY A 375 33.34 -22.19 7.74
C GLY A 375 32.51 -21.52 6.67
N VAL A 376 31.66 -22.31 6.02
CA VAL A 376 30.82 -21.89 4.86
C VAL A 376 29.38 -21.72 5.36
N ILE A 377 28.61 -20.82 4.75
CA ILE A 377 27.17 -20.63 5.07
C ILE A 377 26.47 -21.95 4.76
N PRO A 378 25.69 -22.55 5.71
CA PRO A 378 24.97 -23.79 5.44
C PRO A 378 24.03 -23.63 4.23
N GLU A 379 23.98 -24.63 3.36
CA GLU A 379 23.21 -24.58 2.09
C GLU A 379 21.72 -24.49 2.40
N SER A 380 21.29 -24.94 3.58
CA SER A 380 19.86 -24.94 4.00
C SER A 380 19.32 -23.50 3.98
N LEU A 381 20.16 -22.53 4.35
CA LEU A 381 19.74 -21.12 4.47
C LEU A 381 19.32 -20.58 3.10
N ALA A 382 19.79 -21.17 2.00
CA ALA A 382 19.34 -20.82 0.63
C ALA A 382 17.85 -21.10 0.48
N ASP A 383 17.35 -22.12 1.17
CA ASP A 383 15.93 -22.54 1.13
C ASP A 383 15.09 -21.62 2.05
N CYS A 384 15.74 -20.81 2.89
CA CYS A 384 15.08 -20.00 3.94
C CYS A 384 14.51 -18.70 3.35
N ARG A 385 13.35 -18.77 2.71
CA ARG A 385 12.69 -17.56 2.16
C ARG A 385 12.14 -16.69 3.31
N SER A 386 12.00 -17.23 4.53
CA SER A 386 11.48 -16.51 5.71
C SER A 386 12.42 -15.37 6.14
N LEU A 387 13.72 -15.45 5.84
CA LEU A 387 14.73 -14.47 6.35
C LEU A 387 14.43 -13.07 5.83
N THR A 388 14.53 -12.06 6.71
CA THR A 388 14.35 -10.63 6.38
C THR A 388 15.60 -9.83 6.75
N ARG A 389 16.32 -10.24 7.81
CA ARG A 389 17.55 -9.54 8.28
C ARG A 389 18.67 -10.57 8.53
N ILE A 390 19.80 -10.42 7.83
CA ILE A 390 20.98 -11.32 7.99
C ILE A 390 22.22 -10.48 8.32
N ARG A 391 22.85 -10.73 9.47
CA ARG A 391 24.09 -10.03 9.88
C ARG A 391 25.13 -11.06 10.34
N LEU A 392 26.10 -11.39 9.48
CA LEU A 392 27.14 -12.43 9.76
C LEU A 392 28.52 -11.77 9.88
N ALA A 393 28.55 -10.42 9.94
CA ALA A 393 29.77 -9.61 9.82
C ALA A 393 30.71 -9.84 11.02
N TYR A 394 32.01 -9.58 10.80
CA TYR A 394 33.10 -9.64 11.81
C TYR A 394 33.20 -11.06 12.37
N ASN A 395 33.10 -12.09 11.51
CA ASN A 395 33.46 -13.49 11.87
C ASN A 395 34.53 -13.98 10.87
N ARG A 396 34.88 -15.27 10.89
CA ARG A 396 36.00 -15.86 10.10
C ARG A 396 35.45 -16.74 8.96
N PHE A 397 34.26 -16.42 8.46
CA PHE A 397 33.54 -17.23 7.45
C PHE A 397 34.27 -17.21 6.10
N SER A 398 34.33 -18.36 5.44
CA SER A 398 35.03 -18.53 4.14
C SER A 398 34.10 -19.14 3.08
N GLY A 399 34.56 -19.22 1.83
CA GLY A 399 33.90 -19.97 0.76
C GLY A 399 32.84 -19.18 0.03
N SER A 400 32.22 -19.78 -0.98
CA SER A 400 31.20 -19.12 -1.84
C SER A 400 29.88 -19.01 -1.05
N VAL A 401 29.05 -18.05 -1.43
CA VAL A 401 27.68 -17.91 -0.86
C VAL A 401 26.76 -18.81 -1.67
N PRO A 402 25.89 -19.62 -1.02
CA PRO A 402 24.91 -20.43 -1.74
C PRO A 402 24.11 -19.53 -2.70
N THR A 403 23.81 -20.02 -3.90
CA THR A 403 23.12 -19.23 -4.95
C THR A 403 21.78 -18.72 -4.40
N GLY A 404 20.99 -19.57 -3.76
CA GLY A 404 19.64 -19.20 -3.27
C GLY A 404 19.68 -18.07 -2.25
N PHE A 405 20.73 -18.04 -1.41
CA PHE A 405 20.87 -17.08 -0.29
C PHE A 405 20.84 -15.65 -0.85
N TRP A 406 21.45 -15.41 -2.02
CA TRP A 406 21.44 -14.10 -2.69
C TRP A 406 20.00 -13.69 -3.01
N GLY A 407 19.16 -14.65 -3.40
CA GLY A 407 17.82 -14.39 -3.96
C GLY A 407 16.69 -14.44 -2.95
N LEU A 408 16.95 -14.56 -1.66
CA LEU A 408 15.85 -14.60 -0.66
C LEU A 408 15.04 -13.31 -0.80
N PRO A 409 13.71 -13.41 -1.03
CA PRO A 409 12.88 -12.24 -1.39
C PRO A 409 12.72 -11.15 -0.32
N HIS A 410 12.46 -11.53 0.94
CA HIS A 410 12.10 -10.57 2.02
C HIS A 410 13.34 -10.13 2.81
N VAL A 411 14.55 -10.62 2.47
CA VAL A 411 15.80 -10.01 3.05
C VAL A 411 15.85 -8.55 2.57
N ASN A 412 16.01 -7.61 3.51
CA ASN A 412 16.18 -6.17 3.20
C ASN A 412 17.61 -5.77 3.50
N LEU A 413 18.23 -6.39 4.50
CA LEU A 413 19.68 -6.18 4.82
C LEU A 413 20.43 -7.50 4.71
N LEU A 414 21.48 -7.53 3.88
CA LEU A 414 22.42 -8.69 3.83
C LEU A 414 23.82 -8.20 4.17
N GLU A 415 24.33 -8.54 5.36
CA GLU A 415 25.66 -8.07 5.83
C GLU A 415 26.60 -9.26 5.99
N LEU A 416 27.61 -9.34 5.13
CA LEU A 416 28.68 -10.38 5.17
C LEU A 416 30.03 -9.68 5.35
N VAL A 417 30.02 -8.45 5.86
CA VAL A 417 31.24 -7.58 5.94
C VAL A 417 32.28 -8.22 6.88
N ASN A 418 33.57 -7.98 6.60
CA ASN A 418 34.71 -8.42 7.46
C ASN A 418 34.72 -9.94 7.66
N ASN A 419 34.41 -10.72 6.61
CA ASN A 419 34.63 -12.20 6.63
C ASN A 419 35.59 -12.51 5.49
N SER A 420 35.93 -13.78 5.27
CA SER A 420 36.88 -14.20 4.20
C SER A 420 36.12 -14.83 3.03
N PHE A 421 34.83 -14.50 2.87
CA PHE A 421 33.94 -15.09 1.84
C PHE A 421 34.52 -14.85 0.45
N SER A 422 34.41 -15.86 -0.42
CA SER A 422 34.91 -15.80 -1.81
C SER A 422 33.76 -16.05 -2.79
N GLY A 423 34.04 -15.92 -4.08
CA GLY A 423 33.10 -16.34 -5.14
C GLY A 423 32.52 -15.16 -5.88
N GLU A 424 31.53 -15.40 -6.74
CA GLU A 424 30.89 -14.35 -7.56
C GLU A 424 29.41 -14.21 -7.13
N ILE A 425 28.91 -12.99 -7.06
CA ILE A 425 27.47 -12.72 -6.78
C ILE A 425 26.66 -13.40 -7.89
N SER A 426 25.67 -14.19 -7.51
CA SER A 426 24.85 -14.96 -8.48
C SER A 426 23.88 -14.02 -9.21
N LYS A 427 23.32 -14.46 -10.33
CA LYS A 427 22.25 -13.73 -11.07
C LYS A 427 20.95 -13.86 -10.28
N SER A 428 20.93 -14.71 -9.26
CA SER A 428 19.77 -14.91 -8.35
C SER A 428 19.53 -13.64 -7.52
N ILE A 429 20.46 -12.68 -7.53
CA ILE A 429 20.33 -11.39 -6.80
C ILE A 429 19.07 -10.67 -7.29
N GLY A 430 18.67 -10.87 -8.54
CA GLY A 430 17.47 -10.24 -9.12
C GLY A 430 16.21 -10.57 -8.34
N GLY A 431 16.18 -11.71 -7.66
CA GLY A 431 15.02 -12.18 -6.87
C GLY A 431 14.90 -11.53 -5.50
N ALA A 432 15.89 -10.73 -5.09
CA ALA A 432 15.87 -10.09 -3.74
C ALA A 432 15.08 -8.79 -3.84
N SER A 433 13.75 -8.88 -3.85
CA SER A 433 12.83 -7.72 -4.01
C SER A 433 12.97 -6.75 -2.83
N ASN A 434 13.01 -7.26 -1.60
CA ASN A 434 12.97 -6.41 -0.37
C ASN A 434 14.36 -5.87 -0.05
N LEU A 435 15.43 -6.40 -0.64
CA LEU A 435 16.81 -5.95 -0.31
C LEU A 435 16.91 -4.43 -0.53
N SER A 436 17.30 -3.70 0.51
CA SER A 436 17.52 -2.24 0.45
C SER A 436 18.98 -1.94 0.74
N LEU A 437 19.58 -2.71 1.63
CA LEU A 437 20.99 -2.48 2.06
C LEU A 437 21.80 -3.75 1.80
N LEU A 438 22.79 -3.68 0.91
CA LEU A 438 23.71 -4.82 0.61
C LEU A 438 25.12 -4.42 1.00
N ILE A 439 25.68 -5.05 2.04
CA ILE A 439 27.02 -4.68 2.58
C ILE A 439 27.92 -5.91 2.49
N LEU A 440 28.82 -5.94 1.49
CA LEU A 440 29.71 -7.08 1.21
C LEU A 440 31.16 -6.66 1.43
N SER A 441 31.38 -5.58 2.18
CA SER A 441 32.71 -4.92 2.30
C SER A 441 33.71 -5.84 3.03
N ASN A 442 35.00 -5.67 2.71
CA ASN A 442 36.17 -6.34 3.35
C ASN A 442 36.03 -7.86 3.28
N ASN A 443 35.66 -8.41 2.11
CA ASN A 443 35.67 -9.87 1.86
C ASN A 443 36.60 -10.15 0.68
N GLU A 444 36.82 -11.43 0.35
CA GLU A 444 37.73 -11.86 -0.73
C GLU A 444 36.90 -12.17 -1.99
N PHE A 445 35.70 -11.59 -2.10
CA PHE A 445 34.78 -11.83 -3.22
C PHE A 445 35.43 -11.36 -4.52
N THR A 446 35.15 -12.05 -5.62
CA THR A 446 35.71 -11.74 -6.96
C THR A 446 34.59 -11.71 -8.00
N GLY A 447 34.85 -11.17 -9.18
CA GLY A 447 33.95 -11.30 -10.34
C GLY A 447 33.40 -9.96 -10.81
N SER A 448 32.51 -9.99 -11.80
CA SER A 448 31.81 -8.81 -12.36
C SER A 448 30.41 -8.73 -11.76
N LEU A 449 29.97 -7.54 -11.37
CA LEU A 449 28.65 -7.37 -10.73
C LEU A 449 27.58 -7.85 -11.71
N PRO A 450 26.65 -8.74 -11.29
CA PRO A 450 25.62 -9.22 -12.19
C PRO A 450 24.70 -8.09 -12.70
N GLU A 451 24.22 -8.19 -13.94
CA GLU A 451 23.26 -7.21 -14.52
C GLU A 451 21.97 -7.24 -13.71
N GLU A 452 21.67 -8.36 -13.05
CA GLU A 452 20.45 -8.56 -12.24
C GLU A 452 20.45 -7.64 -11.02
N ILE A 453 21.58 -7.03 -10.67
CA ILE A 453 21.66 -6.01 -9.58
C ILE A 453 20.74 -4.83 -9.96
N GLY A 454 20.69 -4.46 -11.24
CA GLY A 454 19.81 -3.41 -11.80
C GLY A 454 18.33 -3.72 -11.57
N SER A 455 17.95 -4.99 -11.47
CA SER A 455 16.57 -5.44 -11.14
C SER A 455 16.11 -4.84 -9.81
N LEU A 456 17.04 -4.71 -8.86
CA LEU A 456 16.76 -4.31 -7.45
C LEU A 456 16.68 -2.78 -7.38
N ASP A 457 15.56 -2.20 -7.82
CA ASP A 457 15.38 -0.73 -7.87
C ASP A 457 15.26 -0.22 -6.43
N ASN A 458 14.63 -1.00 -5.57
CA ASN A 458 14.37 -0.61 -4.17
C ASN A 458 15.66 -0.58 -3.37
N LEU A 459 16.79 -1.04 -3.93
CA LEU A 459 18.09 -1.11 -3.24
C LEU A 459 18.54 0.32 -2.95
N ASN A 460 18.95 0.59 -1.71
CA ASN A 460 19.31 1.95 -1.22
C ASN A 460 20.81 2.04 -0.93
N GLN A 461 21.44 0.96 -0.45
CA GLN A 461 22.88 1.00 -0.10
C GLN A 461 23.62 -0.18 -0.73
N LEU A 462 24.72 0.10 -1.44
CA LEU A 462 25.63 -0.95 -1.93
C LEU A 462 27.04 -0.62 -1.44
N SER A 463 27.60 -1.44 -0.58
CA SER A 463 28.99 -1.25 -0.09
C SER A 463 29.79 -2.53 -0.35
N ALA A 464 30.75 -2.49 -1.26
CA ALA A 464 31.57 -3.65 -1.64
C ALA A 464 33.05 -3.30 -1.51
N SER A 465 33.40 -2.51 -0.49
CA SER A 465 34.79 -2.02 -0.30
C SER A 465 35.69 -3.21 0.06
N GLY A 466 36.99 -3.13 -0.26
CA GLY A 466 37.96 -4.18 0.10
C GLY A 466 37.59 -5.54 -0.46
N ASN A 467 37.16 -5.58 -1.73
CA ASN A 467 36.85 -6.84 -2.43
C ASN A 467 37.71 -6.91 -3.70
N LYS A 468 37.71 -8.06 -4.37
CA LYS A 468 38.53 -8.25 -5.59
C LYS A 468 37.60 -8.26 -6.82
N PHE A 469 36.44 -7.62 -6.72
CA PHE A 469 35.47 -7.53 -7.85
C PHE A 469 36.16 -6.76 -8.99
N SER A 470 35.83 -7.09 -10.24
CA SER A 470 36.52 -6.51 -11.42
C SER A 470 35.53 -6.31 -12.56
N GLY A 471 35.96 -5.60 -13.61
CA GLY A 471 35.20 -5.49 -14.86
C GLY A 471 34.38 -4.22 -14.92
N SER A 472 33.63 -4.05 -16.00
CA SER A 472 32.78 -2.86 -16.24
C SER A 472 31.55 -2.94 -15.34
N LEU A 473 31.12 -1.80 -14.80
CA LEU A 473 29.89 -1.72 -13.99
C LEU A 473 28.72 -2.07 -14.89
N PRO A 474 27.77 -2.93 -14.45
CA PRO A 474 26.61 -3.23 -15.27
C PRO A 474 25.88 -1.92 -15.58
N ASP A 475 25.44 -1.75 -16.83
CA ASP A 475 24.64 -0.56 -17.22
C ASP A 475 23.37 -0.53 -16.38
N SER A 476 22.91 -1.71 -15.93
CA SER A 476 21.73 -1.86 -15.05
C SER A 476 21.94 -1.13 -13.72
N LEU A 477 23.17 -1.10 -13.20
CA LEU A 477 23.49 -0.44 -11.90
C LEU A 477 23.05 1.02 -11.95
N MET A 478 23.18 1.66 -13.12
CA MET A 478 22.79 3.09 -13.34
C MET A 478 21.27 3.26 -13.26
N SER A 479 20.49 2.17 -13.38
CA SER A 479 19.01 2.19 -13.31
C SER A 479 18.52 2.26 -11.87
N LEU A 480 19.40 2.10 -10.87
CA LEU A 480 19.02 2.09 -9.44
C LEU A 480 18.89 3.54 -8.96
N GLY A 481 17.75 4.19 -9.22
CA GLY A 481 17.53 5.59 -8.81
C GLY A 481 17.49 5.75 -7.29
N GLU A 482 16.90 4.80 -6.57
CA GLU A 482 16.66 4.89 -5.10
C GLU A 482 17.97 4.73 -4.32
N LEU A 483 19.06 4.35 -4.99
CA LEU A 483 20.37 4.14 -4.34
C LEU A 483 20.85 5.45 -3.74
N GLY A 484 21.20 5.43 -2.45
CA GLY A 484 21.71 6.60 -1.71
C GLY A 484 23.18 6.45 -1.39
N THR A 485 23.69 5.23 -1.28
CA THR A 485 25.15 5.01 -1.07
C THR A 485 25.67 3.96 -2.07
N LEU A 486 26.75 4.30 -2.77
CA LEU A 486 27.51 3.33 -3.60
C LEU A 486 28.98 3.43 -3.19
N ASP A 487 29.51 2.41 -2.52
CA ASP A 487 30.94 2.36 -2.11
C ASP A 487 31.57 1.14 -2.77
N LEU A 488 32.37 1.37 -3.82
CA LEU A 488 33.00 0.28 -4.60
C LEU A 488 34.53 0.37 -4.47
N HIS A 489 35.01 0.94 -3.37
CA HIS A 489 36.44 1.28 -3.19
C HIS A 489 37.23 -0.01 -2.91
N GLY A 490 38.52 0.00 -3.23
CA GLY A 490 39.43 -1.14 -2.98
C GLY A 490 39.01 -2.34 -3.79
N ASN A 491 38.74 -2.12 -5.08
CA ASN A 491 38.29 -3.16 -6.03
C ASN A 491 39.10 -3.03 -7.32
N GLN A 492 38.94 -3.99 -8.24
CA GLN A 492 39.68 -4.02 -9.52
C GLN A 492 38.72 -3.61 -10.64
N PHE A 493 37.66 -2.87 -10.33
CA PHE A 493 36.63 -2.46 -11.32
C PHE A 493 37.30 -1.64 -12.43
N SER A 494 36.90 -1.90 -13.67
CA SER A 494 37.48 -1.23 -14.86
C SER A 494 36.35 -0.67 -15.73
N GLY A 495 36.68 0.25 -16.61
CA GLY A 495 35.71 0.76 -17.60
C GLY A 495 35.42 2.23 -17.42
N GLU A 496 34.49 2.74 -18.23
CA GLU A 496 34.15 4.19 -18.29
C GLU A 496 32.76 4.37 -17.70
N LEU A 497 32.56 5.45 -16.94
CA LEU A 497 31.21 5.82 -16.44
C LEU A 497 30.38 6.32 -17.62
N THR A 498 29.09 5.96 -17.69
CA THR A 498 28.22 6.32 -18.84
C THR A 498 27.41 7.56 -18.50
N SER A 499 26.65 8.07 -19.47
CA SER A 499 25.71 9.21 -19.28
C SER A 499 24.56 8.77 -18.36
N GLY A 500 24.35 7.46 -18.23
CA GLY A 500 23.24 6.87 -17.46
C GLY A 500 23.36 7.12 -15.97
N ILE A 501 24.50 7.64 -15.50
CA ILE A 501 24.71 7.98 -14.07
C ILE A 501 23.69 9.06 -13.67
N LYS A 502 23.08 9.73 -14.65
CA LYS A 502 22.05 10.77 -14.45
C LYS A 502 20.88 10.21 -13.62
N SER A 503 20.58 8.92 -13.77
CA SER A 503 19.47 8.22 -13.05
C SER A 503 19.76 8.11 -11.55
N TRP A 504 21.01 8.31 -11.11
CA TRP A 504 21.35 8.28 -9.66
C TRP A 504 20.96 9.62 -9.02
N LYS A 505 19.68 9.98 -9.11
CA LYS A 505 19.15 11.28 -8.63
C LYS A 505 19.20 11.32 -7.10
N LYS A 506 18.99 10.18 -6.43
CA LYS A 506 18.90 10.12 -4.95
C LYS A 506 20.26 9.73 -4.33
N LEU A 507 21.34 9.68 -5.12
CA LEU A 507 22.66 9.22 -4.61
C LEU A 507 23.25 10.30 -3.71
N ASN A 508 23.59 9.94 -2.47
CA ASN A 508 24.24 10.87 -1.50
C ASN A 508 25.76 10.67 -1.59
N GLU A 509 26.22 9.43 -1.73
CA GLU A 509 27.67 9.12 -1.73
C GLU A 509 28.03 8.20 -2.90
N LEU A 510 29.10 8.56 -3.62
CA LEU A 510 29.71 7.70 -4.66
C LEU A 510 31.20 7.58 -4.32
N ASN A 511 31.67 6.36 -4.03
CA ASN A 511 33.11 6.13 -3.79
C ASN A 511 33.60 5.08 -4.78
N LEU A 512 34.44 5.49 -5.74
CA LEU A 512 35.01 4.58 -6.76
C LEU A 512 36.54 4.57 -6.63
N ALA A 513 37.07 4.91 -5.46
CA ALA A 513 38.52 5.08 -5.20
C ALA A 513 39.25 3.74 -5.19
N ASP A 514 40.55 3.77 -5.48
CA ASP A 514 41.41 2.55 -5.49
C ASP A 514 40.75 1.54 -6.44
N ASN A 515 40.51 1.95 -7.68
CA ASN A 515 39.93 1.13 -8.76
C ASN A 515 40.69 1.41 -10.07
N GLU A 516 40.40 0.64 -11.12
CA GLU A 516 41.06 0.76 -12.44
C GLU A 516 40.11 1.44 -13.45
N PHE A 517 39.16 2.25 -12.99
CA PHE A 517 38.18 2.95 -13.86
C PHE A 517 38.92 3.93 -14.77
N THR A 518 38.52 3.99 -16.05
CA THR A 518 39.20 4.80 -17.08
C THR A 518 38.15 5.65 -17.79
N GLY A 519 38.57 6.70 -18.49
CA GLY A 519 37.68 7.51 -19.35
C GLY A 519 37.36 8.84 -18.71
N LYS A 520 36.50 9.64 -19.37
CA LYS A 520 36.14 11.00 -18.92
C LYS A 520 35.01 10.93 -17.90
N ILE A 521 35.00 11.85 -16.91
CA ILE A 521 33.86 11.97 -15.97
C ILE A 521 32.67 12.44 -16.78
N PRO A 522 31.51 11.76 -16.74
CA PRO A 522 30.35 12.14 -17.54
C PRO A 522 29.91 13.54 -17.09
N ASP A 523 29.45 14.37 -18.01
CA ASP A 523 29.05 15.76 -17.69
C ASP A 523 27.71 15.74 -16.94
N GLU A 524 27.10 14.57 -16.80
CA GLU A 524 25.80 14.40 -16.10
C GLU A 524 26.01 14.31 -14.58
N ILE A 525 27.25 14.44 -14.09
CA ILE A 525 27.55 14.34 -12.63
C ILE A 525 26.80 15.44 -11.89
N GLY A 526 26.70 16.64 -12.46
CA GLY A 526 25.99 17.80 -11.85
C GLY A 526 24.51 17.54 -11.67
N SER A 527 23.92 16.71 -12.54
CA SER A 527 22.46 16.39 -12.55
C SER A 527 22.08 15.54 -11.33
N LEU A 528 23.07 15.05 -10.58
CA LEU A 528 22.81 14.28 -9.34
C LEU A 528 22.48 15.28 -8.23
N SER A 529 21.20 15.44 -7.93
CA SER A 529 20.68 16.53 -7.07
C SER A 529 21.24 16.45 -5.65
N VAL A 530 21.34 15.25 -5.06
CA VAL A 530 21.69 15.10 -3.62
C VAL A 530 23.09 14.51 -3.46
N LEU A 531 23.92 14.51 -4.51
CA LEU A 531 25.32 14.07 -4.37
C LEU A 531 26.07 15.08 -3.49
N ASN A 532 26.60 14.64 -2.36
CA ASN A 532 27.33 15.51 -1.40
C ASN A 532 28.77 15.02 -1.23
N TYR A 533 29.03 13.73 -1.46
CA TYR A 533 30.37 13.12 -1.24
C TYR A 533 30.79 12.34 -2.49
N LEU A 534 31.90 12.74 -3.11
CA LEU A 534 32.43 12.07 -4.34
C LEU A 534 33.90 11.70 -4.15
N ASP A 535 34.25 10.42 -4.26
CA ASP A 535 35.67 10.00 -4.24
C ASP A 535 35.95 9.19 -5.50
N LEU A 536 36.70 9.78 -6.43
CA LEU A 536 37.14 9.12 -7.67
C LEU A 536 38.66 9.01 -7.66
N SER A 537 39.27 9.17 -6.47
CA SER A 537 40.75 9.17 -6.29
C SER A 537 41.32 7.79 -6.62
N GLY A 538 42.58 7.71 -7.04
CA GLY A 538 43.27 6.44 -7.33
C GLY A 538 42.54 5.70 -8.44
N ASN A 539 42.40 6.34 -9.59
CA ASN A 539 41.76 5.78 -10.81
C ASN A 539 42.55 6.28 -12.02
N MET A 540 42.08 5.97 -13.22
CA MET A 540 42.70 6.45 -14.48
C MET A 540 41.69 7.31 -15.24
N PHE A 541 40.82 8.04 -14.55
CA PHE A 541 39.85 8.98 -15.16
C PHE A 541 40.65 10.10 -15.85
N SER A 542 40.26 10.44 -17.08
CA SER A 542 41.04 11.38 -17.94
C SER A 542 40.13 12.46 -18.51
N GLY A 543 40.73 13.46 -19.15
CA GLY A 543 39.98 14.53 -19.84
C GLY A 543 39.62 15.66 -18.89
N LYS A 544 38.85 16.64 -19.36
CA LYS A 544 38.58 17.87 -18.57
C LYS A 544 37.48 17.60 -17.54
N ILE A 545 37.64 18.15 -16.34
CA ILE A 545 36.65 18.06 -15.23
C ILE A 545 35.36 18.72 -15.74
N PRO A 546 34.18 18.08 -15.59
CA PRO A 546 32.90 18.70 -15.95
C PRO A 546 32.69 20.02 -15.21
N VAL A 547 32.19 21.05 -15.90
CA VAL A 547 31.84 22.36 -15.27
C VAL A 547 30.62 22.17 -14.38
N SER A 548 29.86 21.09 -14.62
CA SER A 548 28.63 20.75 -13.86
C SER A 548 28.98 20.46 -12.40
N LEU A 549 30.22 20.04 -12.12
CA LEU A 549 30.66 19.70 -10.74
C LEU A 549 30.53 20.92 -9.84
N GLN A 550 30.80 22.11 -10.36
CA GLN A 550 30.67 23.38 -9.60
C GLN A 550 29.23 23.55 -9.09
N SER A 551 28.23 23.23 -9.92
CA SER A 551 26.79 23.36 -9.59
C SER A 551 26.47 22.49 -8.36
N LEU A 552 27.10 21.32 -8.24
CA LEU A 552 26.93 20.43 -7.08
C LEU A 552 27.45 21.13 -5.82
N LYS A 553 26.78 20.94 -4.69
CA LYS A 553 27.26 21.39 -3.37
C LYS A 553 27.89 20.15 -2.73
N LEU A 554 29.22 20.04 -2.71
CA LEU A 554 29.89 18.80 -2.23
C LEU A 554 30.65 19.11 -0.94
N ASN A 555 30.39 18.32 0.12
CA ASN A 555 31.10 18.37 1.43
C ASN A 555 32.43 17.61 1.36
N GLN A 556 32.50 16.55 0.54
CA GLN A 556 33.75 15.80 0.27
C GLN A 556 33.93 15.65 -1.25
N LEU A 557 35.06 16.14 -1.79
CA LEU A 557 35.41 15.89 -3.22
C LEU A 557 36.88 15.49 -3.33
N ASN A 558 37.17 14.31 -3.88
CA ASN A 558 38.56 13.89 -4.19
C ASN A 558 38.61 13.34 -5.63
N LEU A 559 39.40 14.00 -6.48
CA LEU A 559 39.69 13.53 -7.85
C LEU A 559 41.19 13.29 -7.97
N SER A 560 41.88 13.14 -6.83
CA SER A 560 43.35 13.00 -6.74
C SER A 560 43.81 11.70 -7.40
N TYR A 561 45.06 11.69 -7.87
CA TYR A 561 45.73 10.51 -8.48
C TYR A 561 44.83 9.93 -9.58
N ASN A 562 44.56 10.74 -10.61
CA ASN A 562 43.84 10.34 -11.85
C ASN A 562 44.63 10.89 -13.04
N ARG A 563 44.11 10.73 -14.26
CA ARG A 563 44.77 11.24 -15.48
C ARG A 563 44.05 12.49 -15.98
N LEU A 564 43.27 13.14 -15.11
CA LEU A 564 42.41 14.30 -15.47
C LEU A 564 43.30 15.42 -15.96
N SER A 565 42.90 16.11 -17.03
CA SER A 565 43.72 17.21 -17.63
C SER A 565 42.85 18.45 -17.88
N GLY A 566 43.48 19.57 -18.25
CA GLY A 566 42.80 20.86 -18.47
C GLY A 566 42.95 21.79 -17.27
N ASP A 567 42.40 23.00 -17.35
CA ASP A 567 42.49 24.02 -16.28
C ASP A 567 41.40 23.77 -15.23
N LEU A 568 41.73 23.95 -13.95
CA LEU A 568 40.76 23.86 -12.82
C LEU A 568 39.79 25.03 -12.91
N PRO A 569 38.46 24.80 -12.93
CA PRO A 569 37.49 25.89 -12.99
C PRO A 569 37.63 26.89 -11.84
N PRO A 570 37.07 28.11 -11.95
CA PRO A 570 37.33 29.17 -10.98
C PRO A 570 36.93 28.87 -9.52
N SER A 571 35.79 28.21 -9.32
CA SER A 571 35.29 27.80 -7.99
C SER A 571 36.29 26.83 -7.33
N LEU A 572 36.85 25.92 -8.12
CA LEU A 572 37.74 24.84 -7.61
C LEU A 572 39.08 25.42 -7.10
N ALA A 573 39.40 26.67 -7.44
CA ALA A 573 40.67 27.33 -7.10
C ALA A 573 40.88 27.44 -5.58
N LYS A 574 39.82 27.35 -4.79
CA LYS A 574 39.85 27.63 -3.34
C LYS A 574 40.73 26.60 -2.63
N ASP A 575 41.34 27.00 -1.51
CA ASP A 575 42.18 26.11 -0.68
C ASP A 575 41.32 24.99 -0.09
N MET A 576 39.99 25.09 -0.15
CA MET A 576 39.09 23.98 0.26
C MET A 576 39.16 22.84 -0.77
N TYR A 577 39.73 23.08 -1.95
CA TYR A 577 39.94 22.02 -2.97
C TYR A 577 41.43 21.78 -3.14
N LYS A 578 42.22 22.06 -2.10
CA LYS A 578 43.71 21.94 -2.09
C LYS A 578 44.15 20.51 -2.37
N ASN A 579 43.67 19.56 -1.58
CA ASN A 579 44.14 18.15 -1.61
C ASN A 579 43.17 17.33 -2.46
N SER A 580 42.23 17.99 -3.12
CA SER A 580 41.21 17.33 -3.98
C SER A 580 41.82 16.86 -5.31
N PHE A 581 42.77 17.60 -5.90
CA PHE A 581 43.25 17.31 -7.29
C PHE A 581 44.75 17.00 -7.36
N ILE A 582 45.42 16.64 -6.25
CA ILE A 582 46.85 16.21 -6.24
C ILE A 582 46.99 14.96 -7.12
N GLY A 583 48.10 14.83 -7.85
CA GLY A 583 48.44 13.60 -8.60
C GLY A 583 47.78 13.48 -9.97
N ASN A 584 47.04 14.48 -10.43
CA ASN A 584 46.58 14.54 -11.84
C ASN A 584 47.57 15.44 -12.58
N PRO A 585 48.41 14.88 -13.47
CA PRO A 585 49.50 15.64 -14.09
C PRO A 585 49.06 16.86 -14.93
N GLY A 586 48.00 16.70 -15.75
CA GLY A 586 47.51 17.75 -16.65
C GLY A 586 46.59 18.74 -15.97
N LEU A 587 46.50 18.72 -14.63
CA LEU A 587 45.66 19.66 -13.84
C LEU A 587 46.54 20.84 -13.46
N CYS A 588 46.26 22.01 -14.01
CA CYS A 588 47.00 23.27 -13.71
C CYS A 588 45.99 24.28 -13.16
N GLY A 589 46.18 24.76 -11.93
CA GLY A 589 45.12 25.49 -11.20
C GLY A 589 45.66 26.46 -10.17
N ASP A 590 44.82 27.34 -9.64
CA ASP A 590 45.23 28.47 -8.76
C ASP A 590 45.87 27.98 -7.44
N ILE A 591 45.50 26.80 -6.92
CA ILE A 591 45.89 26.38 -5.55
C ILE A 591 47.41 26.37 -5.48
N LYS A 592 47.95 26.68 -4.31
CA LYS A 592 49.41 26.64 -4.02
C LYS A 592 49.85 25.17 -4.00
N GLY A 593 50.78 24.80 -4.87
CA GLY A 593 51.32 23.43 -4.98
C GLY A 593 50.90 22.74 -6.26
N LEU A 594 49.69 23.03 -6.77
CA LEU A 594 49.24 22.45 -8.07
C LEU A 594 50.13 23.03 -9.17
N CYS A 595 50.47 22.25 -10.20
CA CYS A 595 51.25 22.76 -11.35
C CYS A 595 52.21 23.84 -10.85
N ASN B 8 20.38 2.92 21.38
CA ASN B 8 21.30 3.69 22.27
C ASN B 8 20.85 5.17 22.30
N LEU B 9 21.60 6.02 23.00
CA LEU B 9 21.25 7.46 23.21
C LEU B 9 21.12 8.15 21.85
N GLU B 10 22.06 7.90 20.93
CA GLU B 10 22.11 8.55 19.60
C GLU B 10 20.85 8.17 18.81
N GLY B 11 20.46 6.89 18.80
CA GLY B 11 19.27 6.39 18.10
C GLY B 11 18.00 6.99 18.69
N ASP B 12 17.94 7.11 20.01
CA ASP B 12 16.77 7.68 20.73
C ASP B 12 16.61 9.14 20.31
N ALA B 13 17.71 9.88 20.25
CA ALA B 13 17.71 11.30 19.85
C ALA B 13 17.19 11.42 18.41
N LEU B 14 17.64 10.55 17.51
CA LEU B 14 17.20 10.57 16.09
C LEU B 14 15.72 10.18 15.99
N HIS B 15 15.27 9.22 16.80
CA HIS B 15 13.86 8.78 16.77
C HIS B 15 12.96 9.93 17.22
N THR B 16 13.39 10.66 18.26
CA THR B 16 12.67 11.88 18.72
C THR B 16 12.45 12.78 17.50
N LEU B 17 13.46 12.97 16.66
CA LEU B 17 13.35 13.82 15.45
C LEU B 17 12.30 13.21 14.52
N ARG B 18 12.27 11.88 14.41
CA ARG B 18 11.31 11.18 13.51
C ARG B 18 9.89 11.55 13.92
N VAL B 19 9.63 11.57 15.24
CA VAL B 19 8.28 11.81 15.81
C VAL B 19 7.82 13.25 15.48
N THR B 20 8.74 14.24 15.51
CA THR B 20 8.44 15.69 15.34
C THR B 20 8.50 16.11 13.87
N LEU B 21 9.03 15.27 12.99
CA LEU B 21 9.10 15.55 11.54
C LEU B 21 7.88 14.89 10.89
N VAL B 22 7.40 15.44 9.78
CA VAL B 22 6.37 14.78 8.91
C VAL B 22 7.10 14.13 7.74
N ASP B 23 6.92 12.81 7.58
CA ASP B 23 7.64 12.01 6.56
C ASP B 23 6.61 11.34 5.64
N PRO B 24 6.13 12.05 4.59
CA PRO B 24 5.12 11.49 3.69
C PRO B 24 5.57 10.24 2.92
N ASN B 25 6.85 10.15 2.54
CA ASN B 25 7.37 9.08 1.63
C ASN B 25 7.92 7.92 2.47
N ASN B 26 7.90 8.06 3.80
CA ASN B 26 8.38 7.05 4.79
C ASN B 26 9.86 6.78 4.54
N VAL B 27 10.65 7.84 4.34
CA VAL B 27 12.12 7.75 4.18
C VAL B 27 12.77 7.34 5.51
N LEU B 28 12.10 7.52 6.66
CA LEU B 28 12.71 7.23 7.98
C LEU B 28 12.18 5.90 8.52
N GLN B 29 11.67 5.02 7.66
CA GLN B 29 11.08 3.73 8.07
C GLN B 29 12.15 2.85 8.71
N SER B 30 13.39 2.91 8.23
CA SER B 30 14.52 2.09 8.75
C SER B 30 14.83 2.45 10.21
N TRP B 31 14.37 3.61 10.68
CA TRP B 31 14.72 4.13 12.02
C TRP B 31 13.92 3.38 13.09
N ASP B 32 14.22 2.10 13.29
CA ASP B 32 13.63 1.27 14.37
C ASP B 32 14.39 1.60 15.67
N PRO B 33 13.71 2.14 16.70
CA PRO B 33 14.37 2.44 17.97
C PRO B 33 14.86 1.18 18.69
N THR B 34 14.28 0.03 18.36
CA THR B 34 14.61 -1.27 19.02
C THR B 34 15.97 -1.78 18.51
N LEU B 35 16.49 -1.24 17.40
CA LEU B 35 17.86 -1.58 16.92
C LEU B 35 18.89 -1.05 17.92
N VAL B 36 19.97 -1.80 18.15
CA VAL B 36 20.96 -1.51 19.23
C VAL B 36 21.59 -0.15 18.96
N ASN B 37 21.89 0.14 17.69
CA ASN B 37 22.46 1.44 17.28
C ASN B 37 21.80 1.83 15.96
N PRO B 38 21.85 3.13 15.58
CA PRO B 38 21.15 3.62 14.39
C PRO B 38 21.93 3.51 13.06
N CYS B 39 23.11 2.90 13.08
CA CYS B 39 24.07 2.90 11.94
C CYS B 39 23.48 2.13 10.75
N THR B 40 22.72 1.07 11.01
CA THR B 40 22.12 0.19 9.97
C THR B 40 20.96 0.91 9.30
N TRP B 41 20.47 1.98 9.92
CA TRP B 41 19.37 2.81 9.39
C TRP B 41 19.81 3.40 8.05
N PHE B 42 18.92 3.49 7.07
CA PHE B 42 19.20 4.24 5.82
C PHE B 42 19.17 5.73 6.17
N HIS B 43 20.01 6.54 5.50
CA HIS B 43 20.10 8.01 5.71
C HIS B 43 20.96 8.32 6.96
N VAL B 44 21.47 7.30 7.66
CA VAL B 44 22.36 7.49 8.83
C VAL B 44 23.67 6.74 8.59
N THR B 45 24.80 7.40 8.82
CA THR B 45 26.15 6.80 8.65
C THR B 45 26.91 6.91 9.98
N CYS B 46 27.73 5.90 10.28
CA CYS B 46 28.43 5.77 11.58
C CYS B 46 29.95 5.66 11.34
N ASN B 47 30.75 5.85 12.39
CA ASN B 47 32.22 5.64 12.35
C ASN B 47 32.52 4.17 12.66
N ASN B 48 33.79 3.81 12.72
CA ASN B 48 34.27 2.43 13.02
C ASN B 48 33.92 2.07 14.47
N GLU B 49 33.63 3.06 15.31
CA GLU B 49 33.21 2.82 16.73
C GLU B 49 31.69 2.93 16.87
N ASN B 50 30.95 2.89 15.74
CA ASN B 50 29.47 2.81 15.71
C ASN B 50 28.87 4.07 16.34
N SER B 51 29.45 5.24 16.07
CA SER B 51 28.91 6.56 16.49
C SER B 51 28.49 7.33 15.24
N VAL B 52 27.31 7.96 15.26
CA VAL B 52 26.72 8.62 14.06
C VAL B 52 27.65 9.76 13.64
N ILE B 53 28.04 9.80 12.36
CA ILE B 53 28.87 10.89 11.78
C ILE B 53 28.09 11.63 10.68
N ARG B 54 27.07 11.02 10.07
CA ARG B 54 26.28 11.67 8.99
C ARG B 54 24.79 11.40 9.16
N VAL B 55 23.95 12.41 8.93
CA VAL B 55 22.49 12.26 8.71
C VAL B 55 22.18 12.84 7.34
N ASP B 56 21.84 12.00 6.36
CA ASP B 56 21.67 12.45 4.95
C ASP B 56 20.18 12.41 4.58
N LEU B 57 19.49 13.55 4.72
CA LEU B 57 18.02 13.65 4.54
C LEU B 57 17.66 14.78 3.56
N GLY B 58 18.57 15.18 2.68
CA GLY B 58 18.29 16.23 1.67
C GLY B 58 17.22 15.78 0.69
N ASN B 59 16.34 16.71 0.29
CA ASN B 59 15.32 16.51 -0.78
C ASN B 59 14.47 15.26 -0.48
N ALA B 60 14.00 15.12 0.77
CA ALA B 60 13.23 13.94 1.25
C ALA B 60 11.74 14.28 1.45
N GLU B 61 11.29 15.47 1.03
CA GLU B 61 9.90 16.00 1.23
C GLU B 61 9.53 15.96 2.72
N LEU B 62 10.48 16.22 3.61
CA LEU B 62 10.24 16.28 5.08
C LEU B 62 9.67 17.65 5.45
N SER B 63 8.66 17.69 6.31
CA SER B 63 8.17 18.93 6.96
C SER B 63 8.15 18.71 8.46
N GLY B 64 7.71 19.68 9.23
CA GLY B 64 7.71 19.62 10.70
C GLY B 64 8.87 20.43 11.23
N HIS B 65 9.41 20.06 12.37
CA HIS B 65 10.43 20.89 13.05
C HIS B 65 11.55 20.01 13.61
N LEU B 66 12.71 20.62 13.82
CA LEU B 66 13.89 19.94 14.42
C LEU B 66 13.67 19.83 15.94
N VAL B 67 14.52 19.06 16.60
CA VAL B 67 14.47 18.88 18.08
C VAL B 67 15.83 19.23 18.64
N PRO B 68 15.90 19.71 19.90
CA PRO B 68 17.18 19.94 20.56
C PRO B 68 18.01 18.67 20.80
N GLU B 69 17.38 17.48 20.78
CA GLU B 69 18.05 16.18 21.03
C GLU B 69 19.09 15.87 19.93
N LEU B 70 19.05 16.57 18.79
CA LEU B 70 20.09 16.45 17.73
C LEU B 70 21.46 16.76 18.32
N GLY B 71 21.50 17.59 19.37
CA GLY B 71 22.71 17.98 20.10
C GLY B 71 23.46 16.82 20.75
N VAL B 72 22.78 15.72 21.08
CA VAL B 72 23.37 14.50 21.72
C VAL B 72 24.41 13.85 20.80
N LEU B 73 24.34 14.04 19.47
CA LEU B 73 25.21 13.34 18.48
C LEU B 73 26.59 13.99 18.41
N LYS B 74 27.44 13.76 19.42
CA LYS B 74 28.70 14.53 19.57
C LYS B 74 29.67 14.26 18.43
N ASN B 75 29.63 13.11 17.74
CA ASN B 75 30.62 12.83 16.65
C ASN B 75 30.01 13.06 15.27
N LEU B 76 28.82 13.66 15.17
CA LEU B 76 28.19 13.99 13.86
C LEU B 76 29.04 15.03 13.15
N GLN B 77 29.32 14.83 11.86
CA GLN B 77 30.17 15.72 11.04
C GLN B 77 29.29 16.41 10.00
N TYR B 78 28.28 15.72 9.48
CA TYR B 78 27.45 16.26 8.37
C TYR B 78 25.98 16.22 8.75
N LEU B 79 25.33 17.37 8.91
CA LEU B 79 23.87 17.44 9.10
C LEU B 79 23.19 17.96 7.83
N GLU B 80 22.58 17.09 7.03
CA GLU B 80 22.04 17.46 5.69
C GLU B 80 20.53 17.35 5.71
N LEU B 81 19.83 18.47 5.90
CA LEU B 81 18.34 18.51 5.94
C LEU B 81 17.82 19.39 4.81
N TYR B 82 18.61 19.60 3.76
CA TYR B 82 18.36 20.63 2.72
C TYR B 82 17.21 20.19 1.80
N SER B 83 16.70 21.14 1.00
CA SER B 83 15.62 20.94 0.00
C SER B 83 14.41 20.23 0.60
N ASN B 84 13.96 20.65 1.79
CA ASN B 84 12.74 20.12 2.45
C ASN B 84 11.82 21.30 2.79
N ASN B 85 10.70 21.06 3.47
CA ASN B 85 9.77 22.13 3.92
C ASN B 85 9.79 22.20 5.46
N ILE B 86 10.95 21.98 6.08
CA ILE B 86 11.07 22.00 7.58
C ILE B 86 10.87 23.44 8.03
N THR B 87 10.07 23.64 9.08
CA THR B 87 9.74 24.97 9.63
C THR B 87 10.21 25.05 11.09
N GLY B 88 10.09 26.24 11.67
CA GLY B 88 10.47 26.53 13.05
C GLY B 88 11.93 26.97 13.13
N PRO B 89 12.49 27.09 14.35
CA PRO B 89 13.86 27.56 14.54
C PRO B 89 14.92 26.45 14.51
N ILE B 90 16.14 26.86 14.17
CA ILE B 90 17.36 26.03 14.40
C ILE B 90 17.60 26.03 15.90
N PRO B 91 17.67 24.86 16.57
CA PRO B 91 17.96 24.83 18.00
C PRO B 91 19.36 25.28 18.43
N SER B 92 19.48 25.80 19.65
CA SER B 92 20.76 26.15 20.34
C SER B 92 21.64 24.91 20.49
N ASN B 93 21.04 23.76 20.83
CA ASN B 93 21.79 22.53 21.17
C ASN B 93 22.63 22.06 19.97
N LEU B 94 22.36 22.56 18.76
CA LEU B 94 23.18 22.23 17.56
C LEU B 94 24.62 22.70 17.76
N GLY B 95 24.88 23.63 18.67
CA GLY B 95 26.23 24.05 19.05
C GLY B 95 26.98 22.97 19.82
N ASN B 96 26.27 21.98 20.37
CA ASN B 96 26.86 20.90 21.18
C ASN B 96 27.37 19.80 20.23
N LEU B 97 27.17 19.98 18.93
CA LEU B 97 27.70 19.08 17.87
C LEU B 97 29.16 19.45 17.62
N THR B 98 30.06 19.07 18.53
CA THR B 98 31.47 19.52 18.53
C THR B 98 32.17 19.16 17.21
N ASN B 99 31.89 18.00 16.61
CA ASN B 99 32.65 17.51 15.43
C ASN B 99 31.94 17.87 14.13
N LEU B 100 30.91 18.70 14.16
CA LEU B 100 30.13 19.01 12.93
C LEU B 100 31.03 19.75 11.94
N VAL B 101 30.97 19.35 10.67
CA VAL B 101 31.79 19.91 9.56
C VAL B 101 30.87 20.57 8.55
N SER B 102 29.69 20.01 8.29
CA SER B 102 28.69 20.63 7.36
C SER B 102 27.33 20.77 8.04
N LEU B 103 26.78 21.98 8.01
CA LEU B 103 25.37 22.23 8.41
C LEU B 103 24.61 22.78 7.21
N ASP B 104 23.89 21.91 6.48
CA ASP B 104 23.18 22.32 5.24
C ASP B 104 21.68 22.30 5.50
N LEU B 105 21.08 23.47 5.75
CA LEU B 105 19.64 23.59 6.09
C LEU B 105 18.93 24.39 4.99
N TYR B 106 19.55 24.52 3.83
CA TYR B 106 19.10 25.44 2.76
C TYR B 106 17.83 24.88 2.10
N LEU B 107 17.11 25.75 1.38
CA LEU B 107 15.86 25.43 0.65
C LEU B 107 14.84 24.81 1.62
N ASN B 108 14.71 25.39 2.81
CA ASN B 108 13.68 25.00 3.81
C ASN B 108 12.93 26.28 4.19
N SER B 109 12.01 26.20 5.14
CA SER B 109 11.21 27.36 5.62
C SER B 109 11.55 27.60 7.08
N PHE B 110 12.83 27.45 7.46
CA PHE B 110 13.27 27.73 8.84
C PHE B 110 13.02 29.20 9.14
N SER B 111 12.75 29.53 10.39
CA SER B 111 12.46 30.92 10.81
C SER B 111 13.28 31.24 12.05
N GLY B 112 13.23 32.51 12.47
CA GLY B 112 13.81 32.93 13.75
C GLY B 112 15.29 33.23 13.60
N PRO B 113 16.03 33.30 14.73
CA PRO B 113 17.43 33.71 14.71
C PRO B 113 18.42 32.59 14.34
N ILE B 114 19.59 32.98 13.84
CA ILE B 114 20.74 32.06 13.69
C ILE B 114 21.36 31.95 15.08
N PRO B 115 21.34 30.76 15.71
CA PRO B 115 21.81 30.61 17.09
C PRO B 115 23.24 31.11 17.24
N GLU B 116 23.53 31.77 18.36
CA GLU B 116 24.89 32.20 18.72
C GLU B 116 25.75 30.95 18.95
N SER B 117 25.12 29.86 19.39
CA SER B 117 25.76 28.57 19.74
C SER B 117 26.53 28.01 18.54
N LEU B 118 26.14 28.38 17.32
CA LEU B 118 26.78 27.87 16.09
C LEU B 118 28.26 28.25 16.07
N GLY B 119 28.65 29.31 16.79
CA GLY B 119 30.05 29.71 16.95
C GLY B 119 30.86 28.68 17.72
N LYS B 120 30.19 27.81 18.49
CA LYS B 120 30.83 26.77 19.32
C LYS B 120 31.28 25.59 18.45
N LEU B 121 30.85 25.55 17.19
CA LEU B 121 31.23 24.51 16.20
C LEU B 121 32.63 24.84 15.70
N SER B 122 33.65 24.51 16.50
CA SER B 122 35.07 24.88 16.27
C SER B 122 35.60 24.32 14.94
N LYS B 123 35.10 23.15 14.49
CA LYS B 123 35.63 22.45 13.29
C LYS B 123 34.67 22.60 12.10
N LEU B 124 33.66 23.47 12.16
CA LEU B 124 32.65 23.59 11.07
C LEU B 124 33.31 24.17 9.81
N ARG B 125 33.06 23.57 8.65
CA ARG B 125 33.66 23.99 7.37
C ARG B 125 32.59 24.55 6.42
N PHE B 126 31.37 24.02 6.44
CA PHE B 126 30.30 24.48 5.54
C PHE B 126 29.06 24.88 6.34
N LEU B 127 28.59 26.12 6.14
CA LEU B 127 27.31 26.59 6.70
C LEU B 127 26.44 27.10 5.56
N ARG B 128 25.44 26.32 5.12
CA ARG B 128 24.52 26.72 4.03
C ARG B 128 23.10 26.81 4.58
N LEU B 129 22.66 28.04 4.90
CA LEU B 129 21.35 28.33 5.52
C LEU B 129 20.49 29.11 4.53
N ASN B 130 20.88 29.13 3.26
CA ASN B 130 20.28 30.02 2.24
C ASN B 130 18.85 29.55 1.95
N ASN B 131 18.06 30.42 1.33
CA ASN B 131 16.67 30.14 0.92
C ASN B 131 15.89 29.63 2.14
N ASN B 132 15.87 30.45 3.18
CA ASN B 132 15.06 30.23 4.41
C ASN B 132 14.39 31.56 4.77
N SER B 133 13.64 31.60 5.86
CA SER B 133 13.01 32.83 6.38
C SER B 133 13.69 33.20 7.69
N LEU B 134 15.00 32.97 7.80
CA LEU B 134 15.74 33.25 9.06
C LEU B 134 15.77 34.75 9.27
N THR B 135 15.66 35.21 10.51
CA THR B 135 15.56 36.67 10.80
C THR B 135 16.58 37.07 11.86
N GLY B 136 16.93 38.35 11.87
CA GLY B 136 17.81 38.95 12.90
C GLY B 136 19.21 39.17 12.37
N SER B 137 20.17 39.36 13.28
CA SER B 137 21.57 39.68 12.94
C SER B 137 22.39 38.40 12.77
N ILE B 138 23.46 38.48 11.98
CA ILE B 138 24.43 37.37 11.81
C ILE B 138 25.33 37.37 13.03
N PRO B 139 25.34 36.29 13.84
CA PRO B 139 26.11 36.27 15.08
C PRO B 139 27.59 36.54 14.76
N MET B 140 28.27 37.28 15.63
CA MET B 140 29.71 37.58 15.46
C MET B 140 30.51 36.38 15.94
N SER B 141 29.86 35.44 16.63
CA SER B 141 30.49 34.18 17.08
C SER B 141 30.96 33.38 15.87
N LEU B 142 30.24 33.46 14.75
CA LEU B 142 30.51 32.66 13.53
C LEU B 142 31.91 32.97 13.01
N THR B 143 32.34 34.23 13.11
CA THR B 143 33.66 34.70 12.62
C THR B 143 34.77 33.91 13.33
N ASN B 144 34.56 33.53 14.60
CA ASN B 144 35.61 32.87 15.43
C ASN B 144 35.78 31.41 15.00
N ILE B 145 34.94 30.89 14.09
CA ILE B 145 35.12 29.51 13.55
C ILE B 145 36.21 29.59 12.47
N THR B 146 37.43 29.21 12.84
CA THR B 146 38.64 29.29 11.98
C THR B 146 38.44 28.42 10.73
N THR B 147 37.84 27.25 10.90
CA THR B 147 37.69 26.23 9.83
C THR B 147 36.68 26.66 8.77
N LEU B 148 35.85 27.68 9.04
CA LEU B 148 34.76 27.99 8.10
C LEU B 148 35.36 28.33 6.74
N GLN B 149 34.94 27.62 5.70
CA GLN B 149 35.41 27.85 4.31
C GLN B 149 34.23 28.19 3.41
N VAL B 150 33.03 27.75 3.78
CA VAL B 150 31.81 28.07 2.98
C VAL B 150 30.74 28.63 3.90
N LEU B 151 30.12 29.73 3.48
CA LEU B 151 28.98 30.34 4.18
C LEU B 151 27.97 30.88 3.16
N ASP B 152 26.71 30.47 3.21
CA ASP B 152 25.65 31.08 2.37
C ASP B 152 24.44 31.39 3.24
N LEU B 153 24.18 32.67 3.44
CA LEU B 153 23.06 33.19 4.26
C LEU B 153 22.13 33.95 3.33
N SER B 154 22.19 33.64 2.04
CA SER B 154 21.43 34.37 0.99
C SER B 154 19.95 33.99 1.03
N ASN B 155 19.13 34.80 0.38
CA ASN B 155 17.66 34.58 0.25
C ASN B 155 17.11 34.30 1.65
N ASN B 156 17.39 35.23 2.55
CA ASN B 156 16.94 35.21 3.97
C ASN B 156 16.45 36.61 4.32
N ARG B 157 15.84 36.81 5.50
CA ARG B 157 15.36 38.15 5.93
C ARG B 157 16.12 38.56 7.19
N LEU B 158 17.43 38.38 7.18
CA LEU B 158 18.33 38.77 8.29
C LEU B 158 18.59 40.29 8.21
N SER B 159 19.17 40.87 9.25
CA SER B 159 19.31 42.33 9.41
C SER B 159 20.58 42.67 10.21
N GLY B 160 21.15 43.86 10.01
CA GLY B 160 22.19 44.43 10.89
C GLY B 160 23.59 44.31 10.31
N SER B 161 24.61 44.43 11.16
CA SER B 161 26.03 44.41 10.74
C SER B 161 26.39 43.05 10.14
N VAL B 162 27.05 43.06 8.97
CA VAL B 162 27.60 41.83 8.33
C VAL B 162 29.07 41.75 8.74
N PRO B 163 29.47 40.72 9.52
CA PRO B 163 30.85 40.61 9.99
C PRO B 163 31.81 40.48 8.81
N ASP B 164 32.95 41.16 8.89
CA ASP B 164 33.99 41.11 7.82
C ASP B 164 35.32 40.66 8.46
N ASN B 165 35.28 40.14 9.67
CA ASN B 165 36.52 39.77 10.42
C ASN B 165 36.56 38.25 10.56
N GLY B 166 37.76 37.69 10.78
CA GLY B 166 37.99 36.23 10.90
C GLY B 166 37.62 35.50 9.62
N SER B 167 36.90 34.39 9.73
CA SER B 167 36.53 33.49 8.59
C SER B 167 35.71 34.24 7.54
N PHE B 168 34.99 35.28 7.96
CA PHE B 168 34.15 36.13 7.06
C PHE B 168 35.04 37.04 6.21
N SER B 169 36.31 37.17 6.58
CA SER B 169 37.28 38.06 5.89
C SER B 169 37.34 37.66 4.41
N LEU B 170 37.31 36.37 4.11
CA LEU B 170 37.47 35.83 2.74
C LEU B 170 36.12 35.82 2.01
N PHE B 171 34.99 36.09 2.71
CA PHE B 171 33.65 35.83 2.14
C PHE B 171 33.23 36.95 1.19
N THR B 172 32.41 36.57 0.20
CA THR B 172 32.00 37.40 -0.95
C THR B 172 30.55 37.84 -0.77
N PRO B 173 30.10 38.88 -1.50
CA PRO B 173 28.73 39.37 -1.40
C PRO B 173 27.64 38.31 -1.63
N ILE B 174 27.87 37.32 -2.51
CA ILE B 174 26.88 36.26 -2.88
C ILE B 174 26.44 35.51 -1.61
N SER B 175 27.31 35.44 -0.61
CA SER B 175 27.05 34.80 0.71
C SER B 175 25.94 35.55 1.45
N PHE B 176 25.86 36.88 1.34
CA PHE B 176 24.92 37.68 2.18
C PHE B 176 23.81 38.30 1.31
N ALA B 177 23.55 37.79 0.11
CA ALA B 177 22.63 38.39 -0.89
C ALA B 177 21.15 38.22 -0.50
N ASN B 178 20.27 39.08 -1.04
CA ASN B 178 18.79 39.05 -0.88
C ASN B 178 18.41 38.88 0.60
N ASN B 179 18.82 39.83 1.43
CA ASN B 179 18.44 39.88 2.86
C ASN B 179 17.69 41.20 3.09
N LEU B 180 16.94 41.30 4.19
CA LEU B 180 16.03 42.44 4.46
C LEU B 180 16.84 43.74 4.57
N ASP B 181 17.72 43.85 5.58
CA ASP B 181 18.46 45.10 5.87
C ASP B 181 19.83 44.75 6.46
N LEU B 182 20.70 44.15 5.67
CA LEU B 182 22.09 43.88 6.11
C LEU B 182 22.95 45.09 5.76
N CYS B 183 23.66 45.65 6.74
CA CYS B 183 24.58 46.79 6.53
C CYS B 183 26.01 46.26 6.64
N GLY B 184 26.90 46.70 5.76
CA GLY B 184 28.30 46.32 5.92
C GLY B 184 29.14 46.69 4.72
N PRO B 185 30.48 46.53 4.85
CA PRO B 185 31.39 46.74 3.72
C PRO B 185 31.06 45.86 2.51
N VAL B 186 30.69 44.60 2.75
CA VAL B 186 30.30 43.62 1.70
C VAL B 186 29.03 44.13 1.01
N THR B 187 28.13 44.77 1.78
CA THR B 187 26.84 45.31 1.27
C THR B 187 27.07 46.66 0.59
N SER B 188 26.16 47.03 -0.33
CA SER B 188 26.18 48.33 -1.04
C SER B 188 26.03 49.48 -0.03
N HIS B 189 25.08 49.36 0.92
CA HIS B 189 24.77 50.42 1.91
C HIS B 189 25.68 50.28 3.13
N PRO B 190 26.16 51.40 3.74
CA PRO B 190 27.03 51.32 4.91
C PRO B 190 26.23 51.11 6.21
N CYS B 191 26.92 50.73 7.29
CA CYS B 191 26.37 50.51 8.64
C CYS B 191 26.20 51.85 9.36
N PRO B 192 24.99 52.14 9.91
CA PRO B 192 24.73 53.31 10.73
C PRO B 192 24.38 52.95 12.18
N PRO C 1 -0.39 5.80 24.39
CA PRO C 1 -0.06 4.40 24.04
C PRO C 1 0.25 3.56 25.30
N VAL C 2 -0.29 2.34 25.37
CA VAL C 2 -0.18 1.46 26.57
C VAL C 2 0.60 0.18 26.21
N PRO C 3 1.73 -0.12 26.90
CA PRO C 3 2.54 -1.31 26.58
C PRO C 3 2.00 -2.59 27.24
N THR C 4 2.64 -3.74 26.99
CA THR C 4 2.23 -5.08 27.52
C THR C 4 3.38 -5.70 28.32
N SER C 5 3.09 -6.67 29.18
CA SER C 5 4.10 -7.41 29.98
C SER C 5 4.62 -8.58 29.16
N GLY C 6 5.81 -8.44 28.57
CA GLY C 6 6.43 -9.47 27.71
C GLY C 6 7.91 -9.22 27.52
N HYP C 7 8.64 -10.17 26.90
CA HYP C 7 10.06 -10.00 26.61
C HYP C 7 10.43 -8.73 25.83
O HYP C 7 9.69 -8.33 24.97
CB HYP C 7 10.36 -11.23 25.73
CG HYP C 7 9.38 -12.27 26.28
CD HYP C 7 8.12 -11.48 26.47
OD1 HYP C 7 9.85 -12.72 27.54
N SER C 8 11.58 -8.14 26.17
CA SER C 8 12.19 -6.99 25.44
C SER C 8 12.55 -7.43 24.02
N ARG C 9 12.58 -6.48 23.08
CA ARG C 9 12.78 -6.76 21.62
C ARG C 9 14.06 -6.10 21.11
N LYS C 10 15.03 -5.80 21.97
CA LYS C 10 16.30 -5.18 21.51
C LYS C 10 17.04 -6.18 20.61
N HIS C 11 17.45 -5.73 19.43
CA HIS C 11 18.10 -6.61 18.42
C HIS C 11 19.17 -5.81 17.67
N ASN C 12 20.15 -6.51 17.11
CA ASN C 12 21.21 -5.90 16.26
C ASN C 12 20.73 -5.91 14.81
N MET D 4 -69.26 -8.55 10.37
CA MET D 4 -68.45 -9.47 9.50
C MET D 4 -68.31 -8.89 8.08
N ASP D 5 -68.44 -7.57 7.92
CA ASP D 5 -68.32 -6.86 6.63
C ASP D 5 -67.24 -5.78 6.78
N ASN D 6 -66.66 -5.30 5.68
CA ASN D 6 -65.57 -4.29 5.75
C ASN D 6 -65.64 -3.35 4.56
N GLN D 7 -65.13 -2.13 4.71
CA GLN D 7 -65.08 -1.10 3.65
C GLN D 7 -63.68 -1.16 3.01
N ASP D 8 -63.24 -2.37 2.68
CA ASP D 8 -61.88 -2.64 2.16
C ASP D 8 -61.64 -1.88 0.85
N GLY D 9 -62.65 -1.85 -0.04
CA GLY D 9 -62.61 -1.09 -1.30
C GLY D 9 -62.40 0.40 -1.05
N PHE D 10 -63.13 0.96 -0.09
CA PHE D 10 -63.01 2.39 0.32
C PHE D 10 -61.55 2.63 0.75
N ILE D 11 -61.03 1.77 1.63
CA ILE D 11 -59.65 1.89 2.16
C ILE D 11 -58.68 1.96 0.98
N LEU D 12 -58.89 1.10 -0.03
CA LEU D 12 -58.04 1.08 -1.25
C LEU D 12 -58.20 2.41 -2.01
N GLN D 13 -59.42 2.95 -2.07
CA GLN D 13 -59.69 4.25 -2.75
C GLN D 13 -58.96 5.36 -2.02
N GLN D 14 -58.88 5.28 -0.69
CA GLN D 14 -58.11 6.25 0.13
C GLN D 14 -56.64 6.18 -0.30
N VAL D 15 -56.11 4.96 -0.47
CA VAL D 15 -54.70 4.72 -0.90
C VAL D 15 -54.49 5.38 -2.26
N LYS D 16 -55.41 5.14 -3.21
CA LYS D 16 -55.33 5.65 -4.59
C LYS D 16 -55.25 7.18 -4.57
N LEU D 17 -56.12 7.82 -3.78
CA LEU D 17 -56.19 9.29 -3.67
C LEU D 17 -54.87 9.80 -3.08
N SER D 18 -54.29 9.10 -2.10
CA SER D 18 -53.05 9.50 -1.39
C SER D 18 -51.85 9.55 -2.35
N LEU D 19 -51.76 8.61 -3.30
CA LEU D 19 -50.55 8.45 -4.15
C LEU D 19 -50.81 9.06 -5.52
N ASP D 20 -49.77 9.65 -6.12
CA ASP D 20 -49.85 10.21 -7.51
C ASP D 20 -49.70 9.06 -8.48
N ASP D 21 -50.69 8.89 -9.38
CA ASP D 21 -50.75 7.76 -10.33
C ASP D 21 -50.70 8.28 -11.77
N PRO D 22 -49.53 8.75 -12.25
CA PRO D 22 -49.46 9.46 -13.52
C PRO D 22 -49.84 8.60 -14.72
N ASP D 23 -49.40 7.34 -14.74
CA ASP D 23 -49.67 6.40 -15.85
C ASP D 23 -51.08 5.80 -15.68
N SER D 24 -51.80 6.18 -14.63
CA SER D 24 -53.18 5.72 -14.34
C SER D 24 -53.18 4.19 -14.25
N TYR D 25 -52.18 3.61 -13.60
CA TYR D 25 -52.05 2.15 -13.34
C TYR D 25 -53.28 1.65 -12.55
N LEU D 26 -53.83 2.50 -11.67
CA LEU D 26 -54.97 2.19 -10.77
C LEU D 26 -56.25 2.74 -11.37
N SER D 27 -56.36 2.71 -12.70
CA SER D 27 -57.60 3.01 -13.46
C SER D 27 -58.69 1.97 -13.19
N SER D 28 -58.30 0.68 -13.03
CA SER D 28 -59.24 -0.44 -12.77
C SER D 28 -60.01 -0.18 -11.48
N TRP D 29 -59.37 0.45 -10.48
CA TRP D 29 -60.00 0.74 -9.18
C TRP D 29 -61.14 1.74 -9.40
N ASN D 30 -62.35 1.23 -9.60
CA ASN D 30 -63.57 2.04 -9.88
C ASN D 30 -64.36 2.21 -8.58
N SER D 31 -64.35 3.42 -8.00
CA SER D 31 -65.10 3.79 -6.78
C SER D 31 -66.49 3.14 -6.81
N ASN D 32 -67.20 3.31 -7.93
CA ASN D 32 -68.63 2.90 -8.13
C ASN D 32 -68.80 1.37 -7.96
N ASP D 33 -67.76 0.57 -8.23
CA ASP D 33 -67.81 -0.91 -8.11
C ASP D 33 -68.15 -1.31 -6.67
N ALA D 34 -68.95 -2.36 -6.50
CA ALA D 34 -69.33 -2.95 -5.20
C ALA D 34 -68.11 -3.63 -4.57
N SER D 35 -67.57 -4.65 -5.25
CA SER D 35 -66.43 -5.49 -4.81
C SER D 35 -65.13 -4.94 -5.38
N PRO D 36 -64.05 -4.77 -4.57
CA PRO D 36 -62.74 -4.39 -5.07
C PRO D 36 -61.82 -5.54 -5.46
N CYS D 37 -62.28 -6.80 -5.32
CA CYS D 37 -61.44 -8.03 -5.39
C CYS D 37 -61.12 -8.41 -6.84
N ARG D 38 -61.61 -7.65 -7.83
CA ARG D 38 -61.27 -7.78 -9.27
C ARG D 38 -60.35 -6.64 -9.71
N TRP D 39 -59.99 -5.74 -8.78
CA TRP D 39 -59.13 -4.56 -9.07
C TRP D 39 -57.68 -5.01 -9.31
N SER D 40 -56.94 -4.25 -10.12
CA SER D 40 -55.54 -4.57 -10.51
C SER D 40 -54.63 -4.64 -9.28
N GLY D 41 -53.93 -5.77 -9.08
CA GLY D 41 -52.92 -5.92 -8.03
C GLY D 41 -53.56 -6.18 -6.68
N VAL D 42 -54.89 -6.30 -6.64
CA VAL D 42 -55.64 -6.48 -5.37
C VAL D 42 -56.08 -7.93 -5.29
N SER D 43 -55.75 -8.61 -4.18
CA SER D 43 -56.01 -10.06 -4.03
C SER D 43 -56.83 -10.32 -2.76
N CYS D 44 -58.02 -10.91 -2.89
CA CYS D 44 -58.90 -11.31 -1.75
C CYS D 44 -58.84 -12.83 -1.55
N PHE D 48 -65.44 -14.75 2.10
CA PHE D 48 -65.79 -13.31 2.19
C PHE D 48 -64.89 -12.51 1.22
N SER D 49 -65.04 -11.17 1.21
CA SER D 49 -64.30 -10.25 0.30
C SER D 49 -63.23 -9.49 1.06
N SER D 50 -62.67 -10.04 2.15
CA SER D 50 -61.59 -9.36 2.91
C SER D 50 -60.35 -9.30 2.01
N VAL D 51 -59.64 -8.19 1.99
CA VAL D 51 -58.37 -8.10 1.21
C VAL D 51 -57.28 -8.78 2.04
N THR D 52 -56.64 -9.78 1.45
CA THR D 52 -55.55 -10.57 2.07
C THR D 52 -54.21 -10.20 1.43
N SER D 53 -54.19 -9.77 0.17
CA SER D 53 -52.96 -9.40 -0.57
C SER D 53 -53.16 -8.16 -1.43
N VAL D 54 -52.19 -7.24 -1.41
CA VAL D 54 -52.12 -6.07 -2.33
C VAL D 54 -50.71 -6.03 -2.94
N ASP D 55 -50.59 -6.00 -4.28
CA ASP D 55 -49.28 -5.88 -4.98
C ASP D 55 -49.34 -4.79 -6.06
N LEU D 56 -48.55 -3.72 -5.92
CA LEU D 56 -48.55 -2.55 -6.84
C LEU D 56 -47.14 -2.33 -7.38
N SER D 57 -46.46 -3.43 -7.68
CA SER D 57 -45.04 -3.42 -8.10
C SER D 57 -44.92 -2.65 -9.41
N SER D 58 -43.87 -1.83 -9.52
CA SER D 58 -43.48 -1.10 -10.75
C SER D 58 -44.68 -0.36 -11.37
N ALA D 59 -45.46 0.37 -10.57
CA ALA D 59 -46.67 1.13 -10.97
C ALA D 59 -46.34 2.62 -11.15
N ASN D 60 -45.09 3.04 -10.95
CA ASN D 60 -44.68 4.48 -10.99
C ASN D 60 -45.59 5.28 -10.06
N LEU D 61 -45.88 4.74 -8.88
CA LEU D 61 -46.74 5.42 -7.89
C LEU D 61 -45.86 6.29 -7.02
N ALA D 62 -46.21 7.57 -6.84
CA ALA D 62 -45.38 8.51 -6.06
C ALA D 62 -46.16 9.01 -4.85
N GLY D 63 -45.53 9.03 -3.69
CA GLY D 63 -46.13 9.60 -2.47
C GLY D 63 -45.68 8.87 -1.21
N PRO D 64 -46.16 9.28 -0.02
CA PRO D 64 -45.75 8.66 1.24
C PRO D 64 -46.42 7.30 1.41
N PHE D 65 -45.89 6.46 2.30
CA PHE D 65 -46.46 5.12 2.60
C PHE D 65 -47.91 5.30 3.04
N PRO D 66 -48.87 4.60 2.42
CA PRO D 66 -50.28 4.76 2.79
C PRO D 66 -50.66 3.96 4.04
N SER D 67 -50.56 4.58 5.21
CA SER D 67 -50.83 3.91 6.51
C SER D 67 -52.31 3.55 6.63
N VAL D 68 -53.17 4.12 5.78
CA VAL D 68 -54.63 3.76 5.69
C VAL D 68 -54.76 2.28 5.30
N ILE D 69 -53.84 1.73 4.51
CA ILE D 69 -53.89 0.32 4.03
C ILE D 69 -53.86 -0.62 5.25
N CYS D 70 -53.22 -0.21 6.35
CA CYS D 70 -53.13 -1.02 7.59
C CYS D 70 -54.54 -1.36 8.08
N ARG D 71 -55.52 -0.49 7.80
CA ARG D 71 -56.93 -0.70 8.23
C ARG D 71 -57.50 -1.91 7.48
N LEU D 72 -56.87 -2.36 6.39
CA LEU D 72 -57.23 -3.68 5.80
C LEU D 72 -56.89 -4.76 6.84
N SER D 73 -57.92 -5.40 7.39
CA SER D 73 -57.80 -6.29 8.56
C SER D 73 -57.12 -7.61 8.20
N ASN D 74 -57.36 -8.20 7.02
CA ASN D 74 -56.81 -9.55 6.74
C ASN D 74 -55.59 -9.46 5.82
N LEU D 75 -55.13 -8.25 5.49
CA LEU D 75 -53.97 -8.11 4.57
C LEU D 75 -52.81 -8.90 5.16
N ALA D 76 -52.25 -9.82 4.40
CA ALA D 76 -51.09 -10.62 4.83
C ALA D 76 -49.88 -10.29 3.94
N HIS D 77 -50.12 -9.94 2.67
CA HIS D 77 -49.02 -9.76 1.69
C HIS D 77 -49.14 -8.39 1.04
N LEU D 78 -48.08 -7.58 1.16
CA LEU D 78 -48.07 -6.23 0.56
C LEU D 78 -46.74 -6.05 -0.17
N SER D 79 -46.78 -5.73 -1.46
CA SER D 79 -45.57 -5.31 -2.19
C SER D 79 -45.83 -3.99 -2.90
N LEU D 80 -44.95 -3.01 -2.70
CA LEU D 80 -44.96 -1.74 -3.45
C LEU D 80 -43.60 -1.61 -4.15
N TYR D 81 -43.05 -2.74 -4.61
CA TYR D 81 -41.69 -2.81 -5.20
C TYR D 81 -41.58 -1.89 -6.41
N ASN D 82 -40.40 -1.28 -6.60
CA ASN D 82 -40.05 -0.47 -7.79
C ASN D 82 -41.13 0.59 -8.01
N ASN D 83 -41.28 1.50 -7.07
CA ASN D 83 -42.23 2.64 -7.18
C ASN D 83 -41.47 3.91 -6.80
N SER D 84 -42.15 5.04 -6.74
CA SER D 84 -41.55 6.33 -6.33
C SER D 84 -42.03 6.69 -4.92
N ILE D 85 -42.34 5.69 -4.09
CA ILE D 85 -42.80 5.92 -2.68
C ILE D 85 -41.71 6.64 -1.90
N ASN D 86 -42.07 7.67 -1.12
CA ASN D 86 -41.07 8.54 -0.47
C ASN D 86 -41.35 8.70 1.03
N SER D 87 -40.45 9.41 1.71
CA SER D 87 -40.62 9.95 3.08
C SER D 87 -40.08 8.95 4.09
N THR D 88 -40.30 9.20 5.38
CA THR D 88 -40.00 8.22 6.45
C THR D 88 -41.10 7.16 6.45
N LEU D 89 -40.79 5.92 6.83
CA LEU D 89 -41.82 4.87 6.99
C LEU D 89 -42.59 5.17 8.28
N PRO D 90 -43.93 5.29 8.22
CA PRO D 90 -44.73 5.62 9.39
C PRO D 90 -44.68 4.53 10.45
N LEU D 91 -44.43 4.91 11.71
CA LEU D 91 -44.39 3.94 12.84
C LEU D 91 -45.77 3.31 12.99
N ASN D 92 -46.81 3.97 12.46
CA ASN D 92 -48.20 3.49 12.52
C ASN D 92 -48.36 2.27 11.60
N ILE D 93 -47.27 1.79 10.98
CA ILE D 93 -47.28 0.58 10.12
C ILE D 93 -47.58 -0.66 10.98
N ALA D 94 -47.27 -0.63 12.27
CA ALA D 94 -47.52 -1.74 13.22
C ALA D 94 -49.01 -2.09 13.24
N ALA D 95 -49.88 -1.13 12.91
CA ALA D 95 -51.34 -1.33 12.83
C ALA D 95 -51.66 -2.43 11.81
N CYS D 96 -50.77 -2.67 10.85
CA CYS D 96 -50.86 -3.79 9.88
C CYS D 96 -50.47 -5.07 10.61
N LYS D 97 -51.27 -5.53 11.59
CA LYS D 97 -50.87 -6.64 12.50
C LYS D 97 -51.04 -8.00 11.83
N SER D 98 -51.69 -8.07 10.67
CA SER D 98 -51.92 -9.34 9.93
C SER D 98 -50.86 -9.56 8.83
N LEU D 99 -49.94 -8.62 8.63
CA LEU D 99 -48.89 -8.70 7.59
C LEU D 99 -47.92 -9.85 7.86
N GLN D 100 -47.71 -10.67 6.82
CA GLN D 100 -46.71 -11.77 6.80
C GLN D 100 -45.57 -11.38 5.89
N THR D 101 -45.84 -10.81 4.72
CA THR D 101 -44.78 -10.38 3.77
C THR D 101 -44.96 -8.88 3.46
N LEU D 102 -43.86 -8.13 3.51
CA LEU D 102 -43.86 -6.69 3.14
C LEU D 102 -42.69 -6.41 2.20
N ASP D 103 -42.96 -6.02 0.95
CA ASP D 103 -41.88 -5.65 0.01
C ASP D 103 -42.05 -4.17 -0.36
N LEU D 104 -41.11 -3.33 0.07
CA LEU D 104 -41.10 -1.88 -0.26
C LEU D 104 -39.77 -1.56 -0.93
N SER D 105 -39.19 -2.52 -1.65
CA SER D 105 -37.85 -2.35 -2.28
C SER D 105 -37.94 -1.43 -3.50
N GLN D 106 -36.81 -0.85 -3.88
CA GLN D 106 -36.68 0.07 -5.05
C GLN D 106 -37.70 1.21 -4.89
N ASN D 107 -37.66 1.89 -3.75
CA ASN D 107 -38.52 3.07 -3.45
C ASN D 107 -37.60 4.18 -2.93
N LEU D 108 -38.09 5.42 -2.83
CA LEU D 108 -37.27 6.57 -2.41
C LEU D 108 -37.40 6.80 -0.89
N LEU D 109 -37.91 5.83 -0.13
CA LEU D 109 -38.14 5.94 1.33
C LEU D 109 -36.82 6.25 2.02
N THR D 110 -36.84 7.09 3.05
CA THR D 110 -35.61 7.58 3.70
C THR D 110 -35.78 7.65 5.22
N GLY D 111 -34.70 7.91 5.95
CA GLY D 111 -34.73 8.20 7.39
C GLY D 111 -34.57 6.94 8.21
N GLU D 112 -34.81 6.99 9.52
CA GLU D 112 -34.54 5.84 10.41
C GLU D 112 -35.64 4.79 10.26
N LEU D 113 -35.27 3.51 10.37
CA LEU D 113 -36.23 2.38 10.32
C LEU D 113 -37.21 2.50 11.49
N PRO D 114 -38.51 2.26 11.28
CA PRO D 114 -39.46 2.21 12.40
C PRO D 114 -39.26 0.96 13.24
N GLN D 115 -39.05 1.14 14.55
CA GLN D 115 -38.87 0.02 15.52
C GLN D 115 -40.17 -0.78 15.62
N THR D 116 -41.29 -0.15 15.27
CA THR D 116 -42.65 -0.74 15.40
C THR D 116 -42.84 -1.85 14.37
N LEU D 117 -41.96 -1.99 13.38
CA LEU D 117 -42.03 -3.12 12.41
C LEU D 117 -41.94 -4.45 13.18
N ALA D 118 -41.09 -4.51 14.19
CA ALA D 118 -40.91 -5.67 15.09
C ALA D 118 -42.22 -5.93 15.85
N ASP D 119 -43.02 -4.89 16.08
CA ASP D 119 -44.29 -5.00 16.84
C ASP D 119 -45.35 -5.71 15.97
N ILE D 120 -45.11 -5.88 14.67
CA ILE D 120 -45.98 -6.75 13.82
C ILE D 120 -45.56 -8.18 14.08
N PRO D 121 -46.37 -8.99 14.79
CA PRO D 121 -45.98 -10.36 15.14
C PRO D 121 -45.92 -11.28 13.92
N THR D 122 -46.86 -11.11 12.98
CA THR D 122 -47.09 -12.04 11.84
C THR D 122 -46.00 -11.95 10.76
N LEU D 123 -45.19 -10.88 10.75
CA LEU D 123 -44.25 -10.61 9.64
C LEU D 123 -43.27 -11.78 9.49
N VAL D 124 -43.17 -12.34 8.29
CA VAL D 124 -42.23 -13.45 7.93
C VAL D 124 -41.16 -12.91 6.96
N HIS D 125 -41.55 -12.06 6.02
CA HIS D 125 -40.63 -11.52 4.96
C HIS D 125 -40.62 -10.00 4.99
N LEU D 126 -39.45 -9.38 5.20
CA LEU D 126 -39.29 -7.91 5.13
C LEU D 126 -38.21 -7.57 4.10
N ASP D 127 -38.58 -6.86 3.03
CA ASP D 127 -37.60 -6.43 2.00
C ASP D 127 -37.70 -4.92 1.82
N LEU D 128 -36.63 -4.19 2.11
CA LEU D 128 -36.61 -2.71 1.98
C LEU D 128 -35.41 -2.31 1.11
N THR D 129 -34.98 -3.19 0.20
CA THR D 129 -33.73 -2.99 -0.58
C THR D 129 -33.89 -1.76 -1.49
N GLY D 130 -32.79 -1.08 -1.81
CA GLY D 130 -32.80 0.11 -2.69
C GLY D 130 -33.65 1.23 -2.12
N ASN D 131 -33.55 1.46 -0.81
CA ASN D 131 -34.22 2.59 -0.11
C ASN D 131 -33.11 3.39 0.59
N ASN D 132 -33.43 4.60 1.03
CA ASN D 132 -32.42 5.55 1.57
C ASN D 132 -32.46 5.49 3.11
N PHE D 133 -32.95 4.39 3.68
CA PHE D 133 -33.09 4.26 5.14
C PHE D 133 -31.71 4.45 5.75
N SER D 134 -31.63 5.16 6.88
CA SER D 134 -30.33 5.53 7.51
C SER D 134 -30.37 5.23 9.00
N GLY D 135 -29.21 5.32 9.66
CA GLY D 135 -29.10 5.20 11.13
C GLY D 135 -28.93 3.77 11.59
N ASP D 136 -28.88 3.58 12.90
CA ASP D 136 -28.72 2.23 13.51
C ASP D 136 -30.04 1.47 13.34
N ILE D 137 -29.94 0.17 13.14
CA ILE D 137 -31.12 -0.73 13.05
C ILE D 137 -31.68 -0.84 14.46
N PRO D 138 -33.01 -0.68 14.65
CA PRO D 138 -33.63 -0.72 15.97
C PRO D 138 -33.42 -2.04 16.73
N ALA D 139 -33.18 -1.97 18.05
CA ALA D 139 -32.96 -3.14 18.93
C ALA D 139 -34.22 -4.02 18.97
N SER D 140 -35.38 -3.42 18.70
CA SER D 140 -36.68 -4.13 18.59
C SER D 140 -36.57 -5.26 17.58
N PHE D 141 -35.74 -5.08 16.55
CA PHE D 141 -35.59 -6.03 15.43
C PHE D 141 -35.15 -7.40 15.99
N GLY D 142 -34.40 -7.40 17.10
CA GLY D 142 -33.95 -8.64 17.77
C GLY D 142 -35.13 -9.47 18.29
N LYS D 143 -36.29 -8.86 18.49
CA LYS D 143 -37.48 -9.56 19.05
C LYS D 143 -38.45 -9.99 17.95
N PHE D 144 -38.13 -9.79 16.67
CA PHE D 144 -39.02 -10.22 15.57
C PHE D 144 -39.45 -11.65 15.84
N GLU D 145 -40.74 -11.91 15.88
CA GLU D 145 -41.28 -13.19 16.42
C GLU D 145 -41.21 -14.29 15.35
N ASN D 146 -41.61 -13.99 14.11
CA ASN D 146 -41.72 -15.03 13.05
C ASN D 146 -41.04 -14.59 11.76
N LEU D 147 -40.17 -13.58 11.80
CA LEU D 147 -39.48 -13.11 10.57
C LEU D 147 -38.46 -14.17 10.12
N GLU D 148 -38.54 -14.58 8.85
CA GLU D 148 -37.60 -15.56 8.24
C GLU D 148 -36.63 -14.83 7.31
N VAL D 149 -37.04 -13.72 6.71
CA VAL D 149 -36.22 -13.01 5.69
C VAL D 149 -36.09 -11.55 6.09
N LEU D 150 -34.86 -11.07 6.30
CA LEU D 150 -34.59 -9.64 6.59
C LEU D 150 -33.71 -9.07 5.48
N SER D 151 -34.21 -8.13 4.69
CA SER D 151 -33.39 -7.51 3.62
C SER D 151 -33.37 -6.00 3.77
N LEU D 152 -32.18 -5.44 4.01
CA LEU D 152 -31.94 -3.99 4.11
C LEU D 152 -30.81 -3.64 3.14
N VAL D 153 -30.62 -4.44 2.09
CA VAL D 153 -29.46 -4.32 1.17
C VAL D 153 -29.56 -2.98 0.42
N TYR D 154 -28.40 -2.39 0.10
CA TYR D 154 -28.28 -1.14 -0.67
C TYR D 154 -29.16 -0.05 -0.03
N ASN D 155 -29.04 0.13 1.28
CA ASN D 155 -29.66 1.25 2.03
C ASN D 155 -28.52 2.10 2.60
N LEU D 156 -28.82 3.12 3.40
CA LEU D 156 -27.76 4.05 3.91
C LEU D 156 -27.50 3.85 5.41
N LEU D 157 -27.77 2.65 5.94
CA LEU D 157 -27.64 2.39 7.40
C LEU D 157 -26.18 2.58 7.81
N ASP D 158 -25.89 3.40 8.82
CA ASP D 158 -24.50 3.79 9.17
C ASP D 158 -24.12 3.27 10.56
N GLY D 159 -24.93 2.39 11.14
CA GLY D 159 -24.68 1.84 12.49
C GLY D 159 -23.77 0.63 12.47
N THR D 160 -23.36 0.17 13.65
CA THR D 160 -22.57 -1.09 13.76
C THR D 160 -23.50 -2.25 13.37
N ILE D 161 -22.92 -3.41 13.04
CA ILE D 161 -23.69 -4.66 12.76
C ILE D 161 -24.22 -5.20 14.09
N PRO D 162 -25.56 -5.34 14.22
CA PRO D 162 -26.20 -5.65 15.50
C PRO D 162 -26.05 -7.08 16.01
N PRO D 163 -25.49 -7.29 17.23
CA PRO D 163 -25.42 -8.62 17.84
C PRO D 163 -26.82 -9.21 18.12
N PHE D 164 -27.79 -8.33 18.41
CA PHE D 164 -29.19 -8.71 18.77
C PHE D 164 -29.88 -9.41 17.59
N LEU D 165 -29.44 -9.16 16.35
CA LEU D 165 -30.03 -9.81 15.17
C LEU D 165 -29.85 -11.32 15.27
N GLY D 166 -28.87 -11.79 16.06
CA GLY D 166 -28.65 -13.22 16.32
C GLY D 166 -29.80 -13.88 17.07
N ASN D 167 -30.61 -13.11 17.81
CA ASN D 167 -31.70 -13.67 18.65
C ASN D 167 -32.95 -13.99 17.81
N ILE D 168 -32.99 -13.67 16.52
CA ILE D 168 -34.15 -14.08 15.66
C ILE D 168 -33.90 -15.52 15.20
N SER D 169 -34.39 -16.51 15.96
CA SER D 169 -34.19 -17.96 15.65
C SER D 169 -34.86 -18.32 14.32
N THR D 170 -36.06 -17.83 14.05
CA THR D 170 -36.85 -18.17 12.85
C THR D 170 -36.13 -17.72 11.57
N LEU D 171 -35.24 -16.73 11.65
CA LEU D 171 -34.60 -16.11 10.45
C LEU D 171 -33.89 -17.19 9.63
N LYS D 172 -34.13 -17.18 8.32
CA LYS D 172 -33.46 -18.08 7.35
C LYS D 172 -32.44 -17.29 6.54
N MET D 173 -32.69 -16.01 6.30
CA MET D 173 -31.80 -15.17 5.45
C MET D 173 -31.54 -13.83 6.13
N LEU D 174 -30.27 -13.49 6.31
CA LEU D 174 -29.84 -12.16 6.80
C LEU D 174 -29.17 -11.41 5.64
N ASN D 175 -29.89 -10.47 5.03
CA ASN D 175 -29.39 -9.71 3.85
C ASN D 175 -29.20 -8.23 4.21
N LEU D 176 -27.97 -7.79 4.45
CA LEU D 176 -27.66 -6.40 4.86
C LEU D 176 -26.57 -5.83 3.96
N SER D 177 -26.35 -6.43 2.79
CA SER D 177 -25.17 -6.12 1.94
C SER D 177 -25.22 -4.69 1.41
N TYR D 178 -24.08 -4.13 1.01
CA TYR D 178 -23.95 -2.80 0.34
C TYR D 178 -24.61 -1.71 1.18
N ASN D 179 -24.31 -1.69 2.48
CA ASN D 179 -24.78 -0.65 3.41
C ASN D 179 -23.56 -0.03 4.08
N PRO D 180 -23.50 1.31 4.24
CA PRO D 180 -22.32 1.96 4.80
C PRO D 180 -22.20 1.84 6.32
N PHE D 181 -22.13 0.61 6.84
CA PHE D 181 -22.13 0.35 8.31
C PHE D 181 -20.85 0.90 8.93
N SER D 182 -20.92 1.30 10.20
CA SER D 182 -19.73 1.64 11.00
C SER D 182 -18.86 0.40 11.04
N PRO D 183 -17.52 0.52 10.88
CA PRO D 183 -16.67 -0.67 10.88
C PRO D 183 -17.01 -1.49 12.13
N SER D 184 -17.39 -2.75 11.94
CA SER D 184 -17.89 -3.61 13.04
C SER D 184 -17.52 -5.06 12.77
N ARG D 185 -17.32 -5.85 13.83
CA ARG D 185 -17.01 -7.29 13.72
C ARG D 185 -18.32 -8.05 13.47
N ILE D 186 -18.21 -9.24 12.91
CA ILE D 186 -19.38 -10.15 12.74
C ILE D 186 -19.72 -10.68 14.14
N PRO D 187 -20.96 -10.51 14.62
CA PRO D 187 -21.37 -11.03 15.92
C PRO D 187 -21.18 -12.53 16.03
N PRO D 188 -20.49 -13.03 17.08
CA PRO D 188 -20.36 -14.47 17.30
C PRO D 188 -21.74 -15.07 17.55
N GLU D 189 -22.64 -14.26 18.12
CA GLU D 189 -24.04 -14.66 18.45
C GLU D 189 -24.77 -15.04 17.17
N PHE D 190 -24.26 -14.62 16.01
CA PHE D 190 -24.87 -14.95 14.70
C PHE D 190 -24.86 -16.47 14.52
N GLY D 191 -23.97 -17.18 15.23
CA GLY D 191 -23.92 -18.65 15.21
C GLY D 191 -25.20 -19.27 15.76
N ASN D 192 -25.93 -18.54 16.59
CA ASN D 192 -27.18 -19.03 17.22
C ASN D 192 -28.34 -18.95 16.23
N LEU D 193 -28.12 -18.43 15.03
CA LEU D 193 -29.11 -18.47 13.92
C LEU D 193 -29.09 -19.86 13.31
N THR D 194 -29.63 -20.86 14.01
CA THR D 194 -29.53 -22.29 13.63
C THR D 194 -30.21 -22.54 12.29
N ASN D 195 -31.33 -21.86 12.01
CA ASN D 195 -32.14 -22.12 10.78
C ASN D 195 -31.67 -21.24 9.62
N LEU D 196 -30.64 -20.39 9.82
CA LEU D 196 -30.15 -19.46 8.78
C LEU D 196 -29.61 -20.28 7.60
N GLU D 197 -30.06 -19.93 6.40
CA GLU D 197 -29.61 -20.55 5.12
C GLU D 197 -28.71 -19.57 4.36
N VAL D 198 -28.92 -18.26 4.51
CA VAL D 198 -28.17 -17.24 3.74
C VAL D 198 -27.63 -16.17 4.69
N MET D 199 -26.32 -15.92 4.65
CA MET D 199 -25.71 -14.77 5.35
C MET D 199 -25.08 -13.88 4.29
N TRP D 200 -25.74 -12.78 3.92
CA TRP D 200 -25.24 -11.89 2.83
C TRP D 200 -24.75 -10.60 3.46
N LEU D 201 -23.43 -10.50 3.69
CA LEU D 201 -22.82 -9.34 4.41
C LEU D 201 -21.72 -8.74 3.55
N THR D 202 -21.90 -8.71 2.24
CA THR D 202 -20.94 -8.09 1.27
C THR D 202 -20.96 -6.57 1.42
N GLU D 203 -19.80 -5.92 1.37
CA GLU D 203 -19.67 -4.44 1.44
C GLU D 203 -20.43 -3.91 2.67
N CYS D 204 -20.21 -4.52 3.83
CA CYS D 204 -20.82 -4.11 5.12
C CYS D 204 -19.75 -3.55 6.04
N HIS D 205 -18.56 -3.25 5.51
CA HIS D 205 -17.42 -2.67 6.28
C HIS D 205 -17.08 -3.61 7.45
N LEU D 206 -17.20 -4.93 7.24
CA LEU D 206 -16.87 -5.93 8.27
C LEU D 206 -15.36 -5.92 8.50
N VAL D 207 -14.96 -5.99 9.76
CA VAL D 207 -13.51 -6.00 10.15
C VAL D 207 -13.32 -7.17 11.11
N GLY D 208 -12.08 -7.61 11.31
CA GLY D 208 -11.74 -8.61 12.33
C GLY D 208 -11.89 -10.03 11.83
N GLN D 209 -11.69 -11.00 12.72
CA GLN D 209 -11.61 -12.44 12.38
C GLN D 209 -13.02 -12.98 12.13
N ILE D 210 -13.11 -14.09 11.41
CA ILE D 210 -14.41 -14.82 11.23
C ILE D 210 -14.63 -15.68 12.47
N PRO D 211 -15.76 -15.52 13.18
CA PRO D 211 -16.07 -16.32 14.36
C PRO D 211 -16.20 -17.82 14.07
N ASP D 212 -15.72 -18.65 15.00
CA ASP D 212 -15.80 -20.14 14.90
C ASP D 212 -17.28 -20.58 14.93
N SER D 213 -18.14 -19.78 15.56
CA SER D 213 -19.58 -20.09 15.77
C SER D 213 -20.30 -20.24 14.43
N LEU D 214 -19.81 -19.58 13.38
CA LEU D 214 -20.46 -19.61 12.05
C LEU D 214 -20.49 -21.06 11.53
N GLY D 215 -19.58 -21.90 12.01
CA GLY D 215 -19.52 -23.34 11.66
C GLY D 215 -20.77 -24.11 12.08
N GLN D 216 -21.50 -23.66 13.10
CA GLN D 216 -22.64 -24.39 13.69
C GLN D 216 -23.89 -24.29 12.79
N LEU D 217 -23.86 -23.47 11.74
CA LEU D 217 -25.07 -23.23 10.90
C LEU D 217 -25.18 -24.37 9.90
N SER D 218 -25.64 -25.53 10.33
CA SER D 218 -25.71 -26.75 9.50
C SER D 218 -26.60 -26.49 8.27
N LYS D 219 -27.58 -25.59 8.39
CA LYS D 219 -28.56 -25.34 7.30
C LYS D 219 -28.01 -24.27 6.36
N LEU D 220 -26.88 -23.65 6.69
CA LEU D 220 -26.34 -22.54 5.86
C LEU D 220 -26.11 -23.07 4.45
N VAL D 221 -26.56 -22.33 3.43
CA VAL D 221 -26.38 -22.71 2.00
C VAL D 221 -25.37 -21.73 1.39
N ASP D 222 -25.59 -20.42 1.54
CA ASP D 222 -24.69 -19.37 1.00
C ASP D 222 -24.10 -18.56 2.15
N LEU D 223 -22.78 -18.45 2.18
CA LEU D 223 -22.08 -17.51 3.10
C LEU D 223 -21.36 -16.48 2.24
N ASP D 224 -21.82 -15.23 2.23
CA ASP D 224 -21.14 -14.13 1.50
C ASP D 224 -20.63 -13.14 2.54
N LEU D 225 -19.31 -13.12 2.75
CA LEU D 225 -18.65 -12.13 3.63
C LEU D 225 -17.64 -11.34 2.79
N ALA D 226 -17.91 -11.21 1.49
CA ALA D 226 -16.95 -10.65 0.52
C ALA D 226 -16.90 -9.12 0.60
N LEU D 227 -15.94 -8.51 -0.10
CA LEU D 227 -15.80 -7.03 -0.22
C LEU D 227 -15.82 -6.39 1.17
N ASN D 228 -15.07 -6.95 2.12
CA ASN D 228 -14.96 -6.41 3.50
C ASN D 228 -13.48 -6.43 3.91
N ASP D 229 -13.15 -5.93 5.10
CA ASP D 229 -11.76 -5.84 5.58
C ASP D 229 -11.52 -6.92 6.63
N LEU D 230 -12.20 -8.05 6.50
CA LEU D 230 -12.06 -9.20 7.43
C LEU D 230 -10.62 -9.72 7.36
N VAL D 231 -10.01 -9.94 8.52
CA VAL D 231 -8.60 -10.41 8.63
C VAL D 231 -8.62 -11.76 9.34
N GLY D 232 -7.50 -12.46 9.37
CA GLY D 232 -7.36 -13.71 10.16
C GLY D 232 -7.50 -14.94 9.30
N HIS D 233 -7.14 -16.10 9.85
CA HIS D 233 -7.16 -17.40 9.15
C HIS D 233 -8.62 -17.76 8.86
N ILE D 234 -8.88 -18.38 7.72
CA ILE D 234 -10.23 -18.96 7.48
C ILE D 234 -10.44 -20.02 8.55
N PRO D 235 -11.57 -20.00 9.30
CA PRO D 235 -11.76 -20.96 10.39
C PRO D 235 -11.91 -22.40 9.90
N PRO D 236 -11.23 -23.38 10.53
CA PRO D 236 -11.43 -24.80 10.23
C PRO D 236 -12.84 -25.28 10.61
N SER D 237 -13.45 -24.62 11.59
CA SER D 237 -14.81 -24.93 12.11
C SER D 237 -15.84 -24.84 10.98
N LEU D 238 -15.55 -24.05 9.95
CA LEU D 238 -16.44 -23.83 8.79
C LEU D 238 -16.71 -25.15 8.09
N GLY D 239 -15.83 -26.14 8.25
CA GLY D 239 -16.04 -27.51 7.72
C GLY D 239 -17.29 -28.16 8.31
N GLY D 240 -17.80 -27.61 9.42
CA GLY D 240 -19.03 -28.08 10.10
C GLY D 240 -20.30 -27.77 9.33
N LEU D 241 -20.25 -26.92 8.31
CA LEU D 241 -21.44 -26.48 7.54
C LEU D 241 -21.88 -27.63 6.62
N THR D 242 -22.78 -28.47 7.11
CA THR D 242 -23.21 -29.71 6.40
C THR D 242 -23.75 -29.36 5.01
N ASN D 243 -24.57 -28.32 4.89
CA ASN D 243 -25.34 -28.08 3.65
C ASN D 243 -24.79 -26.86 2.91
N VAL D 244 -23.62 -26.32 3.29
CA VAL D 244 -23.12 -25.09 2.61
C VAL D 244 -22.81 -25.43 1.15
N VAL D 245 -23.32 -24.63 0.22
CA VAL D 245 -23.11 -24.83 -1.24
C VAL D 245 -22.18 -23.72 -1.76
N GLN D 246 -22.28 -22.52 -1.20
CA GLN D 246 -21.50 -21.35 -1.68
C GLN D 246 -20.83 -20.64 -0.50
N ILE D 247 -19.52 -20.43 -0.56
CA ILE D 247 -18.76 -19.58 0.40
C ILE D 247 -18.05 -18.50 -0.41
N GLU D 248 -18.31 -17.22 -0.14
CA GLU D 248 -17.63 -16.10 -0.81
C GLU D 248 -16.88 -15.29 0.25
N LEU D 249 -15.55 -15.29 0.22
CA LEU D 249 -14.71 -14.48 1.14
C LEU D 249 -13.77 -13.61 0.30
N TYR D 250 -14.15 -13.28 -0.93
CA TYR D 250 -13.25 -12.56 -1.88
C TYR D 250 -13.10 -11.09 -1.47
N ASN D 251 -11.96 -10.50 -1.84
CA ASN D 251 -11.59 -9.09 -1.56
C ASN D 251 -11.63 -8.84 -0.06
N ASN D 252 -10.90 -9.65 0.72
CA ASN D 252 -10.76 -9.47 2.20
C ASN D 252 -9.26 -9.51 2.53
N SER D 253 -8.89 -9.17 3.76
CA SER D 253 -7.47 -9.17 4.21
C SER D 253 -7.14 -10.47 4.95
N LEU D 254 -7.95 -11.52 4.75
CA LEU D 254 -7.76 -12.81 5.45
C LEU D 254 -6.39 -13.37 5.08
N THR D 255 -5.64 -13.84 6.07
CA THR D 255 -4.33 -14.50 5.88
C THR D 255 -4.47 -15.97 6.31
N GLY D 256 -3.57 -16.84 5.88
CA GLY D 256 -3.54 -18.23 6.39
C GLY D 256 -3.62 -19.22 5.25
N GLU D 257 -3.77 -20.50 5.57
CA GLU D 257 -3.85 -21.59 4.56
C GLU D 257 -5.31 -21.96 4.38
N ILE D 258 -5.74 -22.22 3.14
CA ILE D 258 -7.12 -22.74 2.88
C ILE D 258 -7.26 -24.02 3.70
N PRO D 259 -8.27 -24.13 4.58
CA PRO D 259 -8.38 -25.28 5.47
C PRO D 259 -8.68 -26.57 4.72
N PRO D 260 -8.06 -27.71 5.12
CA PRO D 260 -8.39 -29.02 4.58
C PRO D 260 -9.82 -29.46 4.96
N GLU D 261 -10.37 -28.90 6.05
CA GLU D 261 -11.70 -29.28 6.57
C GLU D 261 -12.79 -28.92 5.57
N LEU D 262 -12.53 -27.98 4.66
CA LEU D 262 -13.49 -27.55 3.60
C LEU D 262 -13.82 -28.74 2.69
N GLY D 263 -12.94 -29.73 2.60
CA GLY D 263 -13.19 -30.98 1.85
C GLY D 263 -14.38 -31.75 2.42
N ASN D 264 -14.69 -31.56 3.71
CA ASN D 264 -15.80 -32.26 4.41
C ASN D 264 -17.16 -31.76 3.89
N LEU D 265 -17.19 -30.64 3.17
CA LEU D 265 -18.48 -30.04 2.72
C LEU D 265 -18.88 -30.71 1.40
N LYS D 266 -19.69 -31.77 1.43
CA LYS D 266 -20.12 -32.51 0.22
C LYS D 266 -21.00 -31.61 -0.65
N SER D 267 -21.81 -30.76 -0.02
CA SER D 267 -22.76 -29.85 -0.70
C SER D 267 -22.04 -28.67 -1.37
N LEU D 268 -20.81 -28.33 -0.95
CA LEU D 268 -20.08 -27.17 -1.50
C LEU D 268 -19.92 -27.33 -3.01
N ARG D 269 -20.23 -26.28 -3.76
CA ARG D 269 -20.00 -26.25 -5.22
C ARG D 269 -19.18 -25.00 -5.59
N LEU D 270 -19.45 -23.86 -4.94
CA LEU D 270 -18.80 -22.58 -5.30
C LEU D 270 -17.99 -22.06 -4.11
N LEU D 271 -16.68 -21.92 -4.28
CA LEU D 271 -15.80 -21.25 -3.30
C LEU D 271 -15.04 -20.13 -4.00
N ASP D 272 -15.10 -18.91 -3.45
CA ASP D 272 -14.30 -17.76 -3.93
C ASP D 272 -13.58 -17.12 -2.73
N ALA D 273 -12.26 -17.32 -2.64
CA ALA D 273 -11.42 -16.69 -1.59
C ALA D 273 -10.39 -15.79 -2.27
N SER D 274 -10.74 -15.25 -3.44
CA SER D 274 -9.81 -14.48 -4.30
C SER D 274 -9.50 -13.12 -3.68
N MET D 275 -8.47 -12.44 -4.19
CA MET D 275 -8.06 -11.08 -3.72
C MET D 275 -7.84 -11.09 -2.20
N ASN D 276 -7.19 -12.12 -1.67
CA ASN D 276 -6.85 -12.25 -0.23
C ASN D 276 -5.33 -12.43 -0.13
N GLN D 277 -4.79 -12.51 1.09
CA GLN D 277 -3.33 -12.68 1.32
C GLN D 277 -3.05 -14.13 1.75
N LEU D 278 -3.91 -15.08 1.37
CA LEU D 278 -3.80 -16.50 1.80
C LEU D 278 -2.50 -17.10 1.24
N THR D 279 -1.86 -17.97 2.04
CA THR D 279 -0.54 -18.58 1.74
C THR D 279 -0.67 -20.09 1.79
N GLY D 280 0.28 -20.81 1.17
CA GLY D 280 0.40 -22.27 1.30
C GLY D 280 -0.16 -22.99 0.09
N LYS D 281 -0.35 -24.31 0.20
CA LYS D 281 -0.77 -25.16 -0.94
C LYS D 281 -2.29 -25.28 -0.92
N ILE D 282 -2.91 -25.30 -2.09
CA ILE D 282 -4.37 -25.55 -2.27
C ILE D 282 -4.63 -27.00 -1.88
N PRO D 283 -5.59 -27.27 -0.96
CA PRO D 283 -5.78 -28.62 -0.43
C PRO D 283 -6.30 -29.63 -1.47
N ASP D 284 -5.81 -30.87 -1.39
CA ASP D 284 -6.28 -31.99 -2.24
C ASP D 284 -7.74 -32.27 -1.89
N GLU D 285 -8.08 -32.25 -0.60
CA GLU D 285 -9.43 -32.61 -0.11
C GLU D 285 -10.48 -31.69 -0.76
N LEU D 286 -10.20 -30.38 -0.79
CA LEU D 286 -11.12 -29.39 -1.39
C LEU D 286 -11.31 -29.75 -2.86
N CYS D 287 -10.21 -30.05 -3.55
CA CYS D 287 -10.22 -30.38 -4.98
C CYS D 287 -10.97 -31.69 -5.20
N ARG D 288 -10.95 -32.59 -4.22
CA ARG D 288 -11.69 -33.89 -4.30
C ARG D 288 -13.20 -33.63 -4.40
N VAL D 289 -13.72 -32.63 -3.66
CA VAL D 289 -15.17 -32.24 -3.69
C VAL D 289 -15.52 -31.80 -5.11
N PRO D 290 -16.70 -32.18 -5.68
CA PRO D 290 -17.04 -31.84 -7.06
C PRO D 290 -17.46 -30.38 -7.23
N LEU D 291 -16.49 -29.45 -7.18
CA LEU D 291 -16.77 -27.98 -7.15
C LEU D 291 -17.27 -27.52 -8.53
N GLU D 292 -18.30 -26.67 -8.54
CA GLU D 292 -18.82 -26.04 -9.78
C GLU D 292 -17.86 -24.92 -10.21
N SER D 293 -17.36 -24.14 -9.26
CA SER D 293 -16.46 -22.99 -9.53
C SER D 293 -15.43 -22.89 -8.40
N LEU D 294 -14.15 -22.78 -8.74
CA LEU D 294 -13.08 -22.57 -7.74
C LEU D 294 -12.27 -21.33 -8.13
N ASN D 295 -12.41 -20.24 -7.38
CA ASN D 295 -11.63 -19.00 -7.61
C ASN D 295 -10.79 -18.72 -6.36
N LEU D 296 -9.46 -18.80 -6.48
CA LEU D 296 -8.51 -18.48 -5.38
C LEU D 296 -7.49 -17.49 -5.92
N TYR D 297 -7.89 -16.60 -6.83
CA TYR D 297 -6.95 -15.72 -7.57
C TYR D 297 -6.43 -14.59 -6.68
N GLU D 298 -5.34 -13.95 -7.12
CA GLU D 298 -4.73 -12.79 -6.44
C GLU D 298 -4.45 -13.15 -4.98
N ASN D 299 -3.79 -14.28 -4.74
CA ASN D 299 -3.36 -14.73 -3.39
C ASN D 299 -1.85 -14.96 -3.42
N ASN D 300 -1.26 -15.29 -2.27
N ASN D 300 -1.27 -15.31 -2.27
CA ASN D 300 0.17 -15.67 -2.14
CA ASN D 300 0.17 -15.66 -2.12
C ASN D 300 0.28 -17.18 -1.97
C ASN D 300 0.28 -17.19 -1.98
N LEU D 301 -0.59 -17.93 -2.66
CA LEU D 301 -0.61 -19.42 -2.64
C LEU D 301 0.56 -19.95 -3.46
N GLU D 302 1.07 -21.12 -3.08
CA GLU D 302 2.23 -21.78 -3.74
C GLU D 302 1.90 -23.27 -3.87
N GLY D 303 2.66 -24.00 -4.68
CA GLY D 303 2.51 -25.46 -4.78
C GLY D 303 1.79 -25.89 -6.03
N GLU D 304 1.40 -27.16 -6.12
CA GLU D 304 0.83 -27.74 -7.37
C GLU D 304 -0.68 -27.86 -7.24
N LEU D 305 -1.40 -27.56 -8.31
CA LEU D 305 -2.86 -27.79 -8.36
C LEU D 305 -3.07 -29.29 -8.31
N PRO D 306 -3.81 -29.83 -7.31
CA PRO D 306 -4.08 -31.26 -7.23
C PRO D 306 -4.88 -31.72 -8.45
N ALA D 307 -4.61 -32.93 -8.95
CA ALA D 307 -5.33 -33.50 -10.11
C ALA D 307 -6.73 -33.94 -9.69
N SER D 308 -6.98 -34.00 -8.37
CA SER D 308 -8.29 -34.36 -7.78
C SER D 308 -9.37 -33.40 -8.33
N ILE D 309 -8.99 -32.16 -8.63
CA ILE D 309 -9.94 -31.15 -9.18
C ILE D 309 -10.49 -31.66 -10.52
N ALA D 310 -9.70 -32.41 -11.30
CA ALA D 310 -10.09 -32.89 -12.64
C ALA D 310 -11.29 -33.83 -12.53
N LEU D 311 -11.43 -34.55 -11.42
CA LEU D 311 -12.50 -35.57 -11.23
C LEU D 311 -13.88 -34.91 -11.23
N SER D 312 -14.00 -33.68 -10.72
CA SER D 312 -15.30 -32.97 -10.62
C SER D 312 -15.94 -32.90 -12.00
N PRO D 313 -17.22 -33.33 -12.15
CA PRO D 313 -17.93 -33.21 -13.42
C PRO D 313 -18.71 -31.90 -13.54
N ASN D 314 -18.59 -31.01 -12.54
CA ASN D 314 -19.41 -29.79 -12.47
C ASN D 314 -18.56 -28.54 -12.71
N LEU D 315 -17.32 -28.66 -13.18
CA LEU D 315 -16.36 -27.52 -13.18
C LEU D 315 -16.46 -26.70 -14.47
N TYR D 316 -16.91 -25.45 -14.35
CA TYR D 316 -16.98 -24.48 -15.47
C TYR D 316 -16.05 -23.29 -15.22
N GLU D 317 -15.68 -23.05 -13.96
CA GLU D 317 -14.86 -21.89 -13.57
C GLU D 317 -13.66 -22.30 -12.72
N ILE D 318 -12.45 -22.09 -13.24
CA ILE D 318 -11.19 -22.25 -12.47
C ILE D 318 -10.38 -20.96 -12.67
N ARG D 319 -10.37 -20.09 -11.65
CA ARG D 319 -9.63 -18.80 -11.68
C ARG D 319 -8.65 -18.74 -10.50
N ILE D 320 -7.43 -19.24 -10.69
CA ILE D 320 -6.38 -19.29 -9.63
C ILE D 320 -5.20 -18.42 -10.06
N PHE D 321 -5.45 -17.37 -10.85
CA PHE D 321 -4.38 -16.51 -11.41
C PHE D 321 -3.78 -15.61 -10.31
N GLY D 322 -2.56 -15.15 -10.49
CA GLY D 322 -1.90 -14.22 -9.56
C GLY D 322 -1.33 -14.92 -8.33
N ASN D 323 -1.19 -16.23 -8.35
CA ASN D 323 -0.51 -16.98 -7.26
C ASN D 323 0.91 -17.35 -7.74
N ARG D 324 1.59 -18.23 -7.03
CA ARG D 324 2.93 -18.72 -7.40
C ARG D 324 2.82 -20.22 -7.66
N LEU D 325 1.77 -20.65 -8.34
CA LEU D 325 1.47 -22.10 -8.49
C LEU D 325 2.48 -22.75 -9.43
N THR D 326 2.92 -23.95 -9.07
CA THR D 326 3.99 -24.69 -9.78
C THR D 326 3.42 -26.02 -10.27
N GLY D 327 4.21 -26.75 -11.05
CA GLY D 327 3.78 -28.01 -11.68
C GLY D 327 2.99 -27.75 -12.94
N GLY D 328 2.16 -28.71 -13.36
CA GLY D 328 1.40 -28.64 -14.62
C GLY D 328 -0.07 -28.87 -14.38
N LEU D 329 -0.91 -28.40 -15.31
CA LEU D 329 -2.38 -28.54 -15.20
C LEU D 329 -2.74 -30.01 -15.39
N PRO D 330 -3.76 -30.54 -14.68
CA PRO D 330 -4.12 -31.95 -14.76
C PRO D 330 -4.47 -32.39 -16.18
N LYS D 331 -3.97 -33.56 -16.62
CA LYS D 331 -4.16 -34.03 -18.02
C LYS D 331 -5.65 -34.21 -18.31
N ASP D 332 -6.42 -34.67 -17.31
CA ASP D 332 -7.87 -34.98 -17.44
C ASP D 332 -8.72 -33.71 -17.28
N LEU D 333 -8.10 -32.53 -17.08
CA LEU D 333 -8.84 -31.27 -16.90
C LEU D 333 -9.55 -30.92 -18.22
N GLY D 334 -10.86 -30.69 -18.15
CA GLY D 334 -11.67 -30.31 -19.31
C GLY D 334 -12.37 -31.51 -19.95
N LEU D 335 -11.83 -32.72 -19.73
CA LEU D 335 -12.38 -33.98 -20.28
C LEU D 335 -13.70 -34.32 -19.59
N ASN D 336 -13.76 -34.22 -18.26
CA ASN D 336 -14.93 -34.71 -17.48
C ASN D 336 -15.83 -33.55 -17.05
N SER D 337 -15.45 -32.30 -17.36
CA SER D 337 -16.14 -31.12 -16.80
C SER D 337 -16.50 -30.14 -17.90
N PRO D 338 -17.66 -29.44 -17.77
CA PRO D 338 -18.13 -28.50 -18.79
C PRO D 338 -17.41 -27.15 -18.68
N LEU D 339 -16.13 -27.11 -19.06
CA LEU D 339 -15.27 -25.94 -18.81
C LEU D 339 -15.71 -24.78 -19.70
N ARG D 340 -15.83 -23.60 -19.12
CA ARG D 340 -16.16 -22.33 -19.83
C ARG D 340 -15.02 -21.33 -19.64
N TRP D 341 -14.54 -21.17 -18.42
CA TRP D 341 -13.48 -20.15 -18.12
C TRP D 341 -12.32 -20.79 -17.35
N LEU D 342 -11.09 -20.64 -17.87
CA LEU D 342 -9.85 -21.05 -17.16
C LEU D 342 -8.90 -19.86 -17.12
N ASP D 343 -8.48 -19.44 -15.92
CA ASP D 343 -7.45 -18.39 -15.76
C ASP D 343 -6.38 -18.90 -14.80
N VAL D 344 -5.23 -19.33 -15.35
CA VAL D 344 -4.04 -19.77 -14.55
C VAL D 344 -2.91 -18.78 -14.82
N SER D 345 -3.28 -17.58 -15.28
CA SER D 345 -2.33 -16.52 -15.69
C SER D 345 -1.52 -16.04 -14.48
N GLU D 346 -0.31 -15.53 -14.72
CA GLU D 346 0.61 -14.99 -13.67
C GLU D 346 0.87 -16.05 -12.60
N ASN D 347 1.17 -17.28 -13.02
CA ASN D 347 1.60 -18.39 -12.14
C ASN D 347 2.86 -19.00 -12.77
N GLU D 348 3.49 -19.96 -12.09
CA GLU D 348 4.74 -20.60 -12.57
C GLU D 348 4.42 -21.94 -13.24
N PHE D 349 3.19 -22.12 -13.73
CA PHE D 349 2.72 -23.41 -14.30
C PHE D 349 3.56 -23.76 -15.53
N SER D 350 4.02 -25.00 -15.59
CA SER D 350 4.94 -25.51 -16.64
C SER D 350 4.38 -26.80 -17.23
N GLY D 351 4.80 -27.15 -18.43
CA GLY D 351 4.46 -28.44 -19.06
C GLY D 351 3.50 -28.24 -20.21
N ASP D 352 3.16 -29.32 -20.93
CA ASP D 352 2.23 -29.22 -22.08
C ASP D 352 0.84 -28.94 -21.52
N LEU D 353 0.03 -28.19 -22.27
CA LEU D 353 -1.37 -27.92 -21.87
C LEU D 353 -2.13 -29.25 -21.86
N PRO D 354 -3.10 -29.44 -20.94
CA PRO D 354 -3.97 -30.61 -21.00
C PRO D 354 -4.71 -30.58 -22.35
N ALA D 355 -4.84 -31.73 -23.02
CA ALA D 355 -5.32 -31.78 -24.42
C ALA D 355 -6.84 -31.86 -24.51
N ASP D 356 -7.58 -31.99 -23.40
CA ASP D 356 -9.04 -32.24 -23.48
C ASP D 356 -9.84 -31.08 -22.89
N LEU D 357 -9.39 -29.82 -23.05
CA LEU D 357 -10.04 -28.66 -22.38
C LEU D 357 -11.43 -28.38 -22.96
N CYS D 358 -11.62 -28.50 -24.27
CA CYS D 358 -12.91 -28.19 -24.93
C CYS D 358 -13.69 -29.46 -25.25
N ALA D 359 -13.39 -30.57 -24.57
CA ALA D 359 -14.03 -31.88 -24.81
C ALA D 359 -15.53 -31.73 -24.60
N LYS D 360 -15.92 -31.08 -23.50
CA LYS D 360 -17.35 -30.84 -23.21
C LYS D 360 -17.90 -29.83 -24.23
N GLY D 361 -17.09 -28.86 -24.67
CA GLY D 361 -17.44 -28.02 -25.83
C GLY D 361 -17.98 -26.67 -25.42
N GLU D 362 -17.82 -26.27 -24.15
CA GLU D 362 -18.42 -25.00 -23.65
C GLU D 362 -17.33 -23.97 -23.38
N LEU D 363 -16.09 -24.21 -23.83
CA LEU D 363 -14.95 -23.34 -23.45
C LEU D 363 -15.00 -22.02 -24.23
N GLU D 364 -15.17 -20.91 -23.51
CA GLU D 364 -15.22 -19.56 -24.08
C GLU D 364 -13.92 -18.83 -23.80
N GLU D 365 -13.38 -18.93 -22.58
CA GLU D 365 -12.19 -18.15 -22.19
C GLU D 365 -11.04 -19.08 -21.76
N LEU D 366 -9.91 -18.98 -22.47
CA LEU D 366 -8.68 -19.74 -22.13
C LEU D 366 -7.56 -18.72 -21.87
N LEU D 367 -7.14 -18.57 -20.61
CA LEU D 367 -6.14 -17.53 -20.24
C LEU D 367 -5.01 -18.19 -19.45
N ILE D 368 -3.81 -18.23 -20.03
CA ILE D 368 -2.64 -18.94 -19.41
C ILE D 368 -1.39 -18.05 -19.46
N ILE D 369 -1.53 -16.72 -19.56
CA ILE D 369 -0.40 -15.78 -19.80
C ILE D 369 0.59 -15.78 -18.62
N HIS D 370 1.84 -15.42 -18.90
CA HIS D 370 2.92 -15.27 -17.89
C HIS D 370 3.10 -16.57 -17.10
N ASN D 371 3.20 -17.70 -17.82
CA ASN D 371 3.52 -19.03 -17.25
C ASN D 371 4.65 -19.64 -18.09
N SER D 372 5.07 -20.87 -17.77
CA SER D 372 6.22 -21.57 -18.41
C SER D 372 5.70 -22.71 -19.27
N PHE D 373 4.45 -22.60 -19.72
CA PHE D 373 3.74 -23.65 -20.50
C PHE D 373 4.49 -23.89 -21.82
N SER D 374 4.75 -25.16 -22.12
CA SER D 374 5.61 -25.59 -23.24
C SER D 374 4.84 -26.50 -24.18
N GLY D 375 5.35 -26.70 -25.39
CA GLY D 375 4.82 -27.68 -26.35
C GLY D 375 3.98 -27.02 -27.41
N VAL D 376 3.14 -27.81 -28.09
CA VAL D 376 2.29 -27.34 -29.22
C VAL D 376 0.87 -27.12 -28.69
N ILE D 377 0.09 -26.26 -29.34
CA ILE D 377 -1.35 -26.08 -28.98
C ILE D 377 -2.03 -27.43 -29.20
N PRO D 378 -2.76 -27.99 -28.20
CA PRO D 378 -3.43 -29.28 -28.38
C PRO D 378 -4.40 -29.19 -29.56
N GLU D 379 -4.41 -30.20 -30.43
CA GLU D 379 -5.15 -30.17 -31.72
C GLU D 379 -6.66 -30.10 -31.42
N SER D 380 -7.09 -30.55 -30.24
CA SER D 380 -8.53 -30.55 -29.84
C SER D 380 -9.09 -29.14 -29.92
N LEU D 381 -8.28 -28.14 -29.56
CA LEU D 381 -8.73 -26.73 -29.47
C LEU D 381 -9.15 -26.23 -30.85
N ALA D 382 -8.63 -26.83 -31.93
CA ALA D 382 -9.00 -26.46 -33.32
C ALA D 382 -10.50 -26.71 -33.54
N ASP D 383 -11.06 -27.74 -32.89
CA ASP D 383 -12.49 -28.09 -33.03
C ASP D 383 -13.33 -27.27 -32.06
N CYS D 384 -12.71 -26.47 -31.17
CA CYS D 384 -13.41 -25.73 -30.08
C CYS D 384 -14.02 -24.45 -30.64
N ARG D 385 -15.20 -24.53 -31.26
CA ARG D 385 -15.86 -23.35 -31.87
C ARG D 385 -16.35 -22.41 -30.75
N SER D 386 -16.54 -22.92 -29.54
CA SER D 386 -17.07 -22.15 -28.37
C SER D 386 -16.12 -21.02 -27.95
N LEU D 387 -14.82 -21.12 -28.24
CA LEU D 387 -13.80 -20.15 -27.75
C LEU D 387 -14.11 -18.73 -28.24
N THR D 388 -14.03 -17.74 -27.35
CA THR D 388 -14.25 -16.30 -27.65
C THR D 388 -13.01 -15.49 -27.28
N ARG D 389 -12.28 -15.88 -26.23
CA ARG D 389 -11.06 -15.17 -25.76
C ARG D 389 -9.93 -16.17 -25.51
N ILE D 390 -8.80 -16.04 -26.21
CA ILE D 390 -7.62 -16.93 -26.04
C ILE D 390 -6.38 -16.10 -25.73
N ARG D 391 -5.72 -16.35 -24.61
CA ARG D 391 -4.45 -15.67 -24.23
C ARG D 391 -3.42 -16.72 -23.81
N LEU D 392 -2.46 -17.02 -24.71
CA LEU D 392 -1.37 -18.01 -24.46
C LEU D 392 -0.03 -17.28 -24.33
N ALA D 393 -0.04 -15.95 -24.25
CA ALA D 393 1.15 -15.08 -24.34
C ALA D 393 2.10 -15.32 -23.16
N TYR D 394 3.39 -15.04 -23.40
CA TYR D 394 4.48 -15.09 -22.38
C TYR D 394 4.60 -16.52 -21.82
N ASN D 395 4.52 -17.54 -22.68
CA ASN D 395 4.85 -18.94 -22.32
C ASN D 395 5.91 -19.44 -23.32
N ARG D 396 6.25 -20.74 -23.26
CA ARG D 396 7.38 -21.34 -24.03
C ARG D 396 6.83 -22.23 -25.15
N PHE D 397 5.64 -21.92 -25.66
CA PHE D 397 4.91 -22.74 -26.66
C PHE D 397 5.63 -22.71 -28.00
N SER D 398 5.71 -23.87 -28.67
CA SER D 398 6.40 -24.04 -29.97
C SER D 398 5.45 -24.65 -31.02
N GLY D 399 5.92 -24.73 -32.26
CA GLY D 399 5.29 -25.51 -33.33
C GLY D 399 4.22 -24.73 -34.07
N SER D 400 3.62 -25.34 -35.10
CA SER D 400 2.59 -24.69 -35.94
C SER D 400 1.29 -24.59 -35.13
N VAL D 401 0.46 -23.61 -35.44
CA VAL D 401 -0.89 -23.49 -34.84
C VAL D 401 -1.79 -24.46 -35.61
N PRO D 402 -2.63 -25.27 -34.92
CA PRO D 402 -3.59 -26.12 -35.63
C PRO D 402 -4.44 -25.23 -36.55
N THR D 403 -4.77 -25.73 -37.75
CA THR D 403 -5.40 -24.90 -38.81
C THR D 403 -6.73 -24.32 -38.31
N GLY D 404 -7.57 -25.12 -37.66
CA GLY D 404 -8.90 -24.71 -37.18
C GLY D 404 -8.84 -23.57 -36.18
N PHE D 405 -7.80 -23.55 -35.34
CA PHE D 405 -7.61 -22.57 -34.24
C PHE D 405 -7.66 -21.14 -34.80
N TRP D 406 -7.06 -20.92 -35.98
CA TRP D 406 -7.05 -19.61 -36.67
C TRP D 406 -8.49 -19.20 -37.00
N GLY D 407 -9.33 -20.16 -37.39
CA GLY D 407 -10.65 -19.87 -37.95
C GLY D 407 -11.80 -19.99 -36.95
N LEU D 408 -11.54 -20.18 -35.66
CA LEU D 408 -12.64 -20.31 -34.68
C LEU D 408 -13.50 -19.04 -34.76
N PRO D 409 -14.83 -19.17 -34.98
CA PRO D 409 -15.69 -18.03 -35.32
C PRO D 409 -15.87 -16.95 -34.25
N HIS D 410 -16.10 -17.32 -32.98
CA HIS D 410 -16.49 -16.33 -31.95
C HIS D 410 -15.26 -15.82 -31.19
N VAL D 411 -14.04 -16.26 -31.52
CA VAL D 411 -12.81 -15.64 -30.95
C VAL D 411 -12.78 -14.18 -31.42
N ASN D 412 -12.63 -13.23 -30.49
CA ASN D 412 -12.49 -11.79 -30.81
C ASN D 412 -11.04 -11.37 -30.55
N LEU D 413 -10.38 -11.96 -29.54
CA LEU D 413 -8.96 -11.72 -29.24
C LEU D 413 -8.19 -13.04 -29.33
N LEU D 414 -7.14 -13.11 -30.16
CA LEU D 414 -6.20 -14.26 -30.19
C LEU D 414 -4.79 -13.76 -29.85
N GLU D 415 -4.29 -14.07 -28.64
CA GLU D 415 -2.97 -13.58 -28.18
C GLU D 415 -1.97 -14.73 -28.06
N LEU D 416 -0.99 -14.76 -28.95
CA LEU D 416 0.09 -15.78 -28.99
C LEU D 416 1.44 -15.10 -28.76
N VAL D 417 1.43 -13.87 -28.24
CA VAL D 417 2.64 -12.99 -28.15
C VAL D 417 3.69 -13.64 -27.23
N ASN D 418 4.97 -13.39 -27.52
CA ASN D 418 6.15 -13.85 -26.73
C ASN D 418 6.14 -15.38 -26.55
N ASN D 419 5.84 -16.14 -27.60
CA ASN D 419 6.07 -17.61 -27.61
C ASN D 419 7.05 -17.95 -28.73
N SER D 420 7.35 -19.23 -28.93
CA SER D 420 8.28 -19.71 -29.98
C SER D 420 7.50 -20.35 -31.13
N PHE D 421 6.23 -19.98 -31.30
CA PHE D 421 5.33 -20.58 -32.31
C PHE D 421 5.90 -20.39 -33.71
N SER D 422 5.80 -21.41 -34.56
CA SER D 422 6.32 -21.38 -35.95
C SER D 422 5.17 -21.66 -36.93
N GLY D 423 5.46 -21.53 -38.23
CA GLY D 423 4.52 -21.92 -39.28
C GLY D 423 3.94 -20.70 -39.98
N GLU D 424 2.91 -20.92 -40.81
CA GLU D 424 2.28 -19.85 -41.62
C GLU D 424 0.83 -19.70 -41.15
N ILE D 425 0.33 -18.45 -41.09
CA ILE D 425 -1.12 -18.20 -40.80
C ILE D 425 -1.91 -18.89 -41.90
N SER D 426 -2.90 -19.71 -41.52
CA SER D 426 -3.67 -20.53 -42.48
C SER D 426 -4.64 -19.62 -43.25
N LYS D 427 -5.20 -20.11 -44.36
CA LYS D 427 -6.26 -19.40 -45.11
C LYS D 427 -7.56 -19.48 -44.30
N SER D 428 -7.58 -20.31 -43.25
CA SER D 428 -8.73 -20.49 -42.35
C SER D 428 -8.97 -19.21 -41.53
N ILE D 429 -8.03 -18.25 -41.57
CA ILE D 429 -8.13 -16.98 -40.81
C ILE D 429 -9.40 -16.25 -41.23
N GLY D 430 -9.85 -16.40 -42.48
CA GLY D 430 -11.12 -15.79 -42.95
C GLY D 430 -12.31 -16.27 -42.15
N GLY D 431 -12.21 -17.46 -41.56
CA GLY D 431 -13.28 -18.10 -40.78
C GLY D 431 -13.61 -17.39 -39.49
N ALA D 432 -12.65 -16.67 -38.88
CA ALA D 432 -12.88 -16.00 -37.57
C ALA D 432 -13.59 -14.68 -37.80
N SER D 433 -14.92 -14.72 -37.89
CA SER D 433 -15.79 -13.54 -38.10
C SER D 433 -15.64 -12.57 -36.92
N ASN D 434 -15.65 -13.07 -35.68
CA ASN D 434 -15.68 -12.22 -34.47
C ASN D 434 -14.30 -11.66 -34.13
N LEU D 435 -13.22 -12.21 -34.69
CA LEU D 435 -11.85 -11.72 -34.38
C LEU D 435 -11.79 -10.22 -34.66
N SER D 436 -11.42 -9.44 -33.64
CA SER D 436 -11.19 -7.99 -33.78
C SER D 436 -9.72 -7.69 -33.50
N LEU D 437 -9.12 -8.43 -32.57
CA LEU D 437 -7.72 -8.17 -32.12
C LEU D 437 -6.90 -9.44 -32.32
N LEU D 438 -5.86 -9.36 -33.18
CA LEU D 438 -4.92 -10.48 -33.45
C LEU D 438 -3.52 -10.04 -33.03
N ILE D 439 -2.92 -10.69 -32.04
CA ILE D 439 -1.58 -10.31 -31.51
C ILE D 439 -0.65 -11.52 -31.59
N LEU D 440 0.25 -11.52 -32.57
CA LEU D 440 1.19 -12.65 -32.84
C LEU D 440 2.62 -12.18 -32.61
N SER D 441 2.79 -11.07 -31.90
CA SER D 441 4.10 -10.39 -31.77
C SER D 441 5.13 -11.27 -31.05
N ASN D 442 6.42 -11.10 -31.39
CA ASN D 442 7.60 -11.75 -30.76
C ASN D 442 7.47 -13.29 -30.80
N ASN D 443 7.08 -13.83 -31.96
CA ASN D 443 7.07 -15.29 -32.23
C ASN D 443 8.02 -15.60 -33.38
N GLU D 444 8.17 -16.89 -33.72
CA GLU D 444 9.10 -17.34 -34.79
C GLU D 444 8.29 -17.63 -36.05
N PHE D 445 7.09 -17.06 -36.19
CA PHE D 445 6.18 -17.33 -37.33
C PHE D 445 6.85 -16.89 -38.63
N THR D 446 6.56 -17.58 -39.72
CA THR D 446 7.10 -17.29 -41.07
C THR D 446 5.96 -17.23 -42.09
N GLY D 447 6.24 -16.70 -43.29
CA GLY D 447 5.34 -16.84 -44.44
C GLY D 447 4.79 -15.52 -44.92
N SER D 448 3.87 -15.56 -45.89
CA SER D 448 3.18 -14.37 -46.46
C SER D 448 1.80 -14.26 -45.84
N LEU D 449 1.38 -13.05 -45.46
CA LEU D 449 0.07 -12.86 -44.81
C LEU D 449 -1.03 -13.37 -45.74
N PRO D 450 -1.93 -14.25 -45.25
CA PRO D 450 -2.98 -14.82 -46.09
C PRO D 450 -3.91 -13.74 -46.65
N GLU D 451 -4.42 -13.92 -47.88
CA GLU D 451 -5.37 -12.98 -48.51
C GLU D 451 -6.66 -12.96 -47.69
N GLU D 452 -6.95 -14.04 -46.96
CA GLU D 452 -8.17 -14.17 -46.13
C GLU D 452 -8.14 -13.19 -44.95
N ILE D 453 -6.99 -12.57 -44.67
CA ILE D 453 -6.91 -11.48 -43.64
C ILE D 453 -7.86 -10.37 -44.06
N GLY D 454 -7.96 -10.06 -45.36
CA GLY D 454 -8.88 -9.05 -45.90
C GLY D 454 -10.34 -9.40 -45.68
N SER D 455 -10.66 -10.70 -45.62
CA SER D 455 -12.02 -11.21 -45.33
C SER D 455 -12.49 -10.68 -43.98
N LEU D 456 -11.58 -10.53 -43.01
CA LEU D 456 -11.90 -10.07 -41.63
C LEU D 456 -12.07 -8.54 -41.61
N ASP D 457 -13.26 -8.07 -41.99
CA ASP D 457 -13.59 -6.63 -42.09
C ASP D 457 -13.95 -6.06 -40.72
N ASN D 458 -14.06 -6.89 -39.68
CA ASN D 458 -14.32 -6.42 -38.30
C ASN D 458 -13.00 -6.36 -37.52
N LEU D 459 -11.87 -6.67 -38.17
CA LEU D 459 -10.56 -6.73 -37.47
C LEU D 459 -10.15 -5.31 -37.12
N ASN D 460 -9.77 -5.09 -35.86
CA ASN D 460 -9.44 -3.75 -35.32
C ASN D 460 -7.94 -3.64 -35.04
N GLN D 461 -7.30 -4.69 -34.54
CA GLN D 461 -5.85 -4.63 -34.19
C GLN D 461 -5.08 -5.81 -34.79
N LEU D 462 -4.01 -5.53 -35.52
CA LEU D 462 -3.07 -6.58 -35.98
C LEU D 462 -1.68 -6.21 -35.49
N SER D 463 -1.10 -7.00 -34.59
CA SER D 463 0.29 -6.80 -34.14
C SER D 463 1.09 -8.09 -34.36
N ALA D 464 2.00 -8.08 -35.33
CA ALA D 464 2.81 -9.26 -35.71
C ALA D 464 4.29 -8.91 -35.63
N SER D 465 4.69 -8.08 -34.67
CA SER D 465 6.08 -7.57 -34.53
C SER D 465 6.99 -8.73 -34.10
N GLY D 466 8.28 -8.65 -34.42
CA GLY D 466 9.27 -9.67 -34.03
C GLY D 466 8.95 -11.05 -34.57
N ASN D 467 8.50 -11.13 -35.82
CA ASN D 467 8.22 -12.40 -36.52
C ASN D 467 9.04 -12.43 -37.80
N LYS D 468 9.05 -13.54 -38.53
CA LYS D 468 9.86 -13.67 -39.76
C LYS D 468 8.93 -13.67 -40.98
N PHE D 469 7.76 -13.05 -40.88
CA PHE D 469 6.79 -13.00 -42.00
C PHE D 469 7.45 -12.25 -43.17
N SER D 470 7.17 -12.63 -44.40
CA SER D 470 7.84 -12.08 -45.60
C SER D 470 6.85 -11.93 -46.75
N GLY D 471 7.27 -11.25 -47.81
CA GLY D 471 6.52 -11.12 -49.06
C GLY D 471 5.73 -9.82 -49.10
N SER D 472 4.96 -9.63 -50.17
CA SER D 472 4.10 -8.44 -50.39
C SER D 472 2.90 -8.50 -49.44
N LEU D 473 2.51 -7.34 -48.90
CA LEU D 473 1.28 -7.23 -48.09
C LEU D 473 0.09 -7.56 -48.98
N PRO D 474 -0.83 -8.46 -48.55
CA PRO D 474 -1.97 -8.79 -49.39
C PRO D 474 -2.75 -7.50 -49.68
N ASP D 475 -3.18 -7.32 -50.92
CA ASP D 475 -4.01 -6.16 -51.31
C ASP D 475 -5.30 -6.18 -50.48
N SER D 476 -5.72 -7.37 -50.04
CA SER D 476 -6.90 -7.58 -49.16
C SER D 476 -6.74 -6.81 -47.84
N LEU D 477 -5.52 -6.76 -47.30
CA LEU D 477 -5.25 -6.10 -45.99
C LEU D 477 -5.71 -4.65 -46.07
N MET D 478 -5.55 -3.99 -47.23
CA MET D 478 -5.96 -2.57 -47.46
C MET D 478 -7.49 -2.44 -47.45
N SER D 479 -8.25 -3.54 -47.55
CA SER D 479 -9.74 -3.54 -47.51
C SER D 479 -10.27 -3.45 -46.08
N LEU D 480 -9.40 -3.55 -45.06
CA LEU D 480 -9.81 -3.56 -43.64
C LEU D 480 -10.05 -2.13 -43.16
N GLY D 481 -11.26 -1.60 -43.36
CA GLY D 481 -11.60 -0.22 -42.95
C GLY D 481 -11.56 -0.03 -41.44
N GLU D 482 -12.03 -1.03 -40.68
CA GLU D 482 -12.23 -0.91 -39.22
C GLU D 482 -10.88 -1.03 -38.48
N LEU D 483 -9.80 -1.36 -39.18
CA LEU D 483 -8.48 -1.58 -38.53
C LEU D 483 -8.02 -0.26 -37.93
N GLY D 484 -7.64 -0.27 -36.65
CA GLY D 484 -7.14 0.91 -35.93
C GLY D 484 -5.65 0.80 -35.66
N THR D 485 -5.12 -0.42 -35.52
CA THR D 485 -3.66 -0.60 -35.31
C THR D 485 -3.11 -1.67 -36.24
N LEU D 486 -2.05 -1.35 -36.97
CA LEU D 486 -1.26 -2.33 -37.75
C LEU D 486 0.21 -2.20 -37.34
N ASP D 487 0.76 -3.19 -36.65
CA ASP D 487 2.19 -3.21 -36.26
C ASP D 487 2.85 -4.43 -36.89
N LEU D 488 3.69 -4.22 -37.92
CA LEU D 488 4.36 -5.31 -38.66
C LEU D 488 5.88 -5.15 -38.53
N HIS D 489 6.36 -4.55 -37.44
CA HIS D 489 7.79 -4.23 -37.27
C HIS D 489 8.58 -5.51 -36.99
N GLY D 490 9.88 -5.50 -37.32
CA GLY D 490 10.77 -6.66 -37.07
C GLY D 490 10.33 -7.86 -37.90
N ASN D 491 10.02 -7.63 -39.17
CA ASN D 491 9.55 -8.69 -40.12
C ASN D 491 10.37 -8.58 -41.41
N GLN D 492 10.24 -9.55 -42.31
CA GLN D 492 11.00 -9.58 -43.59
C GLN D 492 10.07 -9.15 -44.74
N PHE D 493 9.00 -8.41 -44.44
CA PHE D 493 7.98 -8.02 -45.45
C PHE D 493 8.64 -7.21 -46.56
N SER D 494 8.23 -7.46 -47.81
CA SER D 494 8.79 -6.78 -49.00
C SER D 494 7.65 -6.23 -49.86
N GLY D 495 7.96 -5.30 -50.75
CA GLY D 495 7.00 -4.81 -51.75
C GLY D 495 6.74 -3.33 -51.60
N GLU D 496 5.84 -2.83 -52.46
CA GLU D 496 5.46 -1.39 -52.53
C GLU D 496 4.02 -1.27 -52.03
N LEU D 497 3.74 -0.25 -51.22
CA LEU D 497 2.37 0.04 -50.71
C LEU D 497 1.54 0.57 -51.87
N THR D 498 0.27 0.17 -51.98
CA THR D 498 -0.63 0.57 -53.09
C THR D 498 -1.47 1.78 -52.68
N SER D 499 -2.25 2.31 -53.62
CA SER D 499 -3.18 3.44 -53.41
C SER D 499 -4.31 3.02 -52.46
N GLY D 500 -4.50 1.70 -52.31
CA GLY D 500 -5.59 1.07 -51.53
C GLY D 500 -5.50 1.39 -50.05
N ILE D 501 -4.39 1.95 -49.59
CA ILE D 501 -4.17 2.34 -48.16
C ILE D 501 -5.25 3.36 -47.77
N LYS D 502 -5.90 3.98 -48.76
CA LYS D 502 -6.97 4.99 -48.57
C LYS D 502 -8.10 4.39 -47.72
N SER D 503 -8.36 3.10 -47.86
CA SER D 503 -9.48 2.40 -47.16
C SER D 503 -9.17 2.26 -45.66
N TRP D 504 -7.92 2.45 -45.23
CA TRP D 504 -7.57 2.47 -43.78
C TRP D 504 -7.96 3.82 -43.19
N LYS D 505 -9.24 4.17 -43.28
CA LYS D 505 -9.77 5.48 -42.83
C LYS D 505 -9.69 5.58 -41.30
N LYS D 506 -9.89 4.45 -40.61
CA LYS D 506 -9.97 4.43 -39.12
C LYS D 506 -8.61 4.07 -38.51
N LEU D 507 -7.55 3.97 -39.30
CA LEU D 507 -6.22 3.52 -38.79
C LEU D 507 -5.60 4.61 -37.94
N ASN D 508 -5.25 4.27 -36.70
CA ASN D 508 -4.59 5.18 -35.74
C ASN D 508 -3.08 4.99 -35.84
N GLU D 509 -2.62 3.74 -35.98
CA GLU D 509 -1.17 3.45 -36.00
C GLU D 509 -0.81 2.56 -37.19
N LEU D 510 0.25 2.93 -37.91
CA LEU D 510 0.89 2.06 -38.92
C LEU D 510 2.37 1.97 -38.58
N ASN D 511 2.85 0.78 -38.22
CA ASN D 511 4.29 0.55 -37.96
C ASN D 511 4.79 -0.50 -38.93
N LEU D 512 5.62 -0.10 -39.88
CA LEU D 512 6.21 -0.99 -40.91
C LEU D 512 7.73 -0.98 -40.79
N ALA D 513 8.26 -0.63 -39.60
CA ALA D 513 9.70 -0.43 -39.37
C ALA D 513 10.45 -1.77 -39.34
N ASP D 514 11.74 -1.75 -39.61
CA ASP D 514 12.61 -2.95 -39.62
C ASP D 514 11.97 -3.99 -40.55
N ASN D 515 11.75 -3.59 -41.79
CA ASN D 515 11.21 -4.45 -42.87
C ASN D 515 12.01 -4.19 -44.17
N GLU D 516 11.70 -4.92 -45.23
CA GLU D 516 12.40 -4.77 -46.54
C GLU D 516 11.44 -4.13 -47.56
N PHE D 517 10.48 -3.31 -47.11
CA PHE D 517 9.51 -2.62 -48.01
C PHE D 517 10.27 -1.68 -48.95
N THR D 518 9.88 -1.63 -50.22
CA THR D 518 10.55 -0.80 -51.26
C THR D 518 9.51 0.07 -51.96
N GLY D 519 9.95 1.14 -52.63
CA GLY D 519 9.05 1.91 -53.50
C GLY D 519 8.67 3.24 -52.89
N LYS D 520 7.73 3.94 -53.51
CA LYS D 520 7.33 5.31 -53.09
C LYS D 520 6.13 5.18 -52.14
N ILE D 521 6.10 6.03 -51.12
CA ILE D 521 4.94 6.16 -50.19
C ILE D 521 3.77 6.66 -51.02
N PRO D 522 2.60 5.98 -50.97
CA PRO D 522 1.43 6.42 -51.75
C PRO D 522 1.05 7.81 -51.23
N ASP D 523 0.65 8.71 -52.11
CA ASP D 523 0.32 10.10 -51.72
C ASP D 523 -1.07 10.10 -51.09
N GLU D 524 -1.72 8.94 -50.99
CA GLU D 524 -3.03 8.78 -50.32
C GLU D 524 -2.85 8.70 -48.80
N ILE D 525 -1.62 8.87 -48.29
CA ILE D 525 -1.34 8.81 -46.83
C ILE D 525 -2.14 9.90 -46.11
N GLY D 526 -2.28 11.09 -46.70
CA GLY D 526 -3.04 12.21 -46.12
C GLY D 526 -4.52 11.91 -45.98
N SER D 527 -5.07 11.03 -46.84
CA SER D 527 -6.51 10.65 -46.88
C SER D 527 -6.90 9.83 -45.63
N LEU D 528 -5.91 9.40 -44.85
CA LEU D 528 -6.17 8.65 -43.60
C LEU D 528 -6.52 9.67 -42.51
N SER D 529 -7.80 9.78 -42.17
CA SER D 529 -8.33 10.83 -41.25
C SER D 529 -7.67 10.76 -39.87
N VAL D 530 -7.48 9.57 -39.30
CA VAL D 530 -7.13 9.43 -37.85
C VAL D 530 -5.72 8.85 -37.69
N LEU D 531 -4.87 8.87 -38.71
CA LEU D 531 -3.47 8.41 -38.55
C LEU D 531 -2.73 9.42 -37.68
N ASN D 532 -2.23 8.98 -36.53
CA ASN D 532 -1.51 9.85 -35.57
C ASN D 532 -0.07 9.37 -35.40
N TYR D 533 0.19 8.08 -35.63
CA TYR D 533 1.52 7.47 -35.43
C TYR D 533 1.93 6.73 -36.70
N LEU D 534 3.01 7.15 -37.37
CA LEU D 534 3.52 6.49 -38.60
C LEU D 534 4.99 6.15 -38.43
N ASP D 535 5.35 4.88 -38.52
CA ASP D 535 6.78 4.47 -38.48
C ASP D 535 7.06 3.64 -39.73
N LEU D 536 7.80 4.21 -40.67
CA LEU D 536 8.23 3.53 -41.91
C LEU D 536 9.76 3.43 -41.90
N SER D 537 10.37 3.62 -40.73
CA SER D 537 11.85 3.68 -40.57
C SER D 537 12.44 2.30 -40.83
N GLY D 538 13.70 2.23 -41.27
CA GLY D 538 14.42 0.96 -41.50
C GLY D 538 13.74 0.18 -42.60
N ASN D 539 13.69 0.78 -43.78
CA ASN D 539 13.04 0.21 -45.00
C ASN D 539 13.81 0.71 -46.22
N MET D 540 13.30 0.44 -47.42
CA MET D 540 13.92 0.90 -48.69
C MET D 540 12.93 1.78 -49.45
N PHE D 541 12.12 2.57 -48.75
CA PHE D 541 11.18 3.54 -49.36
C PHE D 541 11.98 4.61 -50.08
N SER D 542 11.62 4.94 -51.32
CA SER D 542 12.39 5.87 -52.18
C SER D 542 11.49 7.00 -52.66
N GLY D 543 12.01 7.91 -53.49
CA GLY D 543 11.21 8.98 -54.11
C GLY D 543 10.99 10.13 -53.14
N LYS D 544 10.06 11.03 -53.46
CA LYS D 544 9.82 12.26 -52.66
C LYS D 544 8.66 12.02 -51.69
N ILE D 545 8.80 12.55 -50.48
CA ILE D 545 7.77 12.51 -49.40
C ILE D 545 6.55 13.25 -49.92
N PRO D 546 5.32 12.68 -49.83
CA PRO D 546 4.11 13.40 -50.26
C PRO D 546 3.87 14.67 -49.44
N VAL D 547 3.37 15.74 -50.07
CA VAL D 547 2.98 16.99 -49.35
C VAL D 547 1.70 16.72 -48.56
N SER D 548 0.98 15.64 -48.86
CA SER D 548 -0.27 15.24 -48.14
C SER D 548 0.06 14.88 -46.69
N LEU D 549 1.30 14.46 -46.41
CA LEU D 549 1.75 14.07 -45.05
C LEU D 549 1.59 15.25 -44.09
N GLN D 550 1.86 16.47 -44.56
CA GLN D 550 1.74 17.72 -43.76
C GLN D 550 0.31 17.85 -43.22
N SER D 551 -0.69 17.54 -44.05
CA SER D 551 -2.14 17.66 -43.71
C SER D 551 -2.45 16.80 -42.47
N LEU D 552 -1.82 15.63 -42.34
CA LEU D 552 -2.03 14.72 -41.18
C LEU D 552 -1.52 15.42 -39.92
N LYS D 553 -2.25 15.29 -38.81
CA LYS D 553 -1.75 15.72 -37.49
C LYS D 553 -1.13 14.49 -36.84
N LEU D 554 0.19 14.39 -36.88
CA LEU D 554 0.94 13.20 -36.39
C LEU D 554 1.67 13.54 -35.09
N ASN D 555 1.47 12.70 -34.07
CA ASN D 555 2.20 12.75 -32.76
C ASN D 555 3.54 12.02 -32.89
N GLN D 556 3.64 11.01 -33.74
CA GLN D 556 4.88 10.24 -34.03
C GLN D 556 5.05 10.10 -35.55
N LEU D 557 6.19 10.55 -36.09
CA LEU D 557 6.53 10.35 -37.52
C LEU D 557 8.00 9.95 -37.64
N ASN D 558 8.29 8.76 -38.17
CA ASN D 558 9.68 8.34 -38.48
C ASN D 558 9.75 7.78 -39.90
N LEU D 559 10.54 8.42 -40.76
CA LEU D 559 10.83 7.94 -42.13
C LEU D 559 12.34 7.71 -42.24
N SER D 560 13.02 7.60 -41.09
CA SER D 560 14.50 7.47 -41.01
C SER D 560 14.96 6.17 -41.66
N TYR D 561 16.20 6.17 -42.15
CA TYR D 561 16.89 4.99 -42.74
C TYR D 561 15.99 4.41 -43.83
N ASN D 562 15.77 5.20 -44.89
CA ASN D 562 15.09 4.81 -46.14
C ASN D 562 15.91 5.35 -47.32
N ARG D 563 15.37 5.34 -48.54
CA ARG D 563 16.03 5.85 -49.77
C ARG D 563 15.31 7.11 -50.25
N LEU D 564 14.66 7.81 -49.33
CA LEU D 564 13.83 9.00 -49.68
C LEU D 564 14.75 10.10 -50.20
N SER D 565 14.34 10.80 -51.26
CA SER D 565 15.13 11.89 -51.87
C SER D 565 14.25 13.12 -52.09
N GLY D 566 14.86 14.25 -52.46
CA GLY D 566 14.14 15.51 -52.71
C GLY D 566 14.26 16.46 -51.53
N ASP D 567 13.61 17.62 -51.61
CA ASP D 567 13.64 18.64 -50.53
C ASP D 567 12.55 18.31 -49.50
N LEU D 568 12.83 18.52 -48.21
CA LEU D 568 11.83 18.43 -47.12
C LEU D 568 10.81 19.56 -47.27
N PRO D 569 9.49 19.30 -47.32
CA PRO D 569 8.48 20.36 -47.36
C PRO D 569 8.59 21.32 -46.17
N PRO D 570 8.00 22.54 -46.24
CA PRO D 570 8.23 23.56 -45.21
C PRO D 570 7.81 23.19 -43.78
N SER D 571 6.65 22.53 -43.63
CA SER D 571 6.13 22.04 -42.33
C SER D 571 7.10 21.04 -41.72
N LEU D 572 7.68 20.17 -42.55
CA LEU D 572 8.62 19.13 -42.08
C LEU D 572 9.96 19.78 -41.68
N ALA D 573 10.21 21.03 -42.07
CA ALA D 573 11.51 21.70 -41.87
C ALA D 573 11.67 22.21 -40.44
N LYS D 574 11.28 21.45 -39.43
CA LYS D 574 11.21 21.94 -38.02
C LYS D 574 12.08 21.05 -37.14
N ASP D 575 12.56 21.58 -36.02
CA ASP D 575 13.38 20.81 -35.05
C ASP D 575 12.52 19.70 -34.43
N MET D 576 11.19 19.76 -34.58
CA MET D 576 10.30 18.68 -34.09
C MET D 576 10.43 17.46 -35.01
N TYR D 577 10.87 17.64 -36.25
CA TYR D 577 11.02 16.56 -37.25
C TYR D 577 12.51 16.26 -37.49
N LYS D 578 13.34 16.61 -36.50
CA LYS D 578 14.82 16.47 -36.56
C LYS D 578 15.24 15.01 -36.75
N ASN D 579 14.73 14.11 -35.91
CA ASN D 579 15.17 12.69 -35.88
C ASN D 579 14.24 11.84 -36.74
N SER D 580 13.30 12.48 -37.43
CA SER D 580 12.30 11.81 -38.30
C SER D 580 12.93 11.33 -39.61
N PHE D 581 13.88 12.08 -40.19
CA PHE D 581 14.37 11.78 -41.58
C PHE D 581 15.88 11.49 -41.65
N ILE D 582 16.53 11.13 -40.54
CA ILE D 582 17.97 10.71 -40.54
C ILE D 582 18.12 9.46 -41.41
N GLY D 583 19.23 9.34 -42.15
CA GLY D 583 19.57 8.11 -42.89
C GLY D 583 18.90 7.97 -44.25
N ASN D 584 18.15 8.97 -44.72
CA ASN D 584 17.68 9.00 -46.13
C ASN D 584 18.62 9.95 -46.85
N PRO D 585 19.59 9.45 -47.65
CA PRO D 585 20.65 10.31 -48.20
C PRO D 585 20.15 11.40 -49.16
N GLY D 586 19.22 11.06 -50.05
CA GLY D 586 18.68 12.00 -51.06
C GLY D 586 18.01 13.19 -50.39
N LEU D 587 17.36 12.97 -49.24
CA LEU D 587 16.65 14.03 -48.48
C LEU D 587 17.65 15.11 -48.06
N CYS D 588 17.40 16.37 -48.45
CA CYS D 588 18.15 17.57 -48.00
C CYS D 588 17.12 18.54 -47.41
N GLY D 589 17.28 18.99 -46.16
CA GLY D 589 16.23 19.76 -45.46
C GLY D 589 16.78 20.79 -44.49
N ASP D 590 15.92 21.74 -44.08
CA ASP D 590 16.32 22.86 -43.19
C ASP D 590 16.31 22.42 -41.73
N ILE D 591 17.19 21.51 -41.33
CA ILE D 591 17.39 21.13 -39.89
C ILE D 591 18.90 20.94 -39.69
N LYS D 592 19.40 21.11 -38.47
CA LYS D 592 20.84 20.99 -38.16
C LYS D 592 21.19 19.50 -38.16
N GLY D 593 22.13 19.10 -39.03
CA GLY D 593 22.58 17.70 -39.17
C GLY D 593 22.11 17.07 -40.47
N LEU D 594 20.93 17.43 -40.98
CA LEU D 594 20.43 16.89 -42.28
C LEU D 594 21.35 17.41 -43.39
N CYS D 595 21.65 16.60 -44.41
CA CYS D 595 22.52 17.03 -45.53
C CYS D 595 23.55 18.02 -45.00
N ASN E 8 -8.15 -2.66 -12.69
CA ASN E 8 -7.23 -1.86 -11.82
C ASN E 8 -7.70 -0.40 -11.80
N LEU E 9 -6.96 0.47 -11.11
CA LEU E 9 -7.34 1.90 -10.90
C LEU E 9 -7.47 2.59 -12.26
N GLU E 10 -6.52 2.34 -13.18
CA GLU E 10 -6.51 2.97 -14.52
C GLU E 10 -7.77 2.56 -15.30
N GLY E 11 -8.14 1.28 -15.28
CA GLY E 11 -9.35 0.76 -15.95
C GLY E 11 -10.62 1.36 -15.37
N ASP E 12 -10.66 1.52 -14.04
CA ASP E 12 -11.83 2.09 -13.33
C ASP E 12 -12.00 3.55 -13.78
N ALA E 13 -10.90 4.29 -13.87
CA ALA E 13 -10.90 5.70 -14.32
C ALA E 13 -11.44 5.76 -15.75
N LEU E 14 -10.99 4.88 -16.64
CA LEU E 14 -11.43 4.88 -18.07
C LEU E 14 -12.91 4.49 -18.15
N HIS E 15 -13.35 3.53 -17.32
CA HIS E 15 -14.76 3.10 -17.31
C HIS E 15 -15.65 4.27 -16.90
N THR E 16 -15.24 5.01 -15.86
CA THR E 16 -15.94 6.22 -15.40
C THR E 16 -16.15 7.12 -16.61
N LEU E 17 -15.12 7.32 -17.45
CA LEU E 17 -15.22 8.18 -18.65
C LEU E 17 -16.29 7.60 -19.58
N ARG E 18 -16.31 6.27 -19.72
CA ARG E 18 -17.24 5.59 -20.64
C ARG E 18 -18.68 5.93 -20.21
N VAL E 19 -18.93 5.91 -18.90
CA VAL E 19 -20.29 6.10 -18.31
C VAL E 19 -20.79 7.52 -18.63
N THR E 20 -19.90 8.53 -18.61
CA THR E 20 -20.24 9.97 -18.82
C THR E 20 -20.21 10.35 -20.31
N LEU E 21 -19.66 9.49 -21.17
CA LEU E 21 -19.65 9.74 -22.64
C LEU E 21 -20.90 9.10 -23.22
N VAL E 22 -21.43 9.67 -24.30
CA VAL E 22 -22.49 9.03 -25.14
C VAL E 22 -21.79 8.38 -26.34
N ASP E 23 -22.01 7.08 -26.54
CA ASP E 23 -21.26 6.25 -27.52
C ASP E 23 -22.22 5.55 -28.47
N PRO E 24 -22.76 6.24 -29.48
CA PRO E 24 -23.77 5.66 -30.39
C PRO E 24 -23.25 4.47 -31.22
N ASN E 25 -21.96 4.46 -31.60
CA ASN E 25 -21.37 3.42 -32.48
C ASN E 25 -20.78 2.29 -31.64
N ASN E 26 -20.82 2.41 -30.30
CA ASN E 26 -20.34 1.40 -29.33
C ASN E 26 -18.86 1.16 -29.52
N VAL E 27 -18.09 2.23 -29.71
CA VAL E 27 -16.61 2.15 -29.87
C VAL E 27 -15.95 1.76 -28.53
N LEU E 28 -16.63 1.88 -27.38
CA LEU E 28 -16.00 1.57 -26.06
C LEU E 28 -16.51 0.24 -25.52
N GLN E 29 -17.02 -0.66 -26.37
CA GLN E 29 -17.57 -1.97 -25.92
C GLN E 29 -16.45 -2.85 -25.32
N SER E 30 -15.23 -2.74 -25.83
CA SER E 30 -14.06 -3.52 -25.34
C SER E 30 -13.71 -3.15 -23.89
N TRP E 31 -14.20 -2.01 -23.41
CA TRP E 31 -13.86 -1.49 -22.06
C TRP E 31 -14.62 -2.26 -20.99
N ASP E 32 -14.22 -3.52 -20.76
CA ASP E 32 -14.79 -4.39 -19.70
C ASP E 32 -14.11 -4.07 -18.38
N PRO E 33 -14.84 -3.57 -17.36
CA PRO E 33 -14.23 -3.26 -16.06
C PRO E 33 -13.72 -4.51 -15.35
N THR E 34 -14.25 -5.68 -15.70
CA THR E 34 -13.91 -6.98 -15.06
C THR E 34 -12.52 -7.45 -15.53
N LEU E 35 -12.01 -6.89 -16.64
CA LEU E 35 -10.65 -7.21 -17.13
C LEU E 35 -9.62 -6.67 -16.12
N VAL E 36 -8.54 -7.40 -15.89
CA VAL E 36 -7.55 -7.10 -14.81
C VAL E 36 -6.93 -5.73 -15.10
N ASN E 37 -6.63 -5.45 -16.37
CA ASN E 37 -6.09 -4.14 -16.79
C ASN E 37 -6.83 -3.73 -18.07
N PRO E 38 -6.75 -2.45 -18.47
CA PRO E 38 -7.43 -1.98 -19.66
C PRO E 38 -6.61 -2.07 -20.96
N CYS E 39 -5.44 -2.70 -20.94
CA CYS E 39 -4.47 -2.68 -22.06
C CYS E 39 -5.06 -3.36 -23.30
N THR E 40 -5.80 -4.45 -23.10
CA THR E 40 -6.37 -5.28 -24.19
C THR E 40 -7.56 -4.54 -24.81
N TRP E 41 -8.06 -3.50 -24.12
CA TRP E 41 -9.20 -2.69 -24.61
C TRP E 41 -8.83 -2.09 -25.96
N PHE E 42 -9.75 -2.06 -26.92
CA PHE E 42 -9.50 -1.36 -28.20
C PHE E 42 -9.53 0.14 -27.92
N HIS E 43 -8.71 0.92 -28.64
CA HIS E 43 -8.57 2.39 -28.47
C HIS E 43 -7.70 2.69 -27.25
N VAL E 44 -7.17 1.68 -26.57
CA VAL E 44 -6.27 1.85 -25.40
C VAL E 44 -4.96 1.11 -25.67
N THR E 45 -3.83 1.79 -25.47
CA THR E 45 -2.47 1.20 -25.61
C THR E 45 -1.74 1.32 -24.26
N CYS E 46 -0.95 0.32 -23.92
CA CYS E 46 -0.23 0.22 -22.63
C CYS E 46 1.28 0.10 -22.87
N ASN E 47 2.10 0.35 -21.84
CA ASN E 47 3.56 0.18 -21.90
C ASN E 47 3.89 -1.29 -21.57
N ASN E 48 5.18 -1.62 -21.54
CA ASN E 48 5.69 -2.99 -21.25
C ASN E 48 5.39 -3.33 -19.79
N GLU E 49 5.09 -2.33 -18.94
CA GLU E 49 4.72 -2.55 -17.52
C GLU E 49 3.20 -2.49 -17.35
N ASN E 50 2.44 -2.53 -18.45
CA ASN E 50 0.95 -2.63 -18.44
C ASN E 50 0.34 -1.38 -17.81
N SER E 51 0.87 -0.20 -18.13
CA SER E 51 0.29 1.12 -17.74
C SER E 51 -0.16 1.87 -19.00
N VAL E 52 -1.35 2.48 -18.97
CA VAL E 52 -1.96 3.09 -20.20
C VAL E 52 -1.05 4.25 -20.63
N ILE E 53 -0.66 4.27 -21.92
CA ILE E 53 0.21 5.34 -22.50
C ILE E 53 -0.54 6.06 -23.62
N ARG E 54 -1.55 5.43 -24.25
CA ARG E 54 -2.34 6.08 -25.34
C ARG E 54 -3.82 5.80 -25.17
N VAL E 55 -4.67 6.82 -25.31
CA VAL E 55 -6.14 6.67 -25.46
C VAL E 55 -6.53 7.25 -26.82
N ASP E 56 -6.88 6.41 -27.79
CA ASP E 56 -7.02 6.84 -29.20
C ASP E 56 -8.50 6.81 -29.60
N LEU E 57 -9.20 7.94 -29.46
CA LEU E 57 -10.67 8.00 -29.57
C LEU E 57 -11.15 9.07 -30.56
N GLY E 58 -10.27 9.53 -31.46
CA GLY E 58 -10.59 10.54 -32.48
C GLY E 58 -11.67 10.07 -33.43
N ASN E 59 -12.57 10.97 -33.83
CA ASN E 59 -13.62 10.76 -34.85
C ASN E 59 -14.42 9.48 -34.53
N ALA E 60 -14.87 9.34 -33.29
CA ALA E 60 -15.63 8.17 -32.79
C ALA E 60 -17.12 8.52 -32.59
N GLU E 61 -17.56 9.72 -33.02
CA GLU E 61 -18.94 10.27 -32.80
C GLU E 61 -19.30 10.20 -31.32
N LEU E 62 -18.35 10.46 -30.43
CA LEU E 62 -18.57 10.50 -28.96
C LEU E 62 -19.15 11.86 -28.59
N SER E 63 -20.16 11.89 -27.73
CA SER E 63 -20.77 13.11 -27.16
C SER E 63 -20.73 12.99 -25.64
N GLY E 64 -21.03 14.06 -24.90
CA GLY E 64 -21.09 13.97 -23.43
C GLY E 64 -19.96 14.75 -22.82
N HIS E 65 -19.40 14.33 -21.69
CA HIS E 65 -18.41 15.16 -20.99
C HIS E 65 -17.24 14.31 -20.47
N LEU E 66 -16.11 14.96 -20.25
CA LEU E 66 -14.90 14.31 -19.70
C LEU E 66 -15.05 14.18 -18.18
N VAL E 67 -14.13 13.46 -17.56
CA VAL E 67 -14.17 13.21 -16.10
C VAL E 67 -12.82 13.60 -15.52
N PRO E 68 -12.76 14.04 -14.25
CA PRO E 68 -11.49 14.31 -13.58
C PRO E 68 -10.61 13.06 -13.41
N GLU E 69 -11.19 11.86 -13.44
CA GLU E 69 -10.47 10.59 -13.16
C GLU E 69 -9.46 10.26 -14.27
N LEU E 70 -9.50 10.95 -15.41
CA LEU E 70 -8.48 10.82 -16.49
C LEU E 70 -7.12 11.15 -15.91
N GLY E 71 -7.07 11.95 -14.85
CA GLY E 71 -5.82 12.35 -14.17
C GLY E 71 -5.05 11.19 -13.56
N VAL E 72 -5.75 10.13 -13.16
CA VAL E 72 -5.16 8.90 -12.53
C VAL E 72 -4.21 8.20 -13.51
N LEU E 73 -4.43 8.32 -14.82
CA LEU E 73 -3.60 7.64 -15.86
C LEU E 73 -2.30 8.42 -16.03
N LYS E 74 -1.41 8.38 -15.04
CA LYS E 74 -0.20 9.23 -14.98
C LYS E 74 0.73 8.94 -16.16
N ASN E 75 0.85 7.67 -16.57
CA ASN E 75 1.88 7.31 -17.58
C ASN E 75 1.30 7.48 -18.99
N LEU E 76 0.07 7.98 -19.11
CA LEU E 76 -0.55 8.33 -20.42
C LEU E 76 0.26 9.46 -21.06
N GLN E 77 0.54 9.29 -22.35
CA GLN E 77 1.35 10.25 -23.13
C GLN E 77 0.47 10.88 -24.20
N TYR E 78 -0.47 10.13 -24.77
CA TYR E 78 -1.28 10.65 -25.91
C TYR E 78 -2.76 10.55 -25.58
N LEU E 79 -3.44 11.68 -25.42
CA LEU E 79 -4.91 11.72 -25.22
C LEU E 79 -5.57 12.22 -26.51
N GLU E 80 -6.19 11.32 -27.28
CA GLU E 80 -6.76 11.69 -28.60
C GLU E 80 -8.29 11.64 -28.54
N LEU E 81 -8.94 12.79 -28.36
CA LEU E 81 -10.43 12.85 -28.25
C LEU E 81 -11.00 13.71 -29.38
N TYR E 82 -10.22 13.93 -30.44
CA TYR E 82 -10.51 14.94 -31.49
C TYR E 82 -11.67 14.47 -32.39
N SER E 83 -12.20 15.40 -33.19
CA SER E 83 -13.32 15.18 -34.16
C SER E 83 -14.51 14.48 -33.48
N ASN E 84 -14.91 14.92 -32.29
CA ASN E 84 -16.08 14.38 -31.55
C ASN E 84 -16.97 15.57 -31.17
N ASN E 85 -18.12 15.32 -30.52
CA ASN E 85 -19.07 16.38 -30.11
C ASN E 85 -19.11 16.45 -28.58
N ILE E 86 -17.97 16.18 -27.93
CA ILE E 86 -17.85 16.21 -26.44
C ILE E 86 -18.05 17.66 -26.01
N THR E 87 -18.85 17.88 -24.98
CA THR E 87 -19.21 19.23 -24.49
C THR E 87 -18.71 19.41 -23.06
N GLY E 88 -18.72 20.64 -22.57
CA GLY E 88 -18.38 20.94 -21.17
C GLY E 88 -16.91 21.34 -21.06
N PRO E 89 -16.37 21.44 -19.83
CA PRO E 89 -15.03 21.98 -19.61
C PRO E 89 -13.89 20.95 -19.71
N ILE E 90 -12.70 21.43 -20.03
CA ILE E 90 -11.45 20.62 -19.88
C ILE E 90 -11.18 20.53 -18.38
N PRO E 91 -11.10 19.33 -17.78
CA PRO E 91 -10.86 19.20 -16.34
C PRO E 91 -9.47 19.64 -15.85
N SER E 92 -9.39 20.12 -14.62
CA SER E 92 -8.11 20.56 -13.97
C SER E 92 -7.17 19.36 -13.79
N ASN E 93 -7.71 18.20 -13.43
CA ASN E 93 -6.90 17.00 -13.10
C ASN E 93 -6.08 16.54 -14.31
N LEU E 94 -6.39 17.03 -15.52
CA LEU E 94 -5.59 16.72 -16.72
C LEU E 94 -4.15 17.21 -16.54
N GLY E 95 -3.91 18.18 -15.66
CA GLY E 95 -2.55 18.63 -15.31
C GLY E 95 -1.78 17.58 -14.52
N ASN E 96 -2.50 16.66 -13.88
CA ASN E 96 -1.89 15.59 -13.04
C ASN E 96 -1.44 14.45 -13.97
N LEU E 97 -1.75 14.54 -15.26
CA LEU E 97 -1.22 13.65 -16.32
C LEU E 97 0.23 14.07 -16.60
N THR E 98 1.13 13.77 -15.69
CA THR E 98 2.53 14.27 -15.68
C THR E 98 3.25 13.88 -16.98
N ASN E 99 3.01 12.67 -17.50
CA ASN E 99 3.79 12.16 -18.66
C ASN E 99 3.09 12.43 -19.99
N LEU E 100 2.03 13.25 -20.01
CA LEU E 100 1.29 13.48 -21.27
C LEU E 100 2.19 14.22 -22.27
N VAL E 101 2.14 13.80 -23.53
CA VAL E 101 2.97 14.32 -24.65
C VAL E 101 2.06 14.97 -25.69
N SER E 102 0.84 14.45 -25.91
CA SER E 102 -0.15 15.06 -26.83
C SER E 102 -1.51 15.18 -26.16
N LEU E 103 -2.13 16.37 -26.24
CA LEU E 103 -3.54 16.60 -25.86
C LEU E 103 -4.29 17.14 -27.08
N ASP E 104 -4.96 16.29 -27.84
CA ASP E 104 -5.65 16.71 -29.08
C ASP E 104 -7.16 16.69 -28.82
N LEU E 105 -7.77 17.86 -28.57
CA LEU E 105 -9.21 17.97 -28.22
C LEU E 105 -9.94 18.76 -29.31
N TYR E 106 -9.33 18.87 -30.50
CA TYR E 106 -9.81 19.76 -31.58
C TYR E 106 -11.09 19.18 -32.20
N LEU E 107 -11.83 20.03 -32.93
CA LEU E 107 -13.11 19.70 -33.61
C LEU E 107 -14.08 19.09 -32.60
N ASN E 108 -14.15 19.71 -31.43
CA ASN E 108 -15.09 19.33 -30.34
C ASN E 108 -15.84 20.58 -29.91
N SER E 109 -16.82 20.46 -29.03
CA SER E 109 -17.64 21.61 -28.59
C SER E 109 -17.38 21.89 -27.12
N PHE E 110 -16.16 21.67 -26.65
CA PHE E 110 -15.78 21.97 -25.25
C PHE E 110 -15.95 23.47 -25.03
N SER E 111 -16.29 23.84 -23.79
CA SER E 111 -16.55 25.25 -23.41
C SER E 111 -15.76 25.57 -22.14
N GLY E 112 -15.81 26.82 -21.70
CA GLY E 112 -15.20 27.22 -20.42
C GLY E 112 -13.73 27.55 -20.60
N PRO E 113 -12.97 27.65 -19.48
CA PRO E 113 -11.58 28.09 -19.51
C PRO E 113 -10.58 27.00 -19.90
N ILE E 114 -9.41 27.41 -20.39
CA ILE E 114 -8.25 26.49 -20.52
C ILE E 114 -7.63 26.41 -19.14
N PRO E 115 -7.65 25.22 -18.49
CA PRO E 115 -7.17 25.10 -17.12
C PRO E 115 -5.72 25.59 -16.98
N GLU E 116 -5.43 26.27 -15.88
CA GLU E 116 -4.05 26.73 -15.59
C GLU E 116 -3.19 25.50 -15.31
N SER E 117 -3.80 24.41 -14.86
CA SER E 117 -3.10 23.13 -14.49
C SER E 117 -2.34 22.58 -15.69
N LEU E 118 -2.79 22.88 -16.91
CA LEU E 118 -2.17 22.35 -18.14
C LEU E 118 -0.70 22.79 -18.23
N GLY E 119 -0.34 23.88 -17.54
CA GLY E 119 1.05 24.36 -17.45
C GLY E 119 1.93 23.38 -16.68
N LYS E 120 1.34 22.48 -15.90
CA LYS E 120 2.08 21.49 -15.08
C LYS E 120 2.48 20.29 -15.93
N LEU E 121 2.07 20.24 -17.20
CA LEU E 121 2.44 19.16 -18.14
C LEU E 121 3.87 19.40 -18.61
N SER E 122 4.87 19.02 -17.81
CA SER E 122 6.29 19.36 -18.02
C SER E 122 6.81 18.77 -19.34
N LYS E 123 6.29 17.62 -19.78
CA LYS E 123 6.81 16.92 -20.98
C LYS E 123 5.84 17.05 -22.18
N LEU E 124 4.84 17.92 -22.13
CA LEU E 124 3.83 18.03 -23.22
C LEU E 124 4.50 18.59 -24.47
N ARG E 125 4.24 17.97 -25.62
CA ARG E 125 4.82 18.42 -26.92
C ARG E 125 3.72 19.00 -27.81
N PHE E 126 2.51 18.45 -27.79
CA PHE E 126 1.43 18.90 -28.71
C PHE E 126 0.17 19.26 -27.92
N LEU E 127 -0.33 20.48 -28.09
CA LEU E 127 -1.65 20.90 -27.55
C LEU E 127 -2.50 21.42 -28.70
N ARG E 128 -3.47 20.64 -29.18
CA ARG E 128 -4.39 21.08 -30.26
C ARG E 128 -5.83 21.16 -29.73
N LEU E 129 -6.29 22.37 -29.39
CA LEU E 129 -7.62 22.62 -28.79
C LEU E 129 -8.49 23.41 -29.77
N ASN E 130 -8.15 23.36 -31.06
CA ASN E 130 -8.75 24.25 -32.07
C ASN E 130 -10.17 23.82 -32.37
N ASN E 131 -10.93 24.68 -33.04
CA ASN E 131 -12.33 24.42 -33.46
C ASN E 131 -13.12 23.97 -32.24
N ASN E 132 -13.07 24.80 -31.19
CA ASN E 132 -13.82 24.59 -29.93
C ASN E 132 -14.50 25.90 -29.56
N SER E 133 -15.33 25.92 -28.52
CA SER E 133 -15.98 27.15 -28.02
C SER E 133 -15.36 27.54 -26.68
N LEU E 134 -14.11 27.17 -26.44
CA LEU E 134 -13.41 27.49 -25.17
C LEU E 134 -13.29 29.01 -25.09
N THR E 135 -13.46 29.59 -23.90
CA THR E 135 -13.51 31.06 -23.72
C THR E 135 -12.53 31.46 -22.61
N GLY E 136 -12.14 32.74 -22.59
CA GLY E 136 -11.30 33.29 -21.52
C GLY E 136 -9.88 33.53 -21.98
N SER E 137 -8.94 33.70 -21.05
CA SER E 137 -7.54 34.05 -21.35
C SER E 137 -6.70 32.78 -21.53
N ILE E 138 -5.61 32.90 -22.28
CA ILE E 138 -4.61 31.81 -22.45
C ILE E 138 -3.73 31.84 -21.20
N PRO E 139 -3.68 30.77 -20.41
CA PRO E 139 -2.89 30.76 -19.18
C PRO E 139 -1.42 31.07 -19.52
N MET E 140 -0.74 31.83 -18.66
CA MET E 140 0.70 32.16 -18.86
C MET E 140 1.52 30.97 -18.40
N SER E 141 0.90 30.04 -17.69
CA SER E 141 1.56 28.80 -17.21
C SER E 141 2.02 27.97 -18.40
N LEU E 142 1.29 28.02 -19.52
CA LEU E 142 1.57 27.21 -20.73
C LEU E 142 2.98 27.50 -21.25
N THR E 143 3.42 28.76 -21.16
CA THR E 143 4.77 29.17 -21.63
C THR E 143 5.85 28.39 -20.89
N ASN E 144 5.63 28.05 -19.62
CA ASN E 144 6.65 27.39 -18.76
C ASN E 144 6.80 25.90 -19.14
N ILE E 145 5.97 25.40 -20.06
CA ILE E 145 6.15 24.04 -20.65
C ILE E 145 7.28 24.16 -21.69
N THR E 146 8.48 23.77 -21.30
CA THR E 146 9.71 23.89 -22.12
C THR E 146 9.56 23.03 -23.37
N THR E 147 8.95 21.85 -23.21
CA THR E 147 8.83 20.83 -24.28
C THR E 147 7.79 21.25 -25.32
N LEU E 148 6.97 22.27 -25.06
CA LEU E 148 5.86 22.57 -25.98
C LEU E 148 6.46 22.86 -27.35
N GLN E 149 6.03 22.13 -28.38
CA GLN E 149 6.51 22.35 -29.76
C GLN E 149 5.33 22.71 -30.67
N VAL E 150 4.13 22.27 -30.32
CA VAL E 150 2.92 22.64 -31.09
C VAL E 150 1.83 23.15 -30.14
N LEU E 151 1.23 24.28 -30.49
CA LEU E 151 0.04 24.85 -29.81
C LEU E 151 -0.93 25.40 -30.88
N ASP E 152 -2.17 24.92 -30.92
CA ASP E 152 -3.22 25.50 -31.80
C ASP E 152 -4.46 25.77 -30.96
N LEU E 153 -4.78 27.06 -30.77
CA LEU E 153 -5.94 27.50 -29.97
C LEU E 153 -6.89 28.22 -30.91
N SER E 154 -6.86 27.87 -32.18
CA SER E 154 -7.60 28.60 -33.25
C SER E 154 -9.07 28.25 -33.21
N ASN E 155 -9.89 29.07 -33.87
CA ASN E 155 -11.36 28.86 -33.99
C ASN E 155 -11.90 28.62 -32.58
N ASN E 156 -11.59 29.55 -31.69
CA ASN E 156 -12.02 29.55 -30.27
C ASN E 156 -12.50 30.96 -29.93
N ARG E 157 -13.13 31.16 -28.77
CA ARG E 157 -13.64 32.48 -28.34
C ARG E 157 -12.87 32.93 -27.10
N LEU E 158 -11.55 32.75 -27.12
CA LEU E 158 -10.65 33.18 -26.01
C LEU E 158 -10.42 34.69 -26.10
N SER E 159 -9.87 35.27 -25.03
CA SER E 159 -9.72 36.74 -24.88
C SER E 159 -8.46 37.07 -24.07
N GLY E 160 -7.90 38.26 -24.30
CA GLY E 160 -6.86 38.86 -23.43
C GLY E 160 -5.47 38.71 -24.02
N SER E 161 -4.46 38.84 -23.16
CA SER E 161 -3.03 38.80 -23.53
C SER E 161 -2.67 37.44 -24.13
N VAL E 162 -1.99 37.46 -25.28
CA VAL E 162 -1.40 36.24 -25.90
C VAL E 162 0.06 36.19 -25.48
N PRO E 163 0.49 35.19 -24.70
CA PRO E 163 1.88 35.12 -24.24
C PRO E 163 2.84 35.00 -25.44
N ASP E 164 3.96 35.72 -25.40
CA ASP E 164 4.98 35.68 -26.47
C ASP E 164 6.31 35.24 -25.85
N ASN E 165 6.31 34.84 -24.56
CA ASN E 165 7.56 34.47 -23.85
C ASN E 165 7.64 32.94 -23.76
N GLY E 166 8.86 32.41 -23.61
CA GLY E 166 9.11 30.96 -23.45
C GLY E 166 8.75 30.18 -24.69
N SER E 167 8.01 29.06 -24.54
CA SER E 167 7.68 28.10 -25.62
C SER E 167 6.84 28.78 -26.71
N PHE E 168 6.16 29.86 -26.37
CA PHE E 168 5.32 30.65 -27.31
C PHE E 168 6.22 31.56 -28.16
N SER E 169 7.50 31.69 -27.80
CA SER E 169 8.47 32.56 -28.52
C SER E 169 8.48 32.16 -29.99
N LEU E 170 8.42 30.86 -30.25
CA LEU E 170 8.53 30.28 -31.61
C LEU E 170 7.16 30.25 -32.29
N PHE E 171 6.08 30.59 -31.60
CA PHE E 171 4.71 30.35 -32.13
C PHE E 171 4.30 31.45 -33.10
N THR E 172 3.42 31.06 -34.02
CA THR E 172 2.99 31.84 -35.20
C THR E 172 1.58 32.35 -34.98
N PRO E 173 1.12 33.35 -35.79
CA PRO E 173 -0.26 33.81 -35.74
C PRO E 173 -1.32 32.72 -35.94
N ILE E 174 -1.09 31.73 -36.81
CA ILE E 174 -2.09 30.66 -37.14
C ILE E 174 -2.47 29.90 -35.87
N SER E 175 -1.56 29.86 -34.88
CA SER E 175 -1.78 29.22 -33.55
C SER E 175 -2.88 29.95 -32.78
N PHE E 176 -3.00 31.28 -32.89
CA PHE E 176 -3.97 32.04 -32.06
C PHE E 176 -5.10 32.63 -32.92
N ALA E 177 -5.37 32.10 -34.10
CA ALA E 177 -6.30 32.67 -35.11
C ALA E 177 -7.79 32.50 -34.72
N ASN E 178 -8.66 33.33 -35.30
CA ASN E 178 -10.14 33.32 -35.15
C ASN E 178 -10.52 33.17 -33.67
N ASN E 179 -10.12 34.13 -32.86
CA ASN E 179 -10.50 34.20 -31.42
C ASN E 179 -11.25 35.52 -31.21
N LEU E 180 -12.02 35.63 -30.14
CA LEU E 180 -12.92 36.80 -29.90
C LEU E 180 -12.12 38.09 -29.77
N ASP E 181 -11.26 38.19 -28.75
CA ASP E 181 -10.51 39.44 -28.45
C ASP E 181 -9.17 39.10 -27.82
N LEU E 182 -8.29 38.47 -28.57
CA LEU E 182 -6.90 38.22 -28.14
C LEU E 182 -6.06 39.44 -28.54
N CYS E 183 -5.38 40.03 -27.57
CA CYS E 183 -4.46 41.16 -27.79
C CYS E 183 -3.03 40.64 -27.66
N GLY E 184 -2.13 41.07 -28.54
CA GLY E 184 -0.72 40.69 -28.39
C GLY E 184 0.11 41.09 -29.60
N PRO E 185 1.44 40.95 -29.48
CA PRO E 185 2.35 41.16 -30.60
C PRO E 185 2.03 40.27 -31.81
N VAL E 186 1.68 39.00 -31.56
CA VAL E 186 1.30 38.02 -32.62
C VAL E 186 0.02 38.53 -33.29
N THR E 187 -0.89 39.14 -32.53
CA THR E 187 -2.18 39.66 -33.03
C THR E 187 -1.99 41.01 -33.72
N SER E 188 -2.90 41.35 -34.64
CA SER E 188 -2.92 42.65 -35.35
C SER E 188 -3.10 43.80 -34.36
N HIS E 189 -4.03 43.67 -33.40
CA HIS E 189 -4.37 44.72 -32.40
C HIS E 189 -3.43 44.63 -31.20
N PRO E 190 -2.98 45.77 -30.62
CA PRO E 190 -2.11 45.74 -29.44
C PRO E 190 -2.92 45.53 -28.15
N CYS E 191 -2.23 45.11 -27.08
CA CYS E 191 -2.82 44.92 -25.73
C CYS E 191 -2.75 46.26 -25.01
N PRO E 192 -3.86 46.75 -24.41
CA PRO E 192 -3.85 47.86 -23.47
C PRO E 192 -4.21 47.44 -22.04
N PRO F 1 -28.99 0.06 -9.97
CA PRO F 1 -28.87 -1.39 -10.20
C PRO F 1 -28.45 -2.16 -8.93
N VAL F 2 -28.97 -3.37 -8.75
CA VAL F 2 -28.70 -4.23 -7.55
C VAL F 2 -27.95 -5.49 -7.98
N PRO F 3 -26.76 -5.79 -7.39
CA PRO F 3 -26.02 -7.01 -7.69
C PRO F 3 -26.57 -8.22 -6.91
N THR F 4 -25.99 -9.41 -7.13
CA THR F 4 -26.38 -10.71 -6.49
C THR F 4 -25.18 -11.30 -5.75
N SER F 5 -25.42 -12.26 -4.85
CA SER F 5 -24.36 -12.98 -4.11
C SER F 5 -23.85 -14.15 -4.95
N GLY F 6 -22.68 -13.98 -5.58
CA GLY F 6 -22.06 -14.98 -6.47
C GLY F 6 -20.58 -14.71 -6.67
N HYP F 7 -19.82 -15.65 -7.27
CA HYP F 7 -18.40 -15.46 -7.54
C HYP F 7 -18.05 -14.19 -8.32
O HYP F 7 -18.79 -13.82 -9.21
CB HYP F 7 -18.07 -16.69 -8.40
CG HYP F 7 -19.01 -17.74 -7.82
CD HYP F 7 -20.30 -16.98 -7.68
OD1 HYP F 7 -18.55 -18.15 -6.55
N SER F 8 -16.91 -13.57 -7.98
CA SER F 8 -16.32 -12.41 -8.69
C SER F 8 -15.95 -12.84 -10.12
N ARG F 9 -15.92 -11.88 -11.06
CA ARG F 9 -15.74 -12.15 -12.51
C ARG F 9 -14.44 -11.54 -13.05
N LYS F 10 -13.47 -11.22 -12.18
CA LYS F 10 -12.19 -10.63 -12.65
C LYS F 10 -11.46 -11.68 -13.50
N HIS F 11 -11.04 -11.30 -14.71
CA HIS F 11 -10.38 -12.22 -15.67
C HIS F 11 -9.30 -11.46 -16.44
N ASN F 12 -8.31 -12.21 -16.95
CA ASN F 12 -7.22 -11.66 -17.79
C ASN F 12 -7.66 -11.67 -19.26
C1 NAG G . -14.79 18.29 32.08
C2 NAG G . -14.37 19.74 32.26
C3 NAG G . -15.59 20.64 32.08
C4 NAG G . -16.08 20.46 30.64
C5 NAG G . -16.42 18.98 30.40
C6 NAG G . -16.77 18.68 28.94
C7 NAG G . -12.39 19.98 33.68
C8 NAG G . -11.90 20.24 35.07
N2 NAG G . -13.72 19.97 33.55
O3 NAG G . -15.27 22.00 32.35
O4 NAG G . -17.22 21.32 30.41
O5 NAG G . -15.30 18.17 30.74
O6 NAG G . -15.62 18.88 28.09
O7 NAG G . -11.62 19.81 32.75
C1 NAG G . -18.33 22.03 30.21
C2 NAG G . -19.79 22.10 29.79
C3 NAG G . -19.92 22.81 28.44
C4 NAG G . -19.26 24.19 28.54
C5 NAG G . -17.81 23.99 28.96
C6 NAG G . -17.02 25.30 29.04
C7 NAG G . -20.79 20.11 30.81
C8 NAG G . -21.39 18.75 30.57
N2 NAG G . -20.39 20.77 29.72
O3 NAG G . -21.29 22.96 28.06
O4 NAG G . -19.38 24.88 27.29
O5 NAG G . -17.75 23.34 30.24
O6 NAG G . -15.62 24.98 29.12
O7 NAG G . -20.68 20.57 31.94
C1 NAG H . 37.57 -5.19 9.35
C2 NAG H . 38.55 -5.18 10.53
C3 NAG H . 39.58 -4.07 10.36
C4 NAG H . 40.32 -4.24 9.05
C5 NAG H . 39.32 -4.35 7.90
C6 NAG H . 40.02 -4.75 6.60
C7 NAG H . 37.46 -5.98 12.58
C8 NAG H . 36.78 -5.56 13.84
N2 NAG H . 37.86 -4.98 11.79
O3 NAG H . 40.49 -4.08 11.45
O4 NAG H . 41.18 -3.10 8.89
O5 NAG H . 38.35 -5.36 8.17
O6 NAG H . 40.22 -6.17 6.56
O7 NAG H . 37.62 -7.16 12.29
C1 NAG H . 42.36 -2.47 8.92
C2 NAG H . 43.19 -1.81 7.82
C3 NAG H . 44.67 -2.20 7.90
C4 NAG H . 45.20 -1.91 9.31
C5 NAG H . 44.33 -2.66 10.32
C6 NAG H . 44.80 -2.45 11.75
C7 NAG H . 41.61 -1.65 5.94
C8 NAG H . 41.32 -2.11 4.54
N2 NAG H . 42.72 -2.17 6.48
O3 NAG H . 45.42 -1.45 6.93
O4 NAG H . 46.59 -2.25 9.39
O5 NAG H . 42.98 -2.21 10.19
O6 NAG H . 43.94 -3.19 12.64
O7 NAG H . 40.89 -0.88 6.53
C1 BMA H . 47.81 -2.29 8.82
C2 BMA H . 49.18 -2.26 9.51
C3 BMA H . 49.78 -0.87 9.43
C4 BMA H . 49.88 -0.44 7.97
C5 BMA H . 48.51 -0.54 7.29
C6 BMA H . 48.60 -0.23 5.80
O2 BMA H . 50.06 -3.22 8.90
O3 BMA H . 51.08 -0.87 10.05
O4 BMA H . 50.36 0.91 7.90
O5 BMA H . 47.95 -1.85 7.46
O6 BMA H . 47.31 -0.28 5.19
C1 NAG I . -11.49 4.99 21.56
C2 NAG I . -10.79 4.07 20.56
C3 NAG I . -10.53 4.88 19.29
C4 NAG I . -11.89 5.32 18.74
C5 NAG I . -12.61 6.16 19.79
C6 NAG I . -14.01 6.57 19.32
C7 NAG I . -9.40 2.24 21.47
C8 NAG I . -8.06 1.89 22.06
N2 NAG I . -9.54 3.53 21.11
O3 NAG I . -9.82 4.08 18.33
O4 NAG I . -11.75 6.06 17.52
O5 NAG I . -12.72 5.41 20.99
O6 NAG I . -14.69 7.29 20.37
O7 NAG I . -10.29 1.40 21.37
C1 NAG I . -11.77 6.55 16.27
C2 NAG I . -12.50 6.88 14.96
C3 NAG I . -12.70 5.62 14.14
C4 NAG I . -11.37 4.89 13.96
C5 NAG I . -10.72 4.62 15.31
C6 NAG I . -9.40 3.85 15.20
C7 NAG I . -13.98 8.70 15.67
C8 NAG I . -15.41 9.13 15.87
N2 NAG I . -13.82 7.46 15.21
O3 NAG I . -13.26 5.94 12.87
O4 NAG I . -11.61 3.67 13.26
O5 NAG I . -10.54 5.87 16.00
O6 NAG I . -8.27 4.69 15.49
O7 NAG I . -13.05 9.43 15.93
C1 NAG J . -2.73 -7.09 34.31
C2 NAG J . -3.69 -6.75 33.16
C3 NAG J . -3.82 -7.89 32.16
C4 NAG J . -2.43 -8.17 31.59
C5 NAG J . -1.49 -8.51 32.75
C6 NAG J . -0.06 -8.69 32.22
C7 NAG J . -5.55 -5.19 33.58
C8 NAG J . -6.97 -5.08 34.05
N2 NAG J . -5.04 -6.43 33.61
O3 NAG J . -4.72 -7.54 31.11
O4 NAG J . -2.49 -9.22 30.62
O5 NAG J . -1.48 -7.45 33.72
O6 NAG J . 0.37 -10.04 32.40
O7 NAG J . -4.93 -4.22 33.19
C1 NAG J . -2.47 -10.42 30.06
C2 NAG J . -1.94 -11.69 29.42
C3 NAG J . -2.18 -11.63 27.91
C4 NAG J . -3.65 -11.38 27.60
C5 NAG J . -4.09 -10.09 28.30
C6 NAG J . -5.57 -9.75 28.10
C7 NAG J . -0.07 -12.63 30.74
C8 NAG J . 1.42 -12.76 30.85
N2 NAG J . -0.53 -11.90 29.71
O3 NAG J . -1.76 -12.85 27.28
O4 NAG J . -3.86 -11.37 26.17
O5 NAG J . -3.84 -10.20 29.70
O6 NAG J . -5.96 -9.89 26.72
O7 NAG J . -0.80 -13.20 31.54
C1 NAG K . 34.66 40.58 15.00
C2 NAG K . 34.64 41.76 15.96
C3 NAG K . 35.66 41.57 17.07
C4 NAG K . 35.54 40.19 17.71
C5 NAG K . 35.63 39.11 16.62
C6 NAG K . 35.52 37.70 17.16
C7 NAG K . 34.13 43.60 14.41
C8 NAG K . 34.67 44.87 13.80
N2 NAG K . 34.95 43.00 15.27
O3 NAG K . 35.47 42.60 18.04
O4 NAG K . 36.57 40.00 18.71
O5 NAG K . 34.58 39.32 15.68
O6 NAG K . 36.60 37.42 18.06
O7 NAG K . 33.03 43.17 14.14
C1 NAG K . 37.30 40.34 19.79
C2 NAG K . 36.11 40.59 20.71
C3 NAG K . 36.53 40.35 22.16
C4 NAG K . 37.31 39.04 22.30
C5 NAG K . 38.47 38.93 21.31
C6 NAG K . 39.25 37.61 21.41
C7 NAG K . 34.42 42.38 20.94
C8 NAG K . 34.16 43.85 20.75
N2 NAG K . 35.63 41.96 20.54
O3 NAG K . 35.38 40.33 23.00
O4 NAG K . 37.83 38.95 23.64
O5 NAG K . 37.94 39.07 19.98
O6 NAG K . 40.56 37.75 20.85
O7 NAG K . 33.59 41.64 21.42
C1 NAG L . 8.95 -10.58 -24.91
C2 NAG L . 9.96 -10.56 -23.77
C3 NAG L . 10.97 -9.43 -23.99
C4 NAG L . 11.59 -9.51 -25.38
C5 NAG L . 10.53 -9.66 -26.47
C6 NAG L . 11.22 -10.06 -27.78
C7 NAG L . 8.93 -11.40 -21.71
C8 NAG L . 8.13 -11.03 -20.49
N2 NAG L . 9.25 -10.39 -22.51
O3 NAG L . 12.03 -9.56 -23.05
O4 NAG L . 12.31 -8.27 -25.58
O5 NAG L . 9.62 -10.71 -26.16
O6 NAG L . 11.42 -11.48 -27.80
O7 NAG L . 9.25 -12.56 -21.92
C1 NAG L . 13.61 -7.93 -25.56
C2 NAG L . 14.54 -7.33 -26.63
C3 NAG L . 15.98 -7.81 -26.45
C4 NAG L . 16.43 -7.56 -25.02
C5 NAG L . 15.49 -8.34 -24.10
C6 NAG L . 15.90 -8.35 -22.62
C7 NAG L . 13.01 -7.24 -28.58
C8 NAG L . 12.81 -7.70 -30.00
N2 NAG L . 14.14 -7.68 -28.00
O3 NAG L . 16.84 -7.14 -27.40
O4 NAG L . 17.83 -7.89 -24.83
O5 NAG L . 14.18 -7.77 -24.25
O6 NAG L . 15.87 -7.05 -22.05
O7 NAG L . 12.19 -6.54 -28.02
C1 BMA L . 19.10 -7.81 -25.22
C2 BMA L . 20.39 -8.05 -24.44
C3 BMA L . 21.19 -6.75 -24.30
C4 BMA L . 21.40 -6.10 -25.67
C5 BMA L . 20.06 -5.93 -26.40
C6 BMA L . 20.27 -5.37 -27.81
O2 BMA L . 21.20 -9.03 -25.12
O3 BMA L . 22.45 -7.04 -23.67
O4 BMA L . 22.04 -4.83 -25.51
O5 BMA L . 19.37 -7.17 -26.48
O6 BMA L . 19.02 -5.17 -28.47
C1 NAG M . -43.35 12.78 -1.91
C2 NAG M . -42.92 14.22 -1.64
C3 NAG M . -44.10 15.15 -1.84
C4 NAG M . -44.61 14.98 -3.27
C5 NAG M . -44.97 13.53 -3.52
C6 NAG M . -45.37 13.21 -4.98
C7 NAG M . -41.11 14.08 -0.03
C8 NAG M . -40.71 14.30 1.41
N2 NAG M . -42.38 14.37 -0.32
O3 NAG M . -43.73 16.51 -1.59
O4 NAG M . -45.74 15.83 -3.48
O5 NAG M . -43.84 12.71 -3.25
O6 NAG M . -44.24 13.32 -5.84
O7 NAG M . -40.32 13.68 -0.87
C1 NAG M . -46.78 16.55 -3.88
C2 NAG M . -48.19 16.89 -4.37
C3 NAG M . -48.13 17.67 -5.67
C4 NAG M . -47.20 18.87 -5.51
C5 NAG M . -45.82 18.39 -5.05
C6 NAG M . -44.78 19.50 -4.93
C7 NAG M . -49.43 14.95 -3.51
C8 NAG M . -50.26 13.75 -3.87
N2 NAG M . -48.99 15.68 -4.55
O3 NAG M . -49.44 18.09 -6.06
O4 NAG M . -47.14 19.60 -6.74
O5 NAG M . -45.97 17.72 -3.79
O6 NAG M . -43.47 18.95 -4.70
O7 NAG M . -49.18 15.23 -2.35
C1 NAG N . -31.41 -12.52 0.19
C2 NAG N . -32.31 -12.11 -0.99
C3 NAG N . -32.49 -13.23 -2.00
C4 NAG N . -31.12 -13.69 -2.47
C5 NAG N . -30.29 -14.12 -1.26
C6 NAG N . -28.89 -14.55 -1.72
C7 NAG N . -34.20 -10.54 -0.81
C8 NAG N . -35.55 -10.31 -0.20
N2 NAG N . -33.63 -11.70 -0.52
O3 NAG N . -33.26 -12.81 -3.12
O4 NAG N . -31.26 -14.72 -3.46
O5 NAG N . -30.18 -13.02 -0.35
O6 NAG N . -27.89 -13.75 -1.08
O7 NAG N . -33.69 -9.69 -1.52
C1 NAG N . -31.44 -15.71 -4.31
C2 NAG N . -30.80 -17.00 -4.82
C3 NAG N . -30.87 -17.06 -6.35
C4 NAG N . -32.32 -16.91 -6.80
C5 NAG N . -32.90 -15.61 -6.23
C6 NAG N . -34.39 -15.45 -6.57
C7 NAG N . -28.97 -17.98 -3.52
C8 NAG N . -27.51 -17.90 -3.18
N2 NAG N . -29.41 -17.08 -4.40
O3 NAG N . -30.34 -18.29 -6.81
O4 NAG N . -32.37 -16.97 -8.23
O5 NAG N . -32.78 -15.61 -4.81
O6 NAG N . -34.61 -15.43 -7.97
O7 NAG N . -29.70 -18.81 -3.00
C1 NAG O . 13.59 6.93 -35.76
C2 NAG O . 13.76 7.69 -34.45
C3 NAG O . 15.24 7.75 -34.06
C4 NAG O . 15.82 6.35 -33.98
C5 NAG O . 15.54 5.62 -35.31
C6 NAG O . 15.96 4.15 -35.26
C7 NAG O . 11.96 9.36 -34.32
C8 NAG O . 11.60 10.81 -34.47
N2 NAG O . 13.24 9.05 -34.56
O3 NAG O . 15.38 8.43 -32.80
O4 NAG O . 17.23 6.44 -33.68
O5 NAG O . 14.14 5.64 -35.61
O6 NAG O . 17.39 4.04 -35.26
O7 NAG O . 11.13 8.52 -34.02
C1 NAG O . 18.24 6.20 -32.81
C2 NAG O . 18.50 5.41 -31.53
C3 NAG O . 18.41 6.33 -30.31
C4 NAG O . 19.44 7.44 -30.46
C5 NAG O . 19.19 8.18 -31.77
C6 NAG O . 20.25 9.25 -32.02
C7 NAG O . 17.96 3.06 -31.87
C8 NAG O . 17.95 1.58 -32.20
N2 NAG O . 17.59 4.27 -31.42
O3 NAG O . 18.66 5.60 -29.11
O4 NAG O . 19.36 8.35 -29.35
O5 NAG O . 19.21 7.25 -32.86
O6 NAG O . 20.35 10.13 -30.89
O7 NAG O . 16.85 2.77 -31.43
C1 NAG P . -30.80 9.93 2.42
C2 NAG P . -30.96 11.23 1.61
C3 NAG P . -30.10 12.32 2.26
C4 NAG P . -30.50 12.49 3.73
C5 NAG P . -30.38 11.16 4.47
C6 NAG P . -30.86 11.27 5.91
C7 NAG P . -31.45 10.68 -0.74
C8 NAG P . -30.85 10.50 -2.11
N2 NAG P . -30.58 11.03 0.22
O3 NAG P . -30.23 13.55 1.53
O4 NAG P . -29.73 13.51 4.39
O5 NAG P . -31.15 10.19 3.78
O6 NAG P . -31.33 10.00 6.38
O7 NAG P . -32.64 10.51 -0.52
C1 NAG P . -29.67 14.82 4.60
C2 NAG P . -28.75 15.87 5.22
C3 NAG P . -29.50 17.17 5.55
C4 NAG P . -30.39 17.61 4.39
C5 NAG P . -31.32 16.45 3.99
C6 NAG P . -32.32 16.84 2.91
C7 NAG P . -27.23 14.35 6.42
C8 NAG P . -26.73 13.91 7.77
N2 NAG P . -28.14 15.32 6.43
O3 NAG P . -28.56 18.20 5.84
O4 NAG P . -31.16 18.77 4.76
O5 NAG P . -30.48 15.37 3.56
O6 NAG P . -31.63 17.30 1.73
O7 NAG P . -26.83 13.84 5.40
C1 NAG Q . -39.63 -0.40 -12.67
C2 NAG Q . -39.29 -1.47 -13.71
C3 NAG Q . -39.02 -0.79 -15.06
C4 NAG Q . -40.25 0.03 -15.45
C5 NAG Q . -40.58 1.03 -14.34
C6 NAG Q . -41.82 1.87 -14.64
C7 NAG Q . -38.21 -3.55 -12.93
C8 NAG Q . -36.90 -4.22 -12.66
N2 NAG Q . -38.13 -2.28 -13.34
O3 NAG Q . -38.73 -1.76 -16.07
O4 NAG Q . -40.00 0.68 -16.70
O5 NAG Q . -40.79 0.31 -13.11
O6 NAG Q . -42.99 1.04 -14.71
O7 NAG Q . -39.26 -4.15 -12.78
C1 NAG Q . -39.70 0.69 -18.00
C2 NAG Q . -39.87 1.78 -19.05
C3 NAG Q . -41.09 1.48 -19.93
C4 NAG Q . -41.02 0.06 -20.47
C5 NAG Q . -40.80 -0.94 -19.35
C6 NAG Q . -40.66 -2.37 -19.88
C7 NAG Q . -39.00 3.73 -17.84
C8 NAG Q . -39.35 5.03 -17.19
N2 NAG Q . -40.03 3.08 -18.40
O3 NAG Q . -41.15 2.41 -21.02
O4 NAG Q . -42.23 -0.24 -21.17
O5 NAG Q . -39.61 -0.59 -18.63
O6 NAG Q . -41.95 -2.96 -20.03
O7 NAG Q . -37.85 3.30 -17.87
C1 NAG R . 6.32 34.88 -19.00
C2 NAG R . 7.44 34.37 -18.07
C3 NAG R . 7.03 34.34 -16.59
C4 NAG R . 6.51 35.72 -16.21
C5 NAG R . 5.32 36.05 -17.13
C6 NAG R . 4.62 37.35 -16.74
C7 NAG R . 8.78 32.80 -19.43
C8 NAG R . 9.05 31.36 -19.72
N2 NAG R . 7.86 33.03 -18.49
O3 NAG R . 8.16 33.99 -15.78
O4 NAG R . 6.18 35.80 -14.82
O5 NAG R . 5.79 36.11 -18.48
O6 NAG R . 5.56 38.41 -16.60
O7 NAG R . 9.38 33.70 -20.02
C1 NAG R . 6.50 35.58 -13.53
C2 NAG R . 5.90 35.94 -12.18
C3 NAG R . 7.00 36.29 -11.17
C4 NAG R . 8.06 35.20 -11.12
C5 NAG R . 8.59 34.92 -12.52
C6 NAG R . 9.63 33.79 -12.49
C7 NAG R . 3.82 37.02 -12.91
C8 NAG R . 3.01 38.28 -12.86
N2 NAG R . 4.99 37.07 -12.27
O3 NAG R . 6.42 36.45 -9.87
O4 NAG R . 9.12 35.62 -10.24
O5 NAG R . 7.51 34.56 -13.37
O6 NAG R . 10.11 33.52 -13.80
O7 NAG R . 3.42 36.03 -13.48
C1 NAG S . 42.49 12.38 -1.53
C2 NAG S . 42.63 13.11 -0.19
C3 NAG S . 44.09 13.16 0.27
C4 NAG S . 44.60 11.73 0.38
C5 NAG S . 44.44 11.02 -0.98
C6 NAG S . 44.92 9.58 -0.88
C7 NAG S . 40.81 14.72 0.09
C8 NAG S . 40.36 16.14 -0.14
N2 NAG S . 42.06 14.44 -0.29
O3 NAG S . 44.24 13.83 1.53
O4 NAG S . 45.95 11.69 0.87
O5 NAG S . 43.05 11.07 -1.38
O6 NAG S . 44.53 8.79 -2.01
O7 NAG S . 40.07 13.88 0.58
C1 NAG T . -6.79 -7.26 55.69
C2 NAG T . -7.30 -5.96 56.32
C3 NAG T . -8.54 -6.25 57.14
C4 NAG T . -9.60 -6.89 56.24
C5 NAG T . -9.02 -8.15 55.58
C6 NAG T . -10.01 -8.85 54.62
C7 NAG T . -5.62 -4.20 56.74
C8 NAG T . -4.56 -3.70 57.68
N2 NAG T . -6.28 -5.31 57.13
O3 NAG T . -9.01 -5.02 57.72
O4 NAG T . -10.77 -7.19 57.02
O5 NAG T . -7.82 -7.82 54.86
O6 NAG T . -10.00 -8.24 53.32
O7 NAG T . -5.84 -3.63 55.68
C1 NAG U . 10.88 -5.87 4.08
C2 NAG U . 9.37 -6.15 4.22
C3 NAG U . 8.78 -5.21 5.26
C4 NAG U . 9.51 -5.40 6.59
C5 NAG U . 11.01 -5.15 6.38
C6 NAG U . 11.85 -5.33 7.64
C7 NAG U . 8.46 -6.97 2.09
C8 NAG U . 7.70 -6.59 0.84
N2 NAG U . 8.69 -5.98 2.95
O3 NAG U . 7.38 -5.47 5.45
O4 NAG U . 8.95 -4.49 7.56
O5 NAG U . 11.50 -6.05 5.36
O6 NAG U . 12.22 -6.70 7.83
O7 NAG U . 8.81 -8.13 2.29
C1 NAG V . -17.89 -11.64 -30.04
C2 NAG V . -19.35 -12.06 -29.90
C3 NAG V . -20.03 -11.26 -28.80
C4 NAG V . -19.26 -11.40 -27.49
C5 NAG V . -17.82 -10.94 -27.74
C6 NAG V . -16.95 -10.96 -26.49
C7 NAG V . -20.36 -12.84 -32.01
C8 NAG V . -21.16 -12.43 -33.21
N2 NAG V . -20.08 -11.85 -31.15
O3 NAG V . -21.39 -11.69 -28.61
O4 NAG V . -19.90 -10.68 -26.43
O5 NAG V . -17.24 -11.76 -28.77
O6 NAG V . -16.79 -12.29 -26.00
O7 NAG V . -20.03 -13.99 -31.83
C1 NAG W . -11.57 -5.01 -4.37
C2 NAG W . -11.42 -3.76 -3.51
C3 NAG W . -10.75 -2.66 -4.33
C4 NAG W . -9.50 -3.14 -5.05
C5 NAG W . -9.83 -4.37 -5.90
C6 NAG W . -8.65 -4.88 -6.74
C7 NAG W . -13.08 -3.00 -1.80
C8 NAG W . -14.46 -2.40 -1.61
N2 NAG W . -12.72 -3.25 -3.07
O3 NAG W . -10.40 -1.55 -3.49
O4 NAG W . -8.99 -2.06 -5.85
O5 NAG W . -10.35 -5.38 -5.02
O6 NAG W . -8.39 -6.28 -6.55
O7 NAG W . -12.36 -3.22 -0.83
#